data_2K1F
#
_entry.id   2K1F
#
_entity_poly.entity_id   1
_entity_poly.type   'polypeptide(L)'
_entity_poly.pdbx_seq_one_letter_code
;MSDEKKGGETEHINLKVLGQDNAVVQFKIKKHTPLRKLMNAYCDRAGLSMQVVRFRFDGQPINENDTPTSLEMEEGDTIE
VYQQQTGG
;
_entity_poly.pdbx_strand_id   A
#
# COMPACT_ATOMS: atom_id res chain seq x y z
N MET A 1 3.01 -7.01 21.50
CA MET A 1 3.44 -6.18 22.68
C MET A 1 4.00 -4.84 22.23
N SER A 2 4.92 -4.22 23.00
CA SER A 2 5.48 -2.90 22.77
C SER A 2 6.17 -2.74 21.42
N ASP A 3 7.05 -3.70 21.08
CA ASP A 3 7.85 -3.76 19.88
C ASP A 3 7.05 -4.02 18.58
N GLU A 4 5.72 -4.20 18.68
CA GLU A 4 4.86 -4.61 17.59
C GLU A 4 3.66 -3.69 17.43
N LYS A 5 2.98 -3.33 18.54
CA LYS A 5 1.79 -2.48 18.54
C LYS A 5 0.59 -3.10 17.83
N LYS A 6 0.08 -4.24 18.33
CA LYS A 6 -0.96 -4.99 17.65
C LYS A 6 -2.28 -4.95 18.41
N GLY A 7 -2.92 -3.77 18.47
CA GLY A 7 -4.22 -3.63 19.12
C GLY A 7 -4.83 -2.27 18.91
N GLY A 8 -5.49 -2.05 17.76
CA GLY A 8 -6.19 -0.81 17.48
C GLY A 8 -6.63 -0.71 16.05
N GLU A 9 -7.78 -0.01 15.83
CA GLU A 9 -8.43 0.26 14.55
C GLU A 9 -9.40 -0.85 14.13
N THR A 10 -10.68 -0.50 13.85
CA THR A 10 -11.73 -1.49 13.57
C THR A 10 -11.90 -1.77 12.08
N GLU A 11 -12.59 -0.88 11.32
CA GLU A 11 -12.94 -1.16 9.93
C GLU A 11 -11.79 -0.89 8.98
N HIS A 12 -11.02 -1.95 8.68
CA HIS A 12 -9.87 -1.85 7.83
C HIS A 12 -9.75 -3.03 6.90
N ILE A 13 -8.96 -2.83 5.83
CA ILE A 13 -8.69 -3.82 4.80
C ILE A 13 -7.20 -4.08 4.77
N ASN A 14 -6.76 -5.28 4.35
CA ASN A 14 -5.35 -5.57 4.16
C ASN A 14 -4.97 -5.53 2.68
N LEU A 15 -3.77 -5.02 2.38
CA LEU A 15 -3.22 -4.94 1.05
C LEU A 15 -2.00 -5.82 0.95
N LYS A 16 -1.85 -6.63 -0.11
CA LYS A 16 -0.68 -7.47 -0.30
C LYS A 16 0.13 -6.89 -1.44
N VAL A 17 1.40 -6.53 -1.19
CA VAL A 17 2.20 -5.82 -2.18
C VAL A 17 3.30 -6.74 -2.67
N LEU A 18 3.28 -7.09 -3.97
CA LEU A 18 4.18 -8.05 -4.55
C LEU A 18 5.26 -7.39 -5.38
N GLY A 19 6.54 -7.58 -5.00
CA GLY A 19 7.66 -7.15 -5.82
C GLY A 19 7.91 -8.08 -6.97
N GLN A 20 8.33 -7.52 -8.12
CA GLN A 20 8.72 -8.22 -9.34
C GLN A 20 9.78 -9.30 -9.12
N ASP A 21 10.73 -9.00 -8.24
CA ASP A 21 11.83 -9.83 -7.81
C ASP A 21 11.38 -11.07 -6.99
N ASN A 22 11.34 -10.94 -5.65
CA ASN A 22 10.97 -11.98 -4.70
C ASN A 22 10.45 -11.39 -3.38
N ALA A 23 10.52 -10.05 -3.17
CA ALA A 23 10.05 -9.42 -1.95
C ALA A 23 8.53 -9.21 -1.92
N VAL A 24 7.85 -9.71 -0.87
CA VAL A 24 6.42 -9.56 -0.68
C VAL A 24 6.18 -8.99 0.71
N VAL A 25 5.32 -7.95 0.84
CA VAL A 25 4.95 -7.36 2.12
C VAL A 25 3.44 -7.18 2.19
N GLN A 26 2.88 -6.89 3.37
CA GLN A 26 1.45 -6.64 3.50
C GLN A 26 1.13 -5.52 4.48
N PHE A 27 0.18 -4.64 4.10
CA PHE A 27 -0.16 -3.42 4.81
C PHE A 27 -1.63 -3.42 5.21
N LYS A 28 -2.04 -2.42 6.02
CA LYS A 28 -3.37 -2.31 6.61
C LYS A 28 -3.85 -0.87 6.49
N ILE A 29 -5.09 -0.63 6.04
CA ILE A 29 -5.63 0.73 5.94
C ILE A 29 -7.14 0.73 6.11
N LYS A 30 -7.76 1.86 6.53
CA LYS A 30 -9.20 2.01 6.56
C LYS A 30 -9.79 2.13 5.16
N LYS A 31 -11.02 1.63 4.92
CA LYS A 31 -11.61 1.66 3.58
C LYS A 31 -11.98 3.07 3.07
N HIS A 32 -12.15 4.01 4.01
CA HIS A 32 -12.50 5.40 3.75
C HIS A 32 -11.35 6.22 3.23
N THR A 33 -10.14 6.07 3.79
CA THR A 33 -9.03 6.99 3.61
C THR A 33 -8.33 6.88 2.27
N PRO A 34 -7.84 7.97 1.65
CA PRO A 34 -7.06 7.89 0.42
C PRO A 34 -5.67 7.36 0.69
N LEU A 35 -4.97 6.88 -0.36
CA LEU A 35 -3.78 6.07 -0.17
C LEU A 35 -2.54 6.86 0.18
N ARG A 36 -2.50 8.18 -0.08
CA ARG A 36 -1.29 8.99 0.00
C ARG A 36 -0.57 8.98 1.35
N LYS A 37 -1.33 9.05 2.46
CA LYS A 37 -0.74 9.09 3.80
C LYS A 37 -0.24 7.73 4.30
N LEU A 38 -0.51 6.65 3.53
CA LEU A 38 0.16 5.37 3.67
C LEU A 38 1.39 5.35 2.77
N MET A 39 1.22 5.68 1.47
CA MET A 39 2.27 5.68 0.46
C MET A 39 3.49 6.53 0.80
N ASN A 40 3.33 7.86 0.94
CA ASN A 40 4.45 8.76 1.21
C ASN A 40 5.06 8.52 2.58
N ALA A 41 4.24 8.07 3.55
CA ALA A 41 4.68 7.70 4.87
C ALA A 41 5.68 6.56 4.90
N TYR A 42 5.37 5.46 4.17
CA TYR A 42 6.30 4.37 3.95
C TYR A 42 7.49 4.78 3.08
N CYS A 43 7.32 5.64 2.05
CA CYS A 43 8.42 6.20 1.30
C CYS A 43 9.44 6.96 2.14
N ASP A 44 9.00 7.81 3.08
CA ASP A 44 9.84 8.46 4.06
C ASP A 44 10.45 7.51 5.08
N ARG A 45 9.67 6.62 5.71
CA ARG A 45 10.16 5.67 6.71
C ARG A 45 11.11 4.62 6.14
N ALA A 46 11.00 4.24 4.85
CA ALA A 46 12.02 3.50 4.14
C ALA A 46 13.18 4.40 3.70
N GLY A 47 12.88 5.55 3.07
CA GLY A 47 13.83 6.56 2.62
C GLY A 47 14.12 6.47 1.15
N LEU A 48 13.08 6.56 0.29
CA LEU A 48 13.22 6.36 -1.15
C LEU A 48 12.34 7.28 -2.00
N SER A 49 12.59 7.29 -3.33
CA SER A 49 11.82 8.05 -4.30
C SER A 49 10.82 7.20 -5.06
N MET A 50 9.57 7.70 -5.21
CA MET A 50 8.52 7.06 -5.99
C MET A 50 8.82 6.90 -7.49
N GLN A 51 9.82 7.66 -8.01
CA GLN A 51 10.26 7.60 -9.40
C GLN A 51 10.93 6.28 -9.82
N VAL A 52 11.38 5.46 -8.86
CA VAL A 52 11.93 4.14 -9.13
C VAL A 52 10.99 3.02 -8.69
N VAL A 53 10.05 3.31 -7.77
CA VAL A 53 9.12 2.34 -7.22
C VAL A 53 7.83 2.34 -8.03
N ARG A 54 7.80 1.57 -9.13
CA ARG A 54 6.73 1.63 -10.10
C ARG A 54 5.62 0.64 -9.82
N PHE A 55 4.47 1.12 -9.31
CA PHE A 55 3.35 0.28 -8.92
C PHE A 55 2.27 0.21 -10.01
N ARG A 56 1.60 -0.96 -10.13
CA ARG A 56 0.44 -1.12 -10.99
C ARG A 56 -0.59 -2.04 -10.34
N PHE A 57 -1.89 -1.71 -10.52
CA PHE A 57 -3.04 -2.45 -10.02
C PHE A 57 -3.80 -2.93 -11.26
N ASP A 58 -4.19 -4.22 -11.34
CA ASP A 58 -4.88 -4.80 -12.50
C ASP A 58 -4.08 -4.66 -13.81
N GLY A 59 -2.73 -4.59 -13.69
CA GLY A 59 -1.81 -4.26 -14.77
C GLY A 59 -1.89 -2.85 -15.29
N GLN A 60 -2.51 -1.92 -14.53
CA GLN A 60 -2.82 -0.56 -14.94
C GLN A 60 -2.33 0.43 -13.89
N PRO A 61 -2.15 1.73 -14.14
CA PRO A 61 -1.77 2.68 -13.10
C PRO A 61 -2.94 3.05 -12.19
N ILE A 62 -2.64 3.57 -10.99
CA ILE A 62 -3.63 3.94 -9.98
C ILE A 62 -3.15 5.25 -9.35
N ASN A 63 -4.01 5.99 -8.64
CA ASN A 63 -3.67 7.29 -8.10
C ASN A 63 -4.00 7.33 -6.61
N GLU A 64 -3.71 8.47 -5.95
CA GLU A 64 -3.99 8.66 -4.55
C GLU A 64 -5.45 9.00 -4.23
N ASN A 65 -6.22 9.50 -5.22
CA ASN A 65 -7.53 10.06 -5.02
C ASN A 65 -8.61 8.99 -4.85
N ASP A 66 -8.45 7.86 -5.55
CA ASP A 66 -9.37 6.74 -5.58
C ASP A 66 -9.39 5.99 -4.25
N THR A 67 -10.41 6.21 -3.41
CA THR A 67 -10.51 5.49 -2.14
C THR A 67 -10.99 4.07 -2.35
N PRO A 68 -10.62 3.06 -1.56
CA PRO A 68 -10.99 1.69 -1.90
C PRO A 68 -12.47 1.42 -1.65
N THR A 69 -13.18 2.34 -0.98
CA THR A 69 -14.65 2.33 -0.87
C THR A 69 -15.35 2.90 -2.10
N SER A 70 -14.61 3.48 -3.06
CA SER A 70 -15.09 3.78 -4.40
C SER A 70 -14.93 2.57 -5.31
N LEU A 71 -13.94 1.73 -5.00
CA LEU A 71 -13.59 0.56 -5.79
C LEU A 71 -14.44 -0.67 -5.43
N GLU A 72 -14.55 -0.96 -4.11
CA GLU A 72 -15.30 -2.05 -3.52
C GLU A 72 -15.00 -3.46 -4.02
N MET A 73 -13.80 -3.96 -3.71
CA MET A 73 -13.47 -5.39 -3.79
C MET A 73 -13.56 -6.03 -2.41
N GLU A 74 -14.08 -5.28 -1.40
CA GLU A 74 -13.94 -5.53 0.03
C GLU A 74 -12.48 -5.43 0.44
N GLU A 75 -11.74 -6.56 0.60
CA GLU A 75 -10.32 -6.48 0.87
C GLU A 75 -9.50 -7.46 0.06
N GLY A 76 -8.15 -7.37 0.19
CA GLY A 76 -7.21 -8.24 -0.49
C GLY A 76 -6.72 -7.63 -1.78
N ASP A 77 -5.86 -6.61 -1.68
CA ASP A 77 -5.18 -6.06 -2.84
C ASP A 77 -4.00 -6.98 -3.22
N THR A 78 -3.64 -7.01 -4.51
CA THR A 78 -2.54 -7.78 -5.08
C THR A 78 -1.73 -6.91 -6.03
N ILE A 79 -1.62 -5.62 -5.72
CA ILE A 79 -0.81 -4.62 -6.40
C ILE A 79 0.68 -4.99 -6.55
N GLU A 80 1.23 -4.82 -7.77
CA GLU A 80 2.61 -5.17 -8.06
C GLU A 80 3.54 -3.98 -7.91
N VAL A 81 4.83 -4.24 -7.66
CA VAL A 81 5.90 -3.25 -7.74
C VAL A 81 6.94 -3.71 -8.75
N TYR A 82 7.03 -3.02 -9.90
CA TYR A 82 8.05 -3.24 -10.90
C TYR A 82 9.27 -2.38 -10.58
N GLN A 83 10.10 -2.86 -9.63
CA GLN A 83 11.27 -2.19 -9.11
C GLN A 83 12.33 -1.82 -10.15
N GLN A 84 13.26 -0.91 -9.83
CA GLN A 84 14.40 -0.59 -10.68
C GLN A 84 15.39 -1.74 -10.81
N GLN A 85 15.90 -2.24 -9.67
CA GLN A 85 16.91 -3.26 -9.54
C GLN A 85 16.99 -3.53 -8.03
N THR A 86 18.17 -3.80 -7.43
CA THR A 86 18.26 -4.08 -5.99
C THR A 86 17.99 -2.86 -5.11
N GLY A 87 16.95 -2.92 -4.25
CA GLY A 87 16.67 -1.86 -3.28
C GLY A 87 15.31 -1.99 -2.65
N GLY A 88 15.23 -2.42 -1.39
CA GLY A 88 13.95 -2.53 -0.70
C GLY A 88 14.13 -3.02 0.74
N MET A 1 -0.92 -8.41 24.94
CA MET A 1 -0.40 -9.20 26.08
C MET A 1 -0.67 -8.45 27.39
N SER A 2 0.27 -7.63 27.88
CA SER A 2 0.10 -6.77 29.05
C SER A 2 0.11 -5.33 28.56
N ASP A 3 -0.78 -5.03 27.60
CA ASP A 3 -0.62 -3.91 26.71
C ASP A 3 -1.75 -2.91 26.83
N GLU A 4 -3.00 -3.41 26.84
CA GLU A 4 -4.24 -2.62 26.88
C GLU A 4 -4.56 -1.87 25.58
N LYS A 5 -3.54 -1.30 24.91
CA LYS A 5 -3.51 -0.49 23.71
C LYS A 5 -4.34 -0.87 22.47
N LYS A 6 -4.81 -2.13 22.36
CA LYS A 6 -5.52 -2.61 21.17
C LYS A 6 -7.04 -2.48 21.32
N GLY A 7 -7.70 -1.85 20.33
CA GLY A 7 -9.15 -1.70 20.37
C GLY A 7 -9.63 -0.61 19.46
N GLY A 8 -10.82 -0.78 18.87
CA GLY A 8 -11.48 0.25 18.06
C GLY A 8 -11.73 -0.25 16.66
N GLU A 9 -10.77 -0.02 15.77
CA GLU A 9 -10.75 -0.43 14.37
C GLU A 9 -11.79 0.22 13.46
N THR A 10 -12.89 -0.49 13.15
CA THR A 10 -13.89 -0.20 12.10
C THR A 10 -13.41 -0.65 10.73
N GLU A 11 -13.60 0.16 9.67
CA GLU A 11 -13.35 -0.27 8.30
C GLU A 11 -11.88 -0.34 7.90
N HIS A 12 -11.19 -1.46 8.17
CA HIS A 12 -9.83 -1.74 7.70
C HIS A 12 -9.81 -2.70 6.51
N ILE A 13 -8.71 -2.69 5.73
CA ILE A 13 -8.47 -3.64 4.64
C ILE A 13 -7.03 -4.15 4.65
N ASN A 14 -6.72 -5.11 3.75
CA ASN A 14 -5.40 -5.69 3.55
C ASN A 14 -5.01 -5.64 2.09
N LEU A 15 -3.93 -4.91 1.77
CA LEU A 15 -3.40 -4.82 0.43
C LEU A 15 -2.30 -5.86 0.22
N LYS A 16 -2.24 -6.45 -0.98
CA LYS A 16 -1.25 -7.44 -1.38
C LYS A 16 -0.18 -6.77 -2.24
N VAL A 17 1.02 -6.59 -1.67
CA VAL A 17 2.12 -5.89 -2.33
C VAL A 17 3.07 -6.91 -2.95
N LEU A 18 2.94 -7.12 -4.27
CA LEU A 18 3.64 -8.17 -5.00
C LEU A 18 4.94 -7.65 -5.61
N GLY A 19 6.10 -7.95 -5.00
CA GLY A 19 7.39 -7.50 -5.51
C GLY A 19 7.97 -8.37 -6.60
N GLN A 20 8.51 -7.76 -7.68
CA GLN A 20 9.22 -8.53 -8.71
C GLN A 20 10.51 -9.15 -8.19
N ASP A 21 11.17 -8.46 -7.23
CA ASP A 21 12.35 -8.92 -6.51
C ASP A 21 11.98 -9.89 -5.37
N ASN A 22 11.15 -10.91 -5.70
CA ASN A 22 10.70 -12.01 -4.87
C ASN A 22 9.78 -11.69 -3.69
N ALA A 23 10.12 -10.73 -2.82
CA ALA A 23 9.41 -10.50 -1.58
C ALA A 23 8.00 -9.92 -1.71
N VAL A 24 6.97 -10.68 -1.25
CA VAL A 24 5.60 -10.22 -1.17
C VAL A 24 5.30 -9.69 0.24
N VAL A 25 4.74 -8.46 0.34
CA VAL A 25 4.49 -7.77 1.60
C VAL A 25 2.98 -7.48 1.71
N GLN A 26 2.44 -7.24 2.92
CA GLN A 26 1.05 -6.83 3.10
C GLN A 26 0.96 -5.55 3.90
N PHE A 27 0.03 -4.63 3.54
CA PHE A 27 -0.20 -3.40 4.26
C PHE A 27 -1.65 -3.31 4.72
N LYS A 28 -1.92 -2.67 5.88
CA LYS A 28 -3.27 -2.40 6.36
C LYS A 28 -3.53 -0.89 6.37
N ILE A 29 -4.74 -0.46 5.95
CA ILE A 29 -5.15 0.95 5.96
C ILE A 29 -6.64 0.97 6.30
N LYS A 30 -7.32 2.14 6.36
CA LYS A 30 -8.77 2.21 6.46
C LYS A 30 -9.39 2.45 5.08
N LYS A 31 -10.70 2.14 4.92
CA LYS A 31 -11.39 2.26 3.64
C LYS A 31 -11.74 3.67 3.21
N HIS A 32 -12.26 4.51 4.12
CA HIS A 32 -12.60 5.90 3.83
C HIS A 32 -11.40 6.85 3.84
N THR A 33 -10.19 6.36 4.18
CA THR A 33 -8.95 7.13 4.15
C THR A 33 -8.30 7.07 2.77
N PRO A 34 -7.89 8.16 2.13
CA PRO A 34 -7.23 8.09 0.82
C PRO A 34 -5.80 7.56 0.94
N LEU A 35 -5.24 7.01 -0.16
CA LEU A 35 -4.05 6.17 -0.11
C LEU A 35 -2.76 6.96 0.04
N ARG A 36 -2.73 8.23 -0.45
CA ARG A 36 -1.57 9.10 -0.48
C ARG A 36 -0.83 9.25 0.84
N LYS A 37 -1.57 9.30 1.96
CA LYS A 37 -1.06 9.38 3.32
C LYS A 37 -0.16 8.21 3.70
N LEU A 38 -0.58 6.97 3.38
CA LEU A 38 0.15 5.74 3.62
C LEU A 38 1.36 5.62 2.71
N MET A 39 1.15 5.83 1.40
CA MET A 39 2.18 5.81 0.35
C MET A 39 3.36 6.70 0.68
N ASN A 40 3.10 8.00 1.00
CA ASN A 40 4.13 8.93 1.39
C ASN A 40 4.78 8.53 2.71
N ALA A 41 4.01 8.24 3.78
CA ALA A 41 4.55 7.83 5.07
C ALA A 41 5.53 6.66 5.05
N TYR A 42 5.24 5.61 4.25
CA TYR A 42 6.12 4.47 4.07
C TYR A 42 7.39 4.85 3.30
N CYS A 43 7.28 5.62 2.20
CA CYS A 43 8.44 6.16 1.49
C CYS A 43 9.29 7.08 2.35
N ASP A 44 8.66 8.01 3.12
CA ASP A 44 9.27 8.90 4.10
C ASP A 44 10.10 8.17 5.15
N ARG A 45 9.51 7.17 5.82
CA ARG A 45 10.13 6.48 6.93
C ARG A 45 11.21 5.50 6.49
N ALA A 46 11.18 5.07 5.21
CA ALA A 46 12.30 4.40 4.58
C ALA A 46 13.38 5.39 4.12
N GLY A 47 12.98 6.53 3.56
CA GLY A 47 13.84 7.55 2.98
C GLY A 47 14.15 7.26 1.53
N LEU A 48 13.19 6.67 0.81
CA LEU A 48 13.39 6.20 -0.56
C LEU A 48 12.72 7.08 -1.59
N SER A 49 13.29 7.11 -2.80
CA SER A 49 12.74 7.85 -3.93
C SER A 49 11.59 7.11 -4.58
N MET A 50 10.43 7.77 -4.78
CA MET A 50 9.30 7.21 -5.49
C MET A 50 9.65 6.84 -6.93
N GLN A 51 10.56 7.61 -7.56
CA GLN A 51 11.15 7.38 -8.86
C GLN A 51 11.63 5.96 -9.17
N VAL A 52 12.25 5.26 -8.19
CA VAL A 52 12.79 3.93 -8.41
C VAL A 52 11.81 2.81 -8.09
N VAL A 53 10.55 3.15 -7.76
CA VAL A 53 9.52 2.20 -7.38
C VAL A 53 8.25 2.42 -8.20
N ARG A 54 8.12 1.78 -9.39
CA ARG A 54 6.89 1.90 -10.17
C ARG A 54 5.91 0.78 -9.83
N PHE A 55 4.60 0.99 -10.09
CA PHE A 55 3.58 0.05 -9.67
C PHE A 55 2.41 0.01 -10.64
N ARG A 56 1.69 -1.12 -10.66
CA ARG A 56 0.41 -1.27 -11.34
C ARG A 56 -0.52 -1.93 -10.33
N PHE A 57 -1.83 -1.71 -10.48
CA PHE A 57 -2.89 -2.31 -9.69
C PHE A 57 -3.73 -3.12 -10.65
N ASP A 58 -3.92 -4.43 -10.41
CA ASP A 58 -4.68 -5.32 -11.28
C ASP A 58 -4.21 -5.35 -12.76
N GLY A 59 -2.93 -5.02 -13.02
CA GLY A 59 -2.39 -4.92 -14.38
C GLY A 59 -2.26 -3.52 -14.92
N GLN A 60 -3.01 -2.54 -14.39
CA GLN A 60 -3.07 -1.19 -14.94
C GLN A 60 -2.57 -0.14 -13.95
N PRO A 61 -2.18 1.08 -14.32
CA PRO A 61 -1.82 2.11 -13.35
C PRO A 61 -3.04 2.67 -12.63
N ILE A 62 -2.83 3.37 -11.50
CA ILE A 62 -3.88 3.78 -10.59
C ILE A 62 -3.52 5.16 -10.02
N ASN A 63 -4.51 5.97 -9.59
CA ASN A 63 -4.26 7.20 -8.87
C ASN A 63 -4.42 6.98 -7.38
N GLU A 64 -3.86 7.86 -6.54
CA GLU A 64 -3.98 7.77 -5.09
C GLU A 64 -5.37 8.15 -4.59
N ASN A 65 -6.15 8.81 -5.48
CA ASN A 65 -7.52 9.20 -5.29
C ASN A 65 -8.51 8.07 -5.61
N ASP A 66 -8.04 6.93 -6.16
CA ASP A 66 -8.85 5.74 -6.32
C ASP A 66 -8.96 4.98 -4.99
N THR A 67 -10.13 5.05 -4.31
CA THR A 67 -10.28 4.56 -2.94
C THR A 67 -10.94 3.19 -2.87
N PRO A 68 -10.68 2.35 -1.85
CA PRO A 68 -11.35 1.05 -1.72
C PRO A 68 -12.79 1.19 -1.21
N THR A 69 -13.23 2.40 -0.80
CA THR A 69 -14.62 2.64 -0.43
C THR A 69 -15.47 2.92 -1.67
N SER A 70 -14.96 3.70 -2.65
CA SER A 70 -15.66 3.92 -3.93
C SER A 70 -15.55 2.73 -4.87
N LEU A 71 -14.47 1.94 -4.77
CA LEU A 71 -14.28 0.72 -5.55
C LEU A 71 -15.22 -0.41 -5.12
N GLU A 72 -15.45 -0.54 -3.80
CA GLU A 72 -16.27 -1.56 -3.16
C GLU A 72 -15.73 -2.99 -3.22
N MET A 73 -14.42 -3.14 -3.49
CA MET A 73 -13.64 -4.33 -3.17
C MET A 73 -13.60 -4.50 -1.66
N GLU A 74 -13.73 -5.72 -1.11
CA GLU A 74 -13.76 -5.92 0.34
C GLU A 74 -12.37 -5.80 0.95
N GLU A 75 -11.50 -6.79 0.69
CA GLU A 75 -10.07 -6.68 0.86
C GLU A 75 -9.44 -7.67 -0.10
N GLY A 76 -8.12 -7.55 -0.33
CA GLY A 76 -7.35 -8.47 -1.16
C GLY A 76 -6.79 -7.77 -2.36
N ASP A 77 -6.47 -6.49 -2.19
CA ASP A 77 -6.19 -5.51 -3.21
C ASP A 77 -4.78 -5.69 -3.81
N THR A 78 -4.69 -6.03 -5.11
CA THR A 78 -3.48 -6.49 -5.79
C THR A 78 -2.65 -5.40 -6.44
N ILE A 79 -1.52 -5.03 -5.80
CA ILE A 79 -0.59 -4.04 -6.32
C ILE A 79 0.78 -4.65 -6.56
N GLU A 80 1.34 -4.52 -7.78
CA GLU A 80 2.67 -5.00 -8.09
C GLU A 80 3.72 -3.92 -7.83
N VAL A 81 4.93 -4.31 -7.40
CA VAL A 81 6.04 -3.40 -7.17
C VAL A 81 7.19 -3.73 -8.08
N TYR A 82 7.51 -2.79 -9.00
CA TYR A 82 8.58 -2.88 -9.95
C TYR A 82 9.78 -2.09 -9.43
N GLN A 83 10.78 -2.80 -8.86
CA GLN A 83 11.96 -2.15 -8.30
C GLN A 83 13.02 -1.89 -9.36
N GLN A 84 13.50 -0.64 -9.43
CA GLN A 84 14.51 -0.20 -10.37
C GLN A 84 15.92 -0.30 -9.80
N GLN A 85 16.12 0.10 -8.52
CA GLN A 85 17.41 0.08 -7.87
C GLN A 85 17.81 -1.31 -7.37
N THR A 86 18.94 -1.86 -7.87
CA THR A 86 19.44 -3.17 -7.44
C THR A 86 20.26 -3.10 -6.16
N GLY A 87 19.56 -3.11 -5.00
CA GLY A 87 20.20 -3.17 -3.70
C GLY A 87 19.22 -2.88 -2.60
N GLY A 88 19.22 -3.68 -1.52
CA GLY A 88 18.28 -3.50 -0.43
C GLY A 88 18.60 -4.42 0.75
N MET A 1 -3.17 -0.55 25.20
CA MET A 1 -3.23 -0.48 23.71
C MET A 1 -2.50 0.72 23.16
N SER A 2 -1.53 0.52 22.24
CA SER A 2 -0.71 1.57 21.64
C SER A 2 -1.48 2.38 20.60
N ASP A 3 -2.40 3.23 21.08
CA ASP A 3 -3.35 4.00 20.32
C ASP A 3 -3.91 4.99 21.35
N GLU A 4 -5.22 5.28 21.31
CA GLU A 4 -5.99 5.72 22.45
C GLU A 4 -7.29 4.95 22.44
N LYS A 5 -7.44 3.98 23.36
CA LYS A 5 -8.63 3.17 23.58
C LYS A 5 -9.42 2.67 22.36
N LYS A 6 -8.99 1.55 21.74
CA LYS A 6 -9.55 1.10 20.48
C LYS A 6 -10.91 0.43 20.60
N GLY A 7 -12.00 1.17 20.37
CA GLY A 7 -13.35 0.60 20.36
C GLY A 7 -14.27 1.40 19.47
N GLY A 8 -14.46 0.95 18.21
CA GLY A 8 -15.31 1.65 17.27
C GLY A 8 -15.05 1.24 15.84
N GLU A 9 -14.36 2.10 15.06
CA GLU A 9 -14.21 1.94 13.63
C GLU A 9 -13.20 0.86 13.27
N THR A 10 -13.69 -0.36 13.03
CA THR A 10 -12.93 -1.60 13.06
C THR A 10 -12.53 -2.04 11.67
N GLU A 11 -13.23 -1.51 10.64
CA GLU A 11 -13.17 -1.81 9.23
C GLU A 11 -11.85 -1.45 8.54
N HIS A 12 -10.78 -2.17 8.90
CA HIS A 12 -9.50 -2.16 8.24
C HIS A 12 -9.45 -3.23 7.17
N ILE A 13 -8.96 -2.89 5.96
CA ILE A 13 -8.86 -3.80 4.83
C ILE A 13 -7.41 -4.17 4.59
N ASN A 14 -7.14 -5.46 4.31
CA ASN A 14 -5.81 -6.00 4.12
C ASN A 14 -5.35 -5.89 2.67
N LEU A 15 -4.08 -5.48 2.44
CA LEU A 15 -3.49 -5.37 1.12
C LEU A 15 -2.12 -6.04 1.11
N LYS A 16 -1.69 -6.52 -0.06
CA LYS A 16 -0.35 -7.05 -0.25
C LYS A 16 0.37 -6.39 -1.40
N VAL A 17 1.67 -6.10 -1.21
CA VAL A 17 2.53 -5.52 -2.22
C VAL A 17 3.44 -6.60 -2.76
N LEU A 18 3.26 -6.97 -4.04
CA LEU A 18 4.03 -8.01 -4.68
C LEU A 18 5.22 -7.41 -5.41
N GLY A 19 6.35 -7.28 -4.71
CA GLY A 19 7.60 -6.79 -5.29
C GLY A 19 8.37 -7.90 -5.94
N GLN A 20 8.64 -7.79 -7.26
CA GLN A 20 9.33 -8.84 -8.01
C GLN A 20 10.80 -9.04 -7.66
N ASP A 21 11.37 -8.14 -6.84
CA ASP A 21 12.66 -8.29 -6.19
C ASP A 21 12.60 -9.26 -4.99
N ASN A 22 11.54 -10.09 -4.92
CA ASN A 22 11.26 -11.11 -3.91
C ASN A 22 10.74 -10.55 -2.59
N ALA A 23 10.96 -9.26 -2.31
CA ALA A 23 10.50 -8.55 -1.13
C ALA A 23 8.99 -8.26 -1.12
N VAL A 24 8.17 -9.32 -1.01
CA VAL A 24 6.73 -9.27 -0.89
C VAL A 24 6.33 -8.97 0.57
N VAL A 25 5.38 -8.04 0.77
CA VAL A 25 5.01 -7.54 2.09
C VAL A 25 3.50 -7.32 2.20
N GLN A 26 2.93 -7.44 3.42
CA GLN A 26 1.51 -7.33 3.70
C GLN A 26 1.24 -6.27 4.77
N PHE A 27 0.17 -5.47 4.62
CA PHE A 27 -0.24 -4.50 5.63
C PHE A 27 -1.74 -4.22 5.52
N LYS A 28 -2.30 -3.36 6.41
CA LYS A 28 -3.70 -2.99 6.32
C LYS A 28 -4.00 -1.53 6.62
N ILE A 29 -5.08 -0.98 6.02
CA ILE A 29 -5.48 0.41 6.10
C ILE A 29 -6.97 0.48 6.42
N LYS A 30 -7.54 1.58 6.94
CA LYS A 30 -8.99 1.72 7.06
C LYS A 30 -9.64 2.00 5.71
N LYS A 31 -10.84 1.46 5.44
CA LYS A 31 -11.47 1.65 4.14
C LYS A 31 -12.18 2.99 3.93
N HIS A 32 -12.14 3.90 4.92
CA HIS A 32 -12.61 5.26 4.74
C HIS A 32 -11.53 6.19 4.20
N THR A 33 -10.25 5.94 4.54
CA THR A 33 -9.13 6.79 4.18
C THR A 33 -8.60 6.53 2.76
N PRO A 34 -8.03 7.51 2.04
CA PRO A 34 -7.35 7.26 0.77
C PRO A 34 -5.99 6.60 0.98
N LEU A 35 -5.36 6.13 -0.10
CA LEU A 35 -4.11 5.39 -0.03
C LEU A 35 -2.92 6.30 0.28
N ARG A 36 -2.94 7.56 -0.19
CA ARG A 36 -1.85 8.53 -0.16
C ARG A 36 -1.10 8.71 1.15
N LYS A 37 -1.80 8.75 2.31
CA LYS A 37 -1.17 8.87 3.62
C LYS A 37 -0.39 7.61 4.03
N LEU A 38 -0.82 6.40 3.63
CA LEU A 38 -0.03 5.19 3.86
C LEU A 38 1.19 5.19 2.96
N MET A 39 1.00 5.42 1.65
CA MET A 39 2.05 5.50 0.64
C MET A 39 3.19 6.43 1.01
N ASN A 40 2.90 7.72 1.27
CA ASN A 40 3.93 8.71 1.58
C ASN A 40 4.41 8.65 3.03
N ALA A 41 3.79 7.83 3.90
CA ALA A 41 4.39 7.48 5.18
C ALA A 41 5.49 6.44 4.98
N TYR A 42 5.20 5.36 4.22
CA TYR A 42 6.14 4.32 3.87
C TYR A 42 7.33 4.85 3.07
N CYS A 43 7.05 5.54 1.94
CA CYS A 43 8.03 6.11 1.05
C CYS A 43 8.97 7.12 1.69
N ASP A 44 8.45 8.17 2.35
CA ASP A 44 9.29 9.23 2.89
C ASP A 44 10.11 8.79 4.11
N ARG A 45 9.65 7.81 4.91
CA ARG A 45 10.48 7.19 5.94
C ARG A 45 11.64 6.39 5.36
N ALA A 46 11.37 5.53 4.35
CA ALA A 46 12.37 4.73 3.69
C ALA A 46 13.40 5.58 2.92
N GLY A 47 12.92 6.50 2.08
CA GLY A 47 13.77 7.40 1.30
C GLY A 47 13.44 7.35 -0.16
N LEU A 48 12.94 6.20 -0.62
CA LEU A 48 12.51 5.97 -1.99
C LEU A 48 11.14 6.57 -2.30
N SER A 49 10.74 6.60 -3.58
CA SER A 49 9.45 7.14 -3.97
C SER A 49 8.99 6.51 -5.28
N MET A 50 7.89 7.01 -5.87
CA MET A 50 7.28 6.51 -7.08
C MET A 50 8.11 6.86 -8.32
N GLN A 51 9.13 7.73 -8.16
CA GLN A 51 10.14 7.97 -9.17
C GLN A 51 11.05 6.77 -9.38
N VAL A 52 11.21 5.91 -8.35
CA VAL A 52 12.09 4.74 -8.40
C VAL A 52 11.33 3.42 -8.21
N VAL A 53 10.21 3.41 -7.45
CA VAL A 53 9.35 2.24 -7.28
C VAL A 53 8.23 2.27 -8.31
N ARG A 54 7.91 1.14 -8.97
CA ARG A 54 7.02 1.11 -10.12
C ARG A 54 5.79 0.26 -9.82
N PHE A 55 4.72 0.87 -9.28
CA PHE A 55 3.48 0.20 -8.94
C PHE A 55 2.55 0.02 -10.15
N ARG A 56 1.98 -1.17 -10.36
CA ARG A 56 0.82 -1.36 -11.23
C ARG A 56 -0.29 -2.02 -10.41
N PHE A 57 -1.56 -1.74 -10.72
CA PHE A 57 -2.70 -2.41 -10.13
C PHE A 57 -3.43 -3.09 -11.27
N ASP A 58 -3.37 -4.44 -11.34
CA ASP A 58 -3.97 -5.25 -12.39
C ASP A 58 -3.54 -4.79 -13.80
N GLY A 59 -2.21 -4.58 -13.99
CA GLY A 59 -1.65 -3.99 -15.20
C GLY A 59 -1.64 -2.48 -15.23
N GLN A 60 -2.61 -1.80 -14.61
CA GLN A 60 -2.91 -0.39 -14.84
C GLN A 60 -2.26 0.57 -13.82
N PRO A 61 -2.05 1.85 -14.12
CA PRO A 61 -1.62 2.83 -13.14
C PRO A 61 -2.77 3.30 -12.23
N ILE A 62 -2.77 2.94 -10.94
CA ILE A 62 -3.75 3.43 -9.98
C ILE A 62 -3.30 4.73 -9.31
N ASN A 63 -4.22 5.70 -9.14
CA ASN A 63 -3.93 6.99 -8.55
C ASN A 63 -4.06 6.96 -7.03
N GLU A 64 -2.96 7.25 -6.29
CA GLU A 64 -2.88 7.13 -4.84
C GLU A 64 -3.79 8.07 -4.04
N ASN A 65 -4.33 9.13 -4.68
CA ASN A 65 -5.33 10.03 -4.11
C ASN A 65 -6.71 9.37 -3.91
N ASP A 66 -7.03 8.29 -4.65
CA ASP A 66 -8.37 7.73 -4.65
C ASP A 66 -8.71 6.94 -3.38
N THR A 67 -10.00 6.62 -3.20
CA THR A 67 -10.52 5.94 -2.03
C THR A 67 -11.13 4.61 -2.41
N PRO A 68 -11.10 3.56 -1.57
CA PRO A 68 -11.64 2.27 -1.94
C PRO A 68 -13.16 2.24 -1.94
N THR A 69 -13.87 3.31 -1.52
CA THR A 69 -15.31 3.45 -1.72
C THR A 69 -15.65 3.94 -3.11
N SER A 70 -14.69 4.58 -3.79
CA SER A 70 -14.85 5.07 -5.16
C SER A 70 -14.60 3.94 -6.13
N LEU A 71 -13.56 3.15 -5.85
CA LEU A 71 -13.18 1.95 -6.60
C LEU A 71 -14.13 0.76 -6.35
N GLU A 72 -14.34 0.41 -5.06
CA GLU A 72 -15.19 -0.68 -4.58
C GLU A 72 -14.59 -2.07 -4.74
N MET A 73 -13.53 -2.34 -3.95
CA MET A 73 -12.96 -3.66 -3.74
C MET A 73 -13.20 -4.11 -2.30
N GLU A 74 -12.79 -5.34 -1.96
CA GLU A 74 -13.12 -6.01 -0.71
C GLU A 74 -11.99 -5.94 0.33
N GLU A 75 -11.33 -7.07 0.66
CA GLU A 75 -10.08 -7.09 1.38
C GLU A 75 -9.24 -8.23 0.82
N GLY A 76 -7.91 -8.19 1.03
CA GLY A 76 -6.99 -9.14 0.42
C GLY A 76 -6.59 -8.67 -0.94
N ASP A 77 -6.41 -7.36 -1.08
CA ASP A 77 -6.21 -6.70 -2.36
C ASP A 77 -4.72 -6.67 -2.70
N THR A 78 -4.39 -6.47 -3.99
CA THR A 78 -3.07 -6.82 -4.53
C THR A 78 -2.51 -5.75 -5.43
N ILE A 79 -1.24 -5.35 -5.22
CA ILE A 79 -0.57 -4.40 -6.10
C ILE A 79 0.78 -4.97 -6.51
N GLU A 80 1.15 -4.89 -7.80
CA GLU A 80 2.36 -5.49 -8.33
C GLU A 80 3.43 -4.42 -8.51
N VAL A 81 4.68 -4.70 -8.06
CA VAL A 81 5.74 -3.70 -7.97
C VAL A 81 6.99 -4.13 -8.70
N TYR A 82 7.46 -3.26 -9.63
CA TYR A 82 8.73 -3.38 -10.30
C TYR A 82 9.72 -2.37 -9.75
N GLN A 83 11.02 -2.56 -10.01
CA GLN A 83 12.09 -1.73 -9.50
C GLN A 83 12.71 -0.79 -10.54
N GLN A 84 13.62 0.09 -10.08
CA GLN A 84 14.60 0.79 -10.90
C GLN A 84 15.86 0.98 -10.06
N GLN A 85 15.89 2.03 -9.20
CA GLN A 85 16.99 2.33 -8.31
C GLN A 85 16.83 1.58 -6.98
N THR A 86 17.95 1.20 -6.32
CA THR A 86 17.94 0.62 -4.98
C THR A 86 18.17 1.70 -3.94
N GLY A 87 17.83 1.44 -2.66
CA GLY A 87 17.98 2.44 -1.61
C GLY A 87 17.37 1.97 -0.32
N GLY A 88 18.01 0.99 0.33
CA GLY A 88 17.54 0.44 1.58
C GLY A 88 18.51 -0.63 2.09
N MET A 1 3.25 -0.21 15.12
CA MET A 1 2.84 -0.93 13.88
C MET A 1 4.05 -1.63 13.28
N SER A 2 3.93 -2.21 12.07
CA SER A 2 4.93 -3.11 11.47
C SER A 2 5.26 -4.31 12.34
N ASP A 3 4.23 -5.16 12.58
CA ASP A 3 4.15 -5.90 13.82
C ASP A 3 3.10 -7.01 13.68
N GLU A 4 1.86 -6.73 14.17
CA GLU A 4 0.64 -7.51 14.13
C GLU A 4 0.27 -8.13 15.48
N LYS A 5 -0.92 -7.71 16.00
CA LYS A 5 -1.66 -8.34 17.07
C LYS A 5 -3.06 -7.74 17.14
N LYS A 6 -3.19 -6.41 17.06
CA LYS A 6 -4.46 -5.69 17.21
C LYS A 6 -4.77 -4.76 16.05
N GLY A 7 -6.00 -4.22 16.04
CA GLY A 7 -6.49 -3.26 15.07
C GLY A 7 -7.46 -2.31 15.72
N GLY A 8 -8.76 -2.45 15.41
CA GLY A 8 -9.82 -1.67 16.06
C GLY A 8 -10.01 -0.25 15.58
N GLU A 9 -10.92 0.47 16.27
CA GLU A 9 -11.29 1.86 16.05
C GLU A 9 -12.23 2.04 14.86
N THR A 10 -11.73 1.82 13.64
CA THR A 10 -12.44 2.06 12.39
C THR A 10 -12.21 0.90 11.44
N GLU A 11 -12.86 0.92 10.26
CA GLU A 11 -12.85 -0.19 9.33
C GLU A 11 -11.57 -0.24 8.50
N HIS A 12 -10.76 -1.32 8.62
CA HIS A 12 -9.49 -1.46 7.95
C HIS A 12 -9.45 -2.63 6.97
N ILE A 13 -8.66 -2.51 5.89
CA ILE A 13 -8.47 -3.54 4.88
C ILE A 13 -6.99 -3.71 4.58
N ASN A 14 -6.58 -4.90 4.12
CA ASN A 14 -5.20 -5.20 3.76
C ASN A 14 -4.89 -4.97 2.29
N LEU A 15 -3.60 -4.73 2.00
CA LEU A 15 -3.04 -4.82 0.66
C LEU A 15 -1.76 -5.63 0.77
N LYS A 16 -1.47 -6.47 -0.24
CA LYS A 16 -0.27 -7.29 -0.30
C LYS A 16 0.54 -6.83 -1.51
N VAL A 17 1.80 -6.43 -1.29
CA VAL A 17 2.63 -5.77 -2.28
C VAL A 17 3.75 -6.69 -2.72
N LEU A 18 3.84 -7.00 -4.03
CA LEU A 18 4.76 -8.00 -4.55
C LEU A 18 5.80 -7.41 -5.50
N GLY A 19 7.08 -7.39 -5.09
CA GLY A 19 8.21 -6.94 -5.91
C GLY A 19 8.68 -7.96 -6.91
N GLN A 20 9.50 -7.52 -7.89
CA GLN A 20 9.98 -8.36 -8.97
C GLN A 20 11.33 -9.02 -8.71
N ASP A 21 11.99 -8.67 -7.58
CA ASP A 21 13.25 -9.24 -7.15
C ASP A 21 13.02 -10.53 -6.36
N ASN A 22 12.36 -10.39 -5.20
CA ASN A 22 11.78 -11.43 -4.37
C ASN A 22 10.93 -10.83 -3.23
N ALA A 23 10.92 -9.49 -3.06
CA ALA A 23 10.36 -8.87 -1.88
C ALA A 23 8.83 -8.78 -1.83
N VAL A 24 8.20 -9.44 -0.85
CA VAL A 24 6.77 -9.35 -0.61
C VAL A 24 6.51 -8.61 0.69
N VAL A 25 5.77 -7.49 0.64
CA VAL A 25 5.45 -6.63 1.78
C VAL A 25 3.94 -6.66 1.98
N GLN A 26 3.45 -6.60 3.24
CA GLN A 26 2.02 -6.63 3.52
C GLN A 26 1.69 -5.58 4.55
N PHE A 27 0.55 -4.89 4.42
CA PHE A 27 0.13 -3.88 5.39
C PHE A 27 -1.38 -3.70 5.35
N LYS A 28 -1.93 -2.94 6.33
CA LYS A 28 -3.35 -2.61 6.39
C LYS A 28 -3.58 -1.11 6.43
N ILE A 29 -4.67 -0.64 5.81
CA ILE A 29 -5.07 0.76 5.74
C ILE A 29 -6.50 0.88 6.27
N LYS A 30 -6.90 2.05 6.81
CA LYS A 30 -8.30 2.35 7.06
C LYS A 30 -9.01 2.64 5.75
N LYS A 31 -10.28 2.23 5.59
CA LYS A 31 -11.01 2.42 4.33
C LYS A 31 -11.44 3.85 4.06
N HIS A 32 -11.47 4.71 5.09
CA HIS A 32 -12.07 6.02 4.97
C HIS A 32 -11.13 7.08 4.41
N THR A 33 -9.81 6.82 4.28
CA THR A 33 -8.83 7.77 3.78
C THR A 33 -8.30 7.35 2.41
N PRO A 34 -7.81 8.24 1.54
CA PRO A 34 -7.28 7.84 0.24
C PRO A 34 -5.86 7.27 0.33
N LEU A 35 -5.41 6.60 -0.75
CA LEU A 35 -4.16 5.87 -0.80
C LEU A 35 -2.91 6.71 -0.57
N ARG A 36 -2.89 7.99 -0.98
CA ARG A 36 -1.79 8.94 -0.79
C ARG A 36 -1.24 9.00 0.63
N LYS A 37 -2.13 8.93 1.63
CA LYS A 37 -1.78 8.94 3.05
C LYS A 37 -0.87 7.78 3.43
N LEU A 38 -1.24 6.54 3.07
CA LEU A 38 -0.39 5.38 3.32
C LEU A 38 0.84 5.39 2.43
N MET A 39 0.69 5.63 1.11
CA MET A 39 1.77 5.64 0.15
C MET A 39 2.92 6.57 0.51
N ASN A 40 2.64 7.84 0.84
CA ASN A 40 3.65 8.79 1.25
C ASN A 40 4.26 8.42 2.61
N ALA A 41 3.47 7.90 3.56
CA ALA A 41 3.96 7.45 4.84
C ALA A 41 4.93 6.27 4.72
N TYR A 42 4.61 5.27 3.87
CA TYR A 42 5.47 4.13 3.61
C TYR A 42 6.75 4.55 2.87
N CYS A 43 6.64 5.43 1.86
CA CYS A 43 7.78 6.02 1.17
C CYS A 43 8.75 6.72 2.10
N ASP A 44 8.29 7.73 2.87
CA ASP A 44 9.13 8.53 3.74
C ASP A 44 9.59 7.80 5.00
N ARG A 45 8.95 6.67 5.39
CA ARG A 45 9.45 5.80 6.45
C ARG A 45 10.59 4.93 5.96
N ALA A 46 10.43 4.30 4.79
CA ALA A 46 11.46 3.46 4.19
C ALA A 46 12.65 4.26 3.65
N GLY A 47 12.37 5.41 3.01
CA GLY A 47 13.34 6.32 2.43
C GLY A 47 13.32 6.28 0.92
N LEU A 48 12.26 5.73 0.32
CA LEU A 48 12.14 5.55 -1.11
C LEU A 48 11.19 6.57 -1.74
N SER A 49 10.99 6.51 -3.07
CA SER A 49 10.06 7.41 -3.73
C SER A 49 9.53 6.75 -4.97
N MET A 50 8.66 7.44 -5.75
CA MET A 50 8.07 6.87 -6.96
C MET A 50 9.03 6.87 -8.14
N GLN A 51 10.23 7.48 -7.98
CA GLN A 51 11.35 7.31 -8.89
C GLN A 51 11.87 5.88 -8.98
N VAL A 52 11.77 5.13 -7.87
CA VAL A 52 12.19 3.73 -7.82
C VAL A 52 10.97 2.81 -7.84
N VAL A 53 10.03 2.93 -6.90
CA VAL A 53 8.91 2.01 -6.76
C VAL A 53 7.73 2.39 -7.65
N ARG A 54 7.44 1.56 -8.66
CA ARG A 54 6.31 1.74 -9.57
C ARG A 54 5.27 0.65 -9.33
N PHE A 55 3.99 1.03 -9.14
CA PHE A 55 2.90 0.11 -8.83
C PHE A 55 2.01 -0.15 -10.04
N ARG A 56 1.45 -1.37 -10.16
CA ARG A 56 0.32 -1.63 -11.04
C ARG A 56 -0.74 -2.46 -10.33
N PHE A 57 -2.02 -2.11 -10.57
CA PHE A 57 -3.20 -2.73 -10.01
C PHE A 57 -3.83 -3.60 -11.08
N ASP A 58 -3.85 -4.94 -10.88
CA ASP A 58 -4.46 -5.94 -11.77
C ASP A 58 -3.85 -6.08 -13.18
N GLY A 59 -3.19 -5.02 -13.68
CA GLY A 59 -2.53 -4.94 -14.98
C GLY A 59 -2.24 -3.51 -15.37
N GLN A 60 -3.08 -2.57 -14.90
CA GLN A 60 -3.02 -1.17 -15.28
C GLN A 60 -2.46 -0.28 -14.16
N PRO A 61 -2.04 0.95 -14.40
CA PRO A 61 -1.65 1.86 -13.32
C PRO A 61 -2.87 2.38 -12.56
N ILE A 62 -2.68 2.75 -11.28
CA ILE A 62 -3.71 3.26 -10.39
C ILE A 62 -3.22 4.60 -9.86
N ASN A 63 -4.09 5.42 -9.23
CA ASN A 63 -3.73 6.70 -8.65
C ASN A 63 -3.86 6.70 -7.14
N GLU A 64 -3.33 7.76 -6.51
CA GLU A 64 -3.15 7.92 -5.08
C GLU A 64 -4.29 8.68 -4.44
N ASN A 65 -4.99 9.53 -5.21
CA ASN A 65 -6.14 10.30 -4.74
C ASN A 65 -7.37 9.44 -4.46
N ASP A 66 -7.44 8.24 -5.04
CA ASP A 66 -8.59 7.36 -4.98
C ASP A 66 -8.88 6.81 -3.58
N THR A 67 -10.16 6.83 -3.19
CA THR A 67 -10.68 6.28 -1.94
C THR A 67 -11.20 4.86 -2.19
N PRO A 68 -10.91 3.84 -1.38
CA PRO A 68 -11.27 2.45 -1.74
C PRO A 68 -12.76 2.19 -1.59
N THR A 69 -13.50 3.10 -0.93
CA THR A 69 -14.95 3.11 -0.81
C THR A 69 -15.66 3.32 -2.14
N SER A 70 -14.98 3.97 -3.09
CA SER A 70 -15.44 4.24 -4.44
C SER A 70 -15.30 3.03 -5.36
N LEU A 71 -14.31 2.16 -5.06
CA LEU A 71 -13.89 1.08 -5.94
C LEU A 71 -14.65 -0.22 -5.73
N GLU A 72 -15.09 -0.48 -4.48
CA GLU A 72 -15.69 -1.73 -4.02
C GLU A 72 -14.69 -2.88 -4.02
N MET A 73 -13.59 -2.74 -3.25
CA MET A 73 -12.56 -3.75 -3.13
C MET A 73 -12.64 -4.49 -1.80
N GLU A 74 -12.26 -5.79 -1.80
CA GLU A 74 -12.09 -6.53 -0.58
C GLU A 74 -10.72 -6.30 0.05
N GLU A 75 -10.54 -6.82 1.26
CA GLU A 75 -9.27 -6.88 1.96
C GLU A 75 -8.30 -7.89 1.34
N GLY A 76 -7.04 -7.47 1.15
CA GLY A 76 -5.96 -8.34 0.71
C GLY A 76 -5.78 -8.37 -0.77
N ASP A 77 -5.71 -7.19 -1.43
CA ASP A 77 -5.40 -7.08 -2.84
C ASP A 77 -3.95 -7.45 -3.15
N THR A 78 -3.66 -7.78 -4.41
CA THR A 78 -2.37 -8.25 -4.90
C THR A 78 -1.77 -7.24 -5.86
N ILE A 79 -1.10 -6.20 -5.32
CA ILE A 79 -0.57 -5.10 -6.12
C ILE A 79 0.92 -5.33 -6.42
N GLU A 80 1.35 -5.18 -7.68
CA GLU A 80 2.71 -5.50 -8.07
C GLU A 80 3.62 -4.28 -8.08
N VAL A 81 4.90 -4.48 -7.71
CA VAL A 81 5.92 -3.44 -7.65
C VAL A 81 7.05 -3.72 -8.63
N TYR A 82 7.43 -2.69 -9.41
CA TYR A 82 8.64 -2.68 -10.20
C TYR A 82 9.62 -1.68 -9.62
N GLN A 83 10.94 -1.98 -9.68
CA GLN A 83 11.99 -1.16 -9.10
C GLN A 83 12.74 -0.36 -10.16
N GLN A 84 14.08 -0.21 -10.03
CA GLN A 84 14.92 0.41 -11.05
C GLN A 84 15.84 -0.63 -11.69
N GLN A 85 16.76 -0.19 -12.58
CA GLN A 85 17.58 -1.06 -13.40
C GLN A 85 18.86 -1.50 -12.68
N THR A 86 19.05 -2.81 -12.45
CA THR A 86 20.24 -3.33 -11.76
C THR A 86 21.43 -3.47 -12.69
N GLY A 87 22.16 -2.36 -12.96
CA GLY A 87 23.34 -2.42 -13.81
C GLY A 87 24.25 -1.23 -13.65
N GLY A 88 24.66 -0.95 -12.41
CA GLY A 88 25.61 0.11 -12.11
C GLY A 88 25.74 0.27 -10.60
N MET A 1 0.20 3.29 16.64
CA MET A 1 0.93 2.98 17.89
C MET A 1 2.26 3.70 17.94
N SER A 2 2.35 4.79 18.72
CA SER A 2 3.50 5.70 18.82
C SER A 2 2.97 6.98 19.42
N ASP A 3 3.18 8.15 18.77
CA ASP A 3 3.10 9.52 19.25
C ASP A 3 1.72 10.04 19.70
N GLU A 4 0.85 9.14 20.22
CA GLU A 4 -0.54 9.31 20.57
C GLU A 4 -1.47 9.12 19.36
N LYS A 5 -1.40 7.93 18.74
CA LYS A 5 -2.35 7.56 17.71
C LYS A 5 -2.44 6.05 17.56
N LYS A 6 -3.64 5.52 17.90
CA LYS A 6 -4.04 4.13 17.83
C LYS A 6 -5.49 4.10 18.28
N GLY A 7 -6.16 2.92 18.28
CA GLY A 7 -7.58 2.81 18.59
C GLY A 7 -8.48 2.91 17.38
N GLY A 8 -9.72 3.40 17.55
CA GLY A 8 -10.72 3.70 16.52
C GLY A 8 -10.89 2.71 15.39
N GLU A 9 -11.40 1.51 15.69
CA GLU A 9 -11.46 0.38 14.77
C GLU A 9 -12.88 0.01 14.34
N THR A 10 -13.09 -0.28 13.04
CA THR A 10 -14.37 -0.84 12.58
C THR A 10 -14.20 -1.61 11.28
N GLU A 11 -13.55 -1.02 10.25
CA GLU A 11 -13.39 -1.69 8.97
C GLU A 11 -12.12 -1.23 8.27
N HIS A 12 -11.30 -2.17 7.78
CA HIS A 12 -10.07 -1.85 7.08
C HIS A 12 -9.88 -2.71 5.85
N ILE A 13 -9.03 -2.27 4.91
CA ILE A 13 -8.65 -3.07 3.75
C ILE A 13 -7.20 -3.50 3.89
N ASN A 14 -6.87 -4.68 3.32
CA ASN A 14 -5.56 -5.30 3.43
C ASN A 14 -4.99 -5.45 2.04
N LEU A 15 -3.70 -5.08 1.87
CA LEU A 15 -3.05 -4.89 0.58
C LEU A 15 -1.81 -5.75 0.45
N LYS A 16 -1.36 -6.01 -0.79
CA LYS A 16 -0.25 -6.91 -1.09
C LYS A 16 0.77 -6.26 -1.98
N VAL A 17 1.86 -5.73 -1.40
CA VAL A 17 2.94 -5.15 -2.18
C VAL A 17 3.85 -6.27 -2.67
N LEU A 18 3.67 -6.66 -3.95
CA LEU A 18 4.36 -7.79 -4.55
C LEU A 18 5.59 -7.32 -5.31
N GLY A 19 6.76 -7.37 -4.68
CA GLY A 19 8.01 -6.94 -5.32
C GLY A 19 8.59 -7.95 -6.26
N GLN A 20 9.02 -7.49 -7.47
CA GLN A 20 9.72 -8.30 -8.44
C GLN A 20 11.05 -8.86 -7.93
N ASP A 21 11.69 -8.18 -6.96
CA ASP A 21 12.88 -8.66 -6.27
C ASP A 21 12.60 -9.89 -5.40
N ASN A 22 11.30 -10.24 -5.22
CA ASN A 22 10.71 -11.39 -4.56
C ASN A 22 10.34 -11.11 -3.12
N ALA A 23 10.54 -9.88 -2.62
CA ALA A 23 10.09 -9.50 -1.29
C ALA A 23 8.66 -8.99 -1.34
N VAL A 24 7.70 -9.78 -0.82
CA VAL A 24 6.28 -9.47 -0.77
C VAL A 24 5.90 -9.06 0.64
N VAL A 25 5.19 -7.93 0.83
CA VAL A 25 4.77 -7.47 2.15
C VAL A 25 3.29 -7.08 2.20
N GLN A 26 2.63 -7.36 3.34
CA GLN A 26 1.23 -6.99 3.55
C GLN A 26 1.08 -5.64 4.26
N PHE A 27 0.38 -4.69 3.61
CA PHE A 27 0.02 -3.40 4.18
C PHE A 27 -1.46 -3.37 4.54
N LYS A 28 -1.90 -2.34 5.30
CA LYS A 28 -3.27 -2.21 5.73
C LYS A 28 -3.63 -0.73 5.88
N ILE A 29 -4.85 -0.33 5.50
CA ILE A 29 -5.36 1.02 5.70
C ILE A 29 -6.84 0.93 6.09
N LYS A 30 -7.43 1.96 6.73
CA LYS A 30 -8.83 1.96 7.11
C LYS A 30 -9.70 2.20 5.88
N LYS A 31 -10.91 1.60 5.78
CA LYS A 31 -11.72 1.70 4.57
C LYS A 31 -12.26 3.11 4.32
N HIS A 32 -12.45 3.90 5.38
CA HIS A 32 -12.94 5.26 5.29
C HIS A 32 -11.92 6.25 4.72
N THR A 33 -10.61 5.94 4.80
CA THR A 33 -9.52 6.89 4.57
C THR A 33 -8.85 6.72 3.21
N PRO A 34 -8.45 7.76 2.49
CA PRO A 34 -7.81 7.64 1.18
C PRO A 34 -6.35 7.19 1.25
N LEU A 35 -5.81 6.68 0.12
CA LEU A 35 -4.56 5.97 0.04
C LEU A 35 -3.33 6.86 0.12
N ARG A 36 -3.33 7.99 -0.62
CA ARG A 36 -2.26 8.96 -0.81
C ARG A 36 -1.30 9.23 0.36
N LYS A 37 -1.84 9.55 1.55
CA LYS A 37 -1.05 9.82 2.74
C LYS A 37 -0.28 8.59 3.25
N LEU A 38 -0.89 7.39 3.21
CA LEU A 38 -0.28 6.15 3.62
C LEU A 38 0.85 5.76 2.68
N MET A 39 0.64 5.90 1.36
CA MET A 39 1.63 5.67 0.32
C MET A 39 2.88 6.51 0.52
N ASN A 40 2.73 7.85 0.67
CA ASN A 40 3.86 8.73 0.95
C ASN A 40 4.55 8.41 2.28
N ALA A 41 3.79 8.08 3.34
CA ALA A 41 4.33 7.67 4.62
C ALA A 41 5.21 6.42 4.55
N TYR A 42 4.81 5.38 3.80
CA TYR A 42 5.67 4.23 3.54
C TYR A 42 6.94 4.58 2.77
N CYS A 43 6.87 5.45 1.74
CA CYS A 43 8.05 5.98 1.05
C CYS A 43 9.03 6.70 1.98
N ASP A 44 8.54 7.63 2.83
CA ASP A 44 9.30 8.32 3.85
C ASP A 44 10.00 7.38 4.83
N ARG A 45 9.25 6.44 5.44
CA ARG A 45 9.76 5.54 6.44
C ARG A 45 10.73 4.50 5.90
N ALA A 46 10.42 3.85 4.76
CA ALA A 46 11.30 2.89 4.12
C ALA A 46 12.53 3.54 3.48
N GLY A 47 12.43 4.84 3.11
CA GLY A 47 13.53 5.63 2.62
C GLY A 47 13.76 5.44 1.15
N LEU A 48 12.67 5.29 0.37
CA LEU A 48 12.73 5.07 -1.05
C LEU A 48 12.00 6.17 -1.79
N SER A 49 12.23 6.31 -3.10
CA SER A 49 11.55 7.33 -3.91
C SER A 49 10.75 6.71 -5.03
N MET A 50 9.62 7.36 -5.40
CA MET A 50 8.68 6.85 -6.38
C MET A 50 9.19 6.85 -7.82
N GLN A 51 10.31 7.57 -8.10
CA GLN A 51 11.09 7.50 -9.33
C GLN A 51 11.42 6.06 -9.74
N VAL A 52 12.14 5.34 -8.86
CA VAL A 52 12.74 4.04 -9.15
C VAL A 52 11.80 2.87 -8.90
N VAL A 53 10.67 3.14 -8.24
CA VAL A 53 9.68 2.14 -7.86
C VAL A 53 8.46 2.24 -8.76
N ARG A 54 8.30 1.33 -9.75
CA ARG A 54 7.09 1.25 -10.53
C ARG A 54 6.05 0.38 -9.86
N PHE A 55 4.93 0.97 -9.43
CA PHE A 55 3.77 0.26 -8.96
C PHE A 55 2.74 0.15 -10.09
N ARG A 56 2.11 -1.03 -10.26
CA ARG A 56 1.02 -1.21 -11.20
C ARG A 56 -0.04 -2.14 -10.60
N PHE A 57 -1.33 -1.83 -10.81
CA PHE A 57 -2.46 -2.61 -10.32
C PHE A 57 -3.37 -2.90 -11.51
N ASP A 58 -3.94 -4.13 -11.58
CA ASP A 58 -4.71 -4.62 -12.72
C ASP A 58 -3.94 -4.51 -14.04
N GLY A 59 -2.60 -4.69 -13.96
CA GLY A 59 -1.64 -4.46 -15.04
C GLY A 59 -1.18 -3.02 -15.19
N GLN A 60 -1.97 -2.04 -14.74
CA GLN A 60 -2.00 -0.67 -15.21
C GLN A 60 -1.60 0.36 -14.14
N PRO A 61 -1.41 1.64 -14.45
CA PRO A 61 -1.28 2.70 -13.44
C PRO A 61 -2.59 3.02 -12.73
N ILE A 62 -2.66 2.75 -11.41
CA ILE A 62 -3.77 3.11 -10.54
C ILE A 62 -3.59 4.52 -9.96
N ASN A 63 -4.68 5.24 -9.61
CA ASN A 63 -4.61 6.55 -9.00
C ASN A 63 -4.67 6.49 -7.48
N GLU A 64 -3.82 7.28 -6.80
CA GLU A 64 -3.65 7.29 -5.36
C GLU A 64 -4.73 8.02 -4.56
N ASN A 65 -5.69 8.66 -5.24
CA ASN A 65 -6.51 9.74 -4.70
C ASN A 65 -8.00 9.41 -4.63
N ASP A 66 -8.40 8.14 -4.80
CA ASP A 66 -9.77 7.70 -4.55
C ASP A 66 -9.94 7.28 -3.08
N THR A 67 -10.86 6.37 -2.74
CA THR A 67 -11.09 5.95 -1.37
C THR A 67 -11.59 4.52 -1.35
N PRO A 68 -11.21 3.60 -0.46
CA PRO A 68 -11.75 2.25 -0.49
C PRO A 68 -13.24 2.17 -0.19
N THR A 69 -13.79 3.15 0.55
CA THR A 69 -15.22 3.29 0.75
C THR A 69 -15.94 3.89 -0.45
N SER A 70 -15.19 4.41 -1.46
CA SER A 70 -15.75 4.86 -2.73
C SER A 70 -15.94 3.67 -3.65
N LEU A 71 -14.91 2.79 -3.73
CA LEU A 71 -14.93 1.61 -4.56
C LEU A 71 -15.83 0.51 -4.00
N GLU A 72 -15.92 0.46 -2.65
CA GLU A 72 -16.73 -0.43 -1.84
C GLU A 72 -16.05 -1.77 -1.62
N MET A 73 -15.58 -2.42 -2.70
CA MET A 73 -14.72 -3.58 -2.61
C MET A 73 -13.32 -3.22 -3.09
N GLU A 74 -12.37 -3.06 -2.15
CA GLU A 74 -10.98 -2.70 -2.46
C GLU A 74 -10.02 -3.61 -1.69
N GLU A 75 -10.53 -4.30 -0.64
CA GLU A 75 -9.82 -5.30 0.12
C GLU A 75 -9.38 -6.53 -0.68
N GLY A 76 -8.12 -6.96 -0.47
CA GLY A 76 -7.56 -8.12 -1.15
C GLY A 76 -6.86 -7.71 -2.42
N ASP A 77 -6.03 -6.67 -2.32
CA ASP A 77 -5.23 -6.15 -3.41
C ASP A 77 -4.14 -7.14 -3.86
N THR A 78 -3.52 -6.85 -5.03
CA THR A 78 -2.40 -7.56 -5.60
C THR A 78 -1.54 -6.58 -6.39
N ILE A 79 -1.01 -5.50 -5.76
CA ILE A 79 -0.21 -4.50 -6.47
C ILE A 79 1.22 -4.96 -6.77
N GLU A 80 1.59 -5.00 -8.06
CA GLU A 80 2.92 -5.44 -8.46
C GLU A 80 3.91 -4.28 -8.46
N VAL A 81 5.10 -4.51 -7.88
CA VAL A 81 6.12 -3.49 -7.70
C VAL A 81 7.42 -3.91 -8.34
N TYR A 82 7.96 -3.06 -9.25
CA TYR A 82 9.29 -3.27 -9.81
C TYR A 82 10.33 -2.47 -9.03
N GLN A 83 11.59 -2.95 -9.07
CA GLN A 83 12.76 -2.24 -8.60
C GLN A 83 13.60 -1.88 -9.81
N GLN A 84 13.79 -0.58 -10.10
CA GLN A 84 14.67 -0.19 -11.19
C GLN A 84 15.30 1.18 -10.95
N GLN A 85 16.57 1.19 -10.51
CA GLN A 85 17.23 2.44 -10.14
C GLN A 85 17.90 3.11 -11.33
N THR A 86 17.81 4.46 -11.39
CA THR A 86 18.37 5.27 -12.48
C THR A 86 17.65 5.02 -13.79
N GLY A 87 16.38 5.47 -13.87
CA GLY A 87 15.50 5.13 -14.96
C GLY A 87 14.11 5.52 -14.59
N GLY A 88 13.10 4.93 -15.23
CA GLY A 88 11.71 5.22 -14.92
C GLY A 88 10.80 4.17 -15.54
N MET A 1 0.54 3.54 21.16
CA MET A 1 -0.67 2.65 21.25
C MET A 1 -1.00 2.00 22.58
N SER A 2 -0.01 1.61 23.41
CA SER A 2 -0.21 1.01 24.73
C SER A 2 -0.67 2.07 25.72
N ASP A 3 0.18 3.08 25.94
CA ASP A 3 -0.17 4.31 26.62
C ASP A 3 -0.81 5.27 25.63
N GLU A 4 -0.11 6.32 25.16
CA GLU A 4 -0.72 7.32 24.29
C GLU A 4 -0.60 6.97 22.81
N LYS A 5 -1.17 7.83 21.94
CA LYS A 5 -1.36 7.69 20.51
C LYS A 5 -2.04 6.38 20.08
N LYS A 6 -3.37 6.45 19.90
CA LYS A 6 -4.24 5.33 19.65
C LYS A 6 -4.43 5.11 18.14
N GLY A 7 -5.66 5.21 17.61
CA GLY A 7 -5.86 4.99 16.18
C GLY A 7 -7.32 4.87 15.83
N GLY A 8 -7.96 3.77 16.26
CA GLY A 8 -9.39 3.51 15.99
C GLY A 8 -9.60 2.25 15.19
N GLU A 9 -9.63 1.10 15.88
CA GLU A 9 -9.86 -0.21 15.29
C GLU A 9 -11.32 -0.39 14.87
N THR A 10 -11.57 -0.50 13.56
CA THR A 10 -12.88 -0.77 12.98
C THR A 10 -12.57 -1.09 11.55
N GLU A 11 -13.54 -1.14 10.61
CA GLU A 11 -13.39 -1.71 9.29
C GLU A 11 -12.22 -1.23 8.42
N HIS A 12 -11.44 -2.17 7.84
CA HIS A 12 -10.23 -1.85 7.12
C HIS A 12 -9.85 -2.94 6.14
N ILE A 13 -9.21 -2.61 5.00
CA ILE A 13 -8.81 -3.60 3.99
C ILE A 13 -7.33 -3.94 4.09
N ASN A 14 -6.94 -5.19 3.75
CA ASN A 14 -5.54 -5.60 3.62
C ASN A 14 -5.08 -5.44 2.18
N LEU A 15 -3.87 -4.88 1.98
CA LEU A 15 -3.24 -4.81 0.66
C LEU A 15 -1.92 -5.55 0.71
N LYS A 16 -1.66 -6.43 -0.28
CA LYS A 16 -0.43 -7.15 -0.44
C LYS A 16 0.38 -6.58 -1.60
N VAL A 17 1.60 -6.13 -1.33
CA VAL A 17 2.49 -5.50 -2.29
C VAL A 17 3.54 -6.49 -2.71
N LEU A 18 3.48 -6.99 -3.96
CA LEU A 18 4.40 -7.98 -4.48
C LEU A 18 5.55 -7.29 -5.19
N GLY A 19 6.78 -7.39 -4.65
CA GLY A 19 7.96 -6.75 -5.21
C GLY A 19 8.75 -7.70 -6.05
N GLN A 20 9.01 -7.34 -7.33
CA GLN A 20 9.72 -8.19 -8.28
C GLN A 20 11.20 -8.41 -7.93
N ASP A 21 11.72 -7.62 -6.97
CA ASP A 21 12.88 -7.89 -6.13
C ASP A 21 12.94 -9.30 -5.50
N ASN A 22 11.78 -9.97 -5.35
CA ASN A 22 11.53 -11.34 -4.91
C ASN A 22 11.07 -11.38 -3.45
N ALA A 23 10.14 -10.49 -3.04
CA ALA A 23 9.61 -10.48 -1.69
C ALA A 23 8.25 -9.79 -1.67
N VAL A 24 7.43 -10.02 -0.60
CA VAL A 24 6.10 -9.44 -0.49
C VAL A 24 5.97 -8.66 0.80
N VAL A 25 5.35 -7.46 0.75
CA VAL A 25 5.06 -6.62 1.90
C VAL A 25 3.54 -6.56 2.05
N GLN A 26 3.00 -6.46 3.28
CA GLN A 26 1.56 -6.32 3.48
C GLN A 26 1.29 -5.23 4.49
N PHE A 27 0.19 -4.47 4.29
CA PHE A 27 -0.30 -3.51 5.25
C PHE A 27 -1.82 -3.46 5.17
N LYS A 28 -2.47 -2.67 6.05
CA LYS A 28 -3.91 -2.55 6.06
C LYS A 28 -4.34 -1.10 6.26
N ILE A 29 -5.35 -0.64 5.51
CA ILE A 29 -5.79 0.76 5.53
C ILE A 29 -7.26 0.88 5.88
N LYS A 30 -7.65 1.96 6.58
CA LYS A 30 -9.01 2.26 7.01
C LYS A 30 -9.86 2.71 5.83
N LYS A 31 -11.18 2.44 5.81
CA LYS A 31 -12.00 2.65 4.62
C LYS A 31 -12.12 4.11 4.18
N HIS A 32 -12.25 5.06 5.12
CA HIS A 32 -12.34 6.49 4.85
C HIS A 32 -11.01 7.18 4.50
N THR A 33 -9.85 6.57 4.79
CA THR A 33 -8.55 7.24 4.63
C THR A 33 -7.92 6.99 3.26
N PRO A 34 -7.45 7.98 2.49
CA PRO A 34 -6.91 7.74 1.15
C PRO A 34 -5.56 7.05 1.15
N LEU A 35 -5.21 6.39 0.03
CA LEU A 35 -4.07 5.49 -0.07
C LEU A 35 -2.74 6.22 0.01
N ARG A 36 -2.64 7.42 -0.59
CA ARG A 36 -1.45 8.26 -0.56
C ARG A 36 -0.90 8.51 0.84
N LYS A 37 -1.76 8.69 1.86
CA LYS A 37 -1.35 8.88 3.24
C LYS A 37 -0.51 7.75 3.82
N LEU A 38 -0.95 6.48 3.58
CA LEU A 38 -0.20 5.30 3.98
C LEU A 38 1.03 5.09 3.10
N MET A 39 0.85 5.16 1.76
CA MET A 39 1.91 4.98 0.79
C MET A 39 3.07 5.95 0.96
N ASN A 40 2.78 7.24 1.17
CA ASN A 40 3.76 8.28 1.42
C ASN A 40 4.50 8.05 2.73
N ALA A 41 3.78 7.70 3.82
CA ALA A 41 4.38 7.38 5.10
C ALA A 41 5.40 6.24 5.00
N TYR A 42 5.07 5.17 4.25
CA TYR A 42 5.98 4.08 3.93
C TYR A 42 7.15 4.51 3.06
N CYS A 43 6.91 5.22 1.93
CA CYS A 43 7.95 5.73 1.03
C CYS A 43 8.97 6.63 1.71
N ASP A 44 8.52 7.65 2.46
CA ASP A 44 9.37 8.58 3.17
C ASP A 44 10.13 7.92 4.32
N ARG A 45 9.48 7.01 5.09
CA ARG A 45 10.13 6.27 6.18
C ARG A 45 11.18 5.27 5.69
N ALA A 46 10.91 4.57 4.55
CA ALA A 46 11.89 3.74 3.89
C ALA A 46 13.04 4.56 3.32
N GLY A 47 12.71 5.70 2.67
CA GLY A 47 13.67 6.65 2.14
C GLY A 47 13.79 6.51 0.66
N LEU A 48 12.66 6.46 -0.06
CA LEU A 48 12.66 6.37 -1.50
C LEU A 48 11.61 7.29 -2.08
N SER A 49 11.74 7.60 -3.38
CA SER A 49 10.82 8.47 -4.09
C SER A 49 9.92 7.65 -5.00
N MET A 50 8.80 8.23 -5.47
CA MET A 50 7.86 7.54 -6.35
C MET A 50 8.42 7.37 -7.76
N GLN A 51 9.51 8.11 -8.05
CA GLN A 51 10.38 7.98 -9.20
C GLN A 51 10.98 6.59 -9.40
N VAL A 52 11.57 6.00 -8.35
CA VAL A 52 12.37 4.79 -8.47
C VAL A 52 11.55 3.50 -8.38
N VAL A 53 10.28 3.62 -7.96
CA VAL A 53 9.34 2.52 -7.88
C VAL A 53 8.34 2.63 -9.03
N ARG A 54 8.11 1.54 -9.78
CA ARG A 54 7.05 1.46 -10.76
C ARG A 54 6.04 0.42 -10.29
N PHE A 55 4.76 0.57 -10.63
CA PHE A 55 3.71 -0.25 -10.03
C PHE A 55 2.50 -0.34 -10.93
N ARG A 56 1.72 -1.43 -10.79
CA ARG A 56 0.49 -1.65 -11.55
C ARG A 56 -0.53 -2.38 -10.68
N PHE A 57 -1.82 -2.19 -10.98
CA PHE A 57 -2.93 -2.86 -10.32
C PHE A 57 -3.88 -3.35 -11.40
N ASP A 58 -4.23 -4.66 -11.36
CA ASP A 58 -5.15 -5.32 -12.30
C ASP A 58 -4.82 -5.12 -13.79
N GLY A 59 -3.53 -4.94 -14.13
CA GLY A 59 -3.03 -4.67 -15.48
C GLY A 59 -2.65 -3.23 -15.72
N GLN A 60 -3.39 -2.29 -15.10
CA GLN A 60 -3.29 -0.87 -15.34
C GLN A 60 -2.35 -0.16 -14.36
N PRO A 61 -1.84 1.05 -14.59
CA PRO A 61 -1.36 1.90 -13.51
C PRO A 61 -2.53 2.41 -12.67
N ILE A 62 -2.28 2.83 -11.42
CA ILE A 62 -3.32 3.16 -10.46
C ILE A 62 -3.02 4.50 -9.81
N ASN A 63 -4.04 5.29 -9.44
CA ASN A 63 -3.86 6.49 -8.66
C ASN A 63 -4.08 6.21 -7.18
N GLU A 64 -3.35 6.92 -6.31
CA GLU A 64 -3.31 6.72 -4.87
C GLU A 64 -4.26 7.68 -4.13
N ASN A 65 -5.04 8.48 -4.87
CA ASN A 65 -5.97 9.43 -4.30
C ASN A 65 -7.25 8.76 -3.79
N ASP A 66 -7.98 8.04 -4.67
CA ASP A 66 -9.26 7.41 -4.39
C ASP A 66 -9.25 6.37 -3.25
N THR A 67 -10.28 6.43 -2.38
CA THR A 67 -10.47 5.55 -1.22
C THR A 67 -11.12 4.23 -1.58
N PRO A 68 -11.04 3.18 -0.76
CA PRO A 68 -11.65 1.90 -1.11
C PRO A 68 -13.16 1.92 -1.00
N THR A 69 -13.74 3.00 -0.44
CA THR A 69 -15.15 3.34 -0.54
C THR A 69 -15.58 3.60 -1.97
N SER A 70 -14.70 4.20 -2.79
CA SER A 70 -14.88 4.38 -4.22
C SER A 70 -14.43 3.18 -5.02
N LEU A 71 -13.32 2.51 -4.62
CA LEU A 71 -12.73 1.41 -5.39
C LEU A 71 -13.51 0.10 -5.33
N GLU A 72 -14.11 -0.25 -4.17
CA GLU A 72 -15.02 -1.38 -3.97
C GLU A 72 -14.37 -2.78 -3.87
N MET A 73 -13.05 -2.89 -4.09
CA MET A 73 -12.31 -4.15 -4.02
C MET A 73 -12.20 -4.81 -2.63
N GLU A 74 -11.71 -6.06 -2.59
CA GLU A 74 -11.76 -6.92 -1.41
C GLU A 74 -10.56 -6.74 -0.48
N GLU A 75 -10.73 -7.09 0.82
CA GLU A 75 -9.71 -6.98 1.85
C GLU A 75 -8.65 -8.09 1.83
N GLY A 76 -7.96 -8.24 0.70
CA GLY A 76 -6.81 -9.11 0.56
C GLY A 76 -6.24 -9.03 -0.82
N ASP A 77 -6.14 -7.80 -1.37
CA ASP A 77 -5.85 -7.59 -2.77
C ASP A 77 -4.36 -7.50 -3.07
N THR A 78 -3.98 -7.65 -4.36
CA THR A 78 -2.62 -7.79 -4.84
C THR A 78 -2.21 -6.65 -5.76
N ILE A 79 -1.23 -5.81 -5.34
CA ILE A 79 -0.63 -4.79 -6.18
C ILE A 79 0.82 -5.19 -6.45
N GLU A 80 1.35 -4.92 -7.68
CA GLU A 80 2.72 -5.27 -8.00
C GLU A 80 3.66 -4.07 -7.95
N VAL A 81 4.94 -4.31 -7.60
CA VAL A 81 6.00 -3.33 -7.57
C VAL A 81 7.17 -3.82 -8.40
N TYR A 82 7.75 -2.95 -9.24
CA TYR A 82 8.96 -3.19 -9.99
C TYR A 82 9.95 -2.05 -9.64
N GLN A 83 11.13 -2.36 -9.08
CA GLN A 83 12.13 -1.36 -8.75
C GLN A 83 13.32 -1.37 -9.71
N GLN A 84 14.21 -0.37 -9.54
CA GLN A 84 15.58 -0.38 -10.01
C GLN A 84 16.51 -1.28 -9.19
N GLN A 85 16.05 -1.77 -8.03
CA GLN A 85 16.84 -2.48 -7.06
C GLN A 85 16.81 -3.98 -7.31
N THR A 86 17.60 -4.75 -6.53
CA THR A 86 17.52 -6.21 -6.50
C THR A 86 17.42 -6.66 -5.04
N GLY A 87 16.38 -6.22 -4.31
CA GLY A 87 16.21 -6.53 -2.89
C GLY A 87 16.74 -5.44 -1.98
N GLY A 88 17.92 -5.67 -1.36
CA GLY A 88 18.56 -4.68 -0.51
C GLY A 88 19.17 -5.30 0.76
N MET A 1 -3.45 6.43 27.70
CA MET A 1 -2.72 5.13 27.77
C MET A 1 -2.72 4.65 29.21
N SER A 2 -2.68 3.32 29.45
CA SER A 2 -2.73 2.78 30.81
C SER A 2 -2.65 1.27 30.81
N ASP A 3 -3.58 0.62 30.09
CA ASP A 3 -3.78 -0.80 30.19
C ASP A 3 -4.53 -1.21 28.93
N GLU A 4 -4.67 -2.52 28.65
CA GLU A 4 -5.37 -2.98 27.45
C GLU A 4 -6.88 -2.99 27.67
N LYS A 5 -7.57 -1.89 27.25
CA LYS A 5 -8.99 -1.73 27.49
C LYS A 5 -9.63 -0.71 26.56
N LYS A 6 -9.20 -0.62 25.29
CA LYS A 6 -9.74 0.37 24.37
C LYS A 6 -10.08 -0.25 23.04
N GLY A 7 -11.21 0.16 22.44
CA GLY A 7 -11.70 -0.36 21.18
C GLY A 7 -11.86 0.74 20.20
N GLY A 8 -11.50 0.51 18.94
CA GLY A 8 -11.56 1.51 17.89
C GLY A 8 -10.72 1.04 16.75
N GLU A 9 -10.59 1.86 15.70
CA GLU A 9 -9.81 1.55 14.51
C GLU A 9 -10.37 0.38 13.70
N THR A 10 -11.71 0.29 13.69
CA THR A 10 -12.47 -0.75 13.01
C THR A 10 -12.53 -0.49 11.52
N GLU A 11 -12.81 -1.55 10.72
CA GLU A 11 -12.93 -1.48 9.28
C GLU A 11 -11.61 -1.23 8.54
N HIS A 12 -10.58 -2.00 8.92
CA HIS A 12 -9.30 -1.99 8.22
C HIS A 12 -9.21 -3.12 7.20
N ILE A 13 -8.72 -2.80 5.99
CA ILE A 13 -8.60 -3.74 4.88
C ILE A 13 -7.15 -4.13 4.68
N ASN A 14 -6.90 -5.35 4.16
CA ASN A 14 -5.56 -5.86 3.90
C ASN A 14 -5.10 -5.56 2.48
N LEU A 15 -3.94 -4.89 2.34
CA LEU A 15 -3.31 -4.63 1.05
C LEU A 15 -2.00 -5.40 0.99
N LYS A 16 -1.80 -6.24 -0.05
CA LYS A 16 -0.59 -6.99 -0.26
C LYS A 16 0.19 -6.44 -1.43
N VAL A 17 1.52 -6.37 -1.31
CA VAL A 17 2.42 -5.84 -2.32
C VAL A 17 3.23 -6.97 -2.91
N LEU A 18 3.16 -7.18 -4.24
CA LEU A 18 3.86 -8.26 -4.92
C LEU A 18 5.00 -7.72 -5.76
N GLY A 19 6.25 -7.76 -5.25
CA GLY A 19 7.41 -7.23 -5.96
C GLY A 19 7.95 -8.14 -7.04
N GLN A 20 8.32 -7.58 -8.20
CA GLN A 20 9.01 -8.27 -9.27
C GLN A 20 10.43 -8.65 -8.86
N ASP A 21 11.03 -7.86 -7.96
CA ASP A 21 12.24 -8.16 -7.23
C ASP A 21 11.99 -9.12 -6.04
N ASN A 22 10.88 -9.89 -6.07
CA ASN A 22 10.58 -11.05 -5.24
C ASN A 22 10.14 -10.75 -3.81
N ALA A 23 10.24 -9.48 -3.37
CA ALA A 23 9.82 -9.06 -2.05
C ALA A 23 8.29 -8.96 -1.91
N VAL A 24 7.73 -9.65 -0.90
CA VAL A 24 6.31 -9.64 -0.62
C VAL A 24 6.06 -9.13 0.79
N VAL A 25 5.24 -8.07 0.93
CA VAL A 25 4.88 -7.49 2.21
C VAL A 25 3.38 -7.22 2.23
N GLN A 26 2.78 -7.03 3.42
CA GLN A 26 1.34 -6.85 3.53
C GLN A 26 0.94 -5.98 4.70
N PHE A 27 0.08 -4.97 4.44
CA PHE A 27 -0.25 -3.90 5.35
C PHE A 27 -1.74 -3.80 5.58
N LYS A 28 -2.16 -3.10 6.66
CA LYS A 28 -3.54 -2.85 6.99
C LYS A 28 -3.80 -1.35 7.00
N ILE A 29 -4.92 -0.88 6.41
CA ILE A 29 -5.28 0.54 6.40
C ILE A 29 -6.77 0.67 6.64
N LYS A 30 -7.27 1.79 7.23
CA LYS A 30 -8.70 2.10 7.26
C LYS A 30 -9.19 2.38 5.85
N LYS A 31 -10.28 1.74 5.39
CA LYS A 31 -10.67 1.80 3.99
C LYS A 31 -11.10 3.19 3.52
N HIS A 32 -11.72 4.00 4.39
CA HIS A 32 -12.10 5.37 4.05
C HIS A 32 -10.96 6.36 4.25
N THR A 33 -9.76 6.08 3.69
CA THR A 33 -8.62 7.00 3.70
C THR A 33 -7.91 6.90 2.35
N PRO A 34 -7.26 7.93 1.82
CA PRO A 34 -6.59 7.83 0.51
C PRO A 34 -5.26 7.08 0.60
N LEU A 35 -4.90 6.34 -0.46
CA LEU A 35 -3.73 5.47 -0.47
C LEU A 35 -2.41 6.25 -0.52
N ARG A 36 -2.41 7.45 -1.13
CA ARG A 36 -1.27 8.36 -1.16
C ARG A 36 -0.77 8.76 0.22
N LYS A 37 -1.64 8.75 1.25
CA LYS A 37 -1.24 8.91 2.64
C LYS A 37 -0.27 7.82 3.10
N LEU A 38 -0.56 6.54 2.75
CA LEU A 38 0.30 5.41 3.03
C LEU A 38 1.61 5.51 2.26
N MET A 39 1.57 5.80 0.94
CA MET A 39 2.75 6.04 0.11
C MET A 39 3.69 7.11 0.67
N ASN A 40 3.17 8.31 1.00
CA ASN A 40 3.92 9.39 1.61
C ASN A 40 4.50 9.01 2.98
N ALA A 41 3.69 8.42 3.87
CA ALA A 41 4.15 7.94 5.17
C ALA A 41 5.23 6.87 5.08
N TYR A 42 5.11 5.94 4.12
CA TYR A 42 6.09 4.88 3.90
C TYR A 42 7.42 5.42 3.41
N CYS A 43 7.45 6.30 2.37
CA CYS A 43 8.71 6.87 1.88
C CYS A 43 9.41 7.78 2.90
N ASP A 44 8.65 8.59 3.66
CA ASP A 44 9.16 9.41 4.76
C ASP A 44 9.74 8.60 5.93
N ARG A 45 9.35 7.32 6.11
CA ARG A 45 9.95 6.40 7.07
C ARG A 45 11.08 5.59 6.46
N ALA A 46 10.91 5.05 5.24
CA ALA A 46 11.90 4.23 4.56
C ALA A 46 13.17 5.00 4.14
N GLY A 47 13.00 6.15 3.47
CA GLY A 47 14.11 6.92 2.91
C GLY A 47 14.46 6.46 1.52
N LEU A 48 13.50 6.55 0.59
CA LEU A 48 13.67 6.14 -0.78
C LEU A 48 12.83 7.04 -1.67
N SER A 49 12.93 6.89 -3.00
CA SER A 49 12.19 7.70 -3.95
C SER A 49 11.02 6.94 -4.52
N MET A 50 9.84 7.58 -4.66
CA MET A 50 8.64 6.96 -5.20
C MET A 50 8.79 6.55 -6.65
N GLN A 51 9.50 7.40 -7.42
CA GLN A 51 9.92 7.26 -8.81
C GLN A 51 10.34 5.87 -9.28
N VAL A 52 11.13 5.14 -8.47
CA VAL A 52 11.70 3.86 -8.83
C VAL A 52 10.89 2.67 -8.34
N VAL A 53 9.81 2.89 -7.56
CA VAL A 53 8.98 1.83 -7.01
C VAL A 53 7.63 1.83 -7.72
N ARG A 54 7.55 1.20 -8.91
CA ARG A 54 6.38 1.36 -9.77
C ARG A 54 5.28 0.34 -9.54
N PHE A 55 4.26 0.75 -8.79
CA PHE A 55 3.03 0.02 -8.55
C PHE A 55 2.09 0.01 -9.77
N ARG A 56 1.37 -1.11 -9.99
CA ARG A 56 0.23 -1.18 -10.89
C ARG A 56 -0.84 -2.04 -10.22
N PHE A 57 -2.13 -1.66 -10.39
CA PHE A 57 -3.28 -2.33 -9.82
C PHE A 57 -4.04 -2.95 -10.98
N ASP A 58 -4.33 -4.27 -10.95
CA ASP A 58 -5.03 -4.99 -12.00
C ASP A 58 -4.26 -4.94 -13.35
N GLY A 59 -2.93 -4.77 -13.26
CA GLY A 59 -2.04 -4.51 -14.39
C GLY A 59 -2.05 -3.09 -14.90
N GLN A 60 -2.83 -2.16 -14.31
CA GLN A 60 -3.05 -0.81 -14.80
C GLN A 60 -2.47 0.27 -13.88
N PRO A 61 -2.12 1.48 -14.32
CA PRO A 61 -1.85 2.59 -13.42
C PRO A 61 -3.14 3.15 -12.83
N ILE A 62 -3.09 3.84 -11.68
CA ILE A 62 -4.28 4.22 -10.96
C ILE A 62 -4.00 5.47 -10.15
N ASN A 63 -5.04 6.25 -9.77
CA ASN A 63 -4.90 7.40 -8.89
C ASN A 63 -4.59 6.95 -7.47
N GLU A 64 -3.50 7.50 -6.89
CA GLU A 64 -3.05 7.18 -5.54
C GLU A 64 -3.90 7.86 -4.48
N ASN A 65 -4.46 9.04 -4.80
CA ASN A 65 -5.26 9.84 -3.89
C ASN A 65 -6.70 9.34 -3.85
N ASP A 66 -7.03 8.28 -4.61
CA ASP A 66 -8.37 7.78 -4.75
C ASP A 66 -8.84 6.89 -3.60
N THR A 67 -10.04 6.31 -3.77
CA THR A 67 -10.80 5.70 -2.69
C THR A 67 -11.18 4.26 -3.02
N PRO A 68 -11.02 3.26 -2.14
CA PRO A 68 -11.46 1.89 -2.43
C PRO A 68 -12.97 1.72 -2.30
N THR A 69 -13.71 2.80 -1.97
CA THR A 69 -15.16 2.91 -2.11
C THR A 69 -15.52 3.12 -3.57
N SER A 70 -14.77 3.97 -4.30
CA SER A 70 -14.91 4.13 -5.76
C SER A 70 -14.66 2.83 -6.50
N LEU A 71 -13.54 2.15 -6.16
CA LEU A 71 -13.15 0.89 -6.76
C LEU A 71 -14.01 -0.31 -6.34
N GLU A 72 -14.74 -0.19 -5.22
CA GLU A 72 -15.57 -1.24 -4.63
C GLU A 72 -14.85 -2.55 -4.33
N MET A 73 -13.71 -2.47 -3.62
CA MET A 73 -12.95 -3.64 -3.21
C MET A 73 -13.33 -4.10 -1.80
N GLU A 74 -13.20 -5.41 -1.53
CA GLU A 74 -13.56 -6.05 -0.28
C GLU A 74 -12.37 -6.16 0.68
N GLU A 75 -11.70 -7.33 0.78
CA GLU A 75 -10.40 -7.42 1.43
C GLU A 75 -9.47 -8.18 0.52
N GLY A 76 -8.15 -8.00 0.65
CA GLY A 76 -7.15 -8.75 -0.10
C GLY A 76 -6.76 -8.11 -1.39
N ASP A 77 -6.20 -6.89 -1.32
CA ASP A 77 -5.64 -6.23 -2.48
C ASP A 77 -4.31 -6.88 -2.85
N THR A 78 -3.91 -6.78 -4.12
CA THR A 78 -2.73 -7.42 -4.68
C THR A 78 -2.11 -6.48 -5.68
N ILE A 79 -1.33 -5.50 -5.19
CA ILE A 79 -0.73 -4.49 -6.04
C ILE A 79 0.67 -4.93 -6.47
N GLU A 80 0.93 -4.99 -7.79
CA GLU A 80 2.18 -5.52 -8.30
C GLU A 80 3.20 -4.41 -8.52
N VAL A 81 4.45 -4.63 -8.07
CA VAL A 81 5.48 -3.60 -8.04
C VAL A 81 6.66 -4.01 -8.89
N TYR A 82 7.03 -3.13 -9.85
CA TYR A 82 8.24 -3.27 -10.61
C TYR A 82 9.25 -2.26 -10.07
N GLN A 83 10.31 -2.74 -9.38
CA GLN A 83 11.44 -1.90 -9.07
C GLN A 83 12.43 -1.94 -10.23
N GLN A 84 13.46 -1.08 -10.27
CA GLN A 84 14.58 -1.24 -11.19
C GLN A 84 15.48 -2.42 -10.79
N GLN A 85 16.40 -2.87 -11.65
CA GLN A 85 17.22 -4.04 -11.34
C GLN A 85 18.51 -3.69 -10.58
N THR A 86 19.21 -4.75 -10.09
CA THR A 86 20.46 -4.66 -9.33
C THR A 86 20.21 -4.21 -7.90
N GLY A 87 19.66 -5.12 -7.07
CA GLY A 87 19.39 -4.87 -5.66
C GLY A 87 19.41 -6.12 -4.83
N GLY A 88 18.23 -6.57 -4.37
CA GLY A 88 18.13 -7.75 -3.52
C GLY A 88 16.66 -8.15 -3.31
N MET A 1 -4.93 1.45 30.07
CA MET A 1 -3.49 1.47 30.46
C MET A 1 -2.61 1.08 29.28
N SER A 2 -1.41 0.52 29.55
CA SER A 2 -0.37 0.23 28.58
C SER A 2 -0.50 -1.16 27.97
N ASP A 3 0.63 -1.76 27.49
CA ASP A 3 0.73 -3.13 27.01
C ASP A 3 -0.28 -3.50 25.90
N GLU A 4 -0.40 -2.65 24.86
CA GLU A 4 -1.23 -2.86 23.68
C GLU A 4 -2.70 -3.25 23.92
N LYS A 5 -3.38 -2.65 24.91
CA LYS A 5 -4.80 -2.88 25.11
C LYS A 5 -5.50 -1.62 25.60
N LYS A 6 -5.26 -0.52 24.87
CA LYS A 6 -6.00 0.71 24.93
C LYS A 6 -6.55 1.01 23.54
N GLY A 7 -7.42 2.03 23.40
CA GLY A 7 -7.81 2.54 22.09
C GLY A 7 -8.88 1.76 21.39
N GLY A 8 -8.52 0.62 20.77
CA GLY A 8 -9.43 -0.19 19.97
C GLY A 8 -9.43 0.26 18.52
N GLU A 9 -9.02 -0.63 17.60
CA GLU A 9 -8.92 -0.31 16.19
C GLU A 9 -9.51 -1.44 15.37
N THR A 10 -10.51 -1.16 14.51
CA THR A 10 -11.18 -2.17 13.70
C THR A 10 -11.49 -1.57 12.33
N GLU A 11 -12.36 -2.21 11.52
CA GLU A 11 -12.83 -1.79 10.21
C GLU A 11 -11.72 -1.47 9.19
N HIS A 12 -10.94 -2.49 8.82
CA HIS A 12 -9.74 -2.30 8.02
C HIS A 12 -9.54 -3.37 6.95
N ILE A 13 -8.93 -2.96 5.83
CA ILE A 13 -8.66 -3.79 4.66
C ILE A 13 -7.19 -4.18 4.61
N ASN A 14 -6.82 -5.11 3.70
CA ASN A 14 -5.44 -5.51 3.53
C ASN A 14 -4.98 -5.30 2.10
N LEU A 15 -3.78 -4.70 1.96
CA LEU A 15 -3.11 -4.51 0.68
C LEU A 15 -1.91 -5.42 0.67
N LYS A 16 -1.71 -6.21 -0.40
CA LYS A 16 -0.54 -7.06 -0.53
C LYS A 16 0.30 -6.58 -1.68
N VAL A 17 1.50 -6.03 -1.40
CA VAL A 17 2.36 -5.48 -2.43
C VAL A 17 3.35 -6.53 -2.88
N LEU A 18 3.20 -7.03 -4.12
CA LEU A 18 4.05 -8.09 -4.67
C LEU A 18 5.28 -7.50 -5.33
N GLY A 19 6.49 -7.86 -4.87
CA GLY A 19 7.74 -7.38 -5.44
C GLY A 19 8.24 -8.19 -6.61
N GLN A 20 8.85 -7.51 -7.59
CA GLN A 20 9.40 -8.13 -8.78
C GLN A 20 10.62 -9.01 -8.52
N ASP A 21 11.43 -8.72 -7.47
CA ASP A 21 12.33 -9.73 -6.93
C ASP A 21 11.67 -10.43 -5.75
N ASN A 22 10.61 -11.20 -6.03
CA ASN A 22 10.11 -12.30 -5.22
C ASN A 22 9.36 -11.96 -3.94
N ALA A 23 9.86 -11.03 -3.11
CA ALA A 23 9.32 -10.75 -1.81
C ALA A 23 8.02 -9.93 -1.82
N VAL A 24 7.01 -10.39 -1.05
CA VAL A 24 5.73 -9.74 -0.91
C VAL A 24 5.68 -9.02 0.43
N VAL A 25 5.13 -7.78 0.49
CA VAL A 25 4.98 -7.02 1.72
C VAL A 25 3.52 -6.68 1.91
N GLN A 26 2.94 -6.98 3.09
CA GLN A 26 1.53 -6.77 3.35
C GLN A 26 1.26 -5.58 4.28
N PHE A 27 0.24 -4.77 3.96
CA PHE A 27 -0.16 -3.60 4.72
C PHE A 27 -1.61 -3.71 5.20
N LYS A 28 -2.01 -2.79 6.10
CA LYS A 28 -3.30 -2.81 6.76
C LYS A 28 -3.73 -1.36 7.01
N ILE A 29 -4.95 -0.97 6.55
CA ILE A 29 -5.40 0.42 6.61
C ILE A 29 -6.92 0.45 6.80
N LYS A 30 -7.49 1.52 7.38
CA LYS A 30 -8.93 1.70 7.39
C LYS A 30 -9.44 2.14 6.02
N LYS A 31 -10.76 2.00 5.79
CA LYS A 31 -11.41 2.51 4.60
C LYS A 31 -11.62 4.04 4.61
N HIS A 32 -11.45 4.67 5.79
CA HIS A 32 -11.64 6.09 6.03
C HIS A 32 -10.37 6.90 5.90
N THR A 33 -9.19 6.26 6.00
CA THR A 33 -7.90 6.92 5.84
C THR A 33 -7.38 6.59 4.45
N PRO A 34 -6.96 7.53 3.60
CA PRO A 34 -6.83 7.24 2.18
C PRO A 34 -5.52 6.53 1.85
N LEU A 35 -5.48 5.82 0.70
CA LEU A 35 -4.33 5.07 0.21
C LEU A 35 -3.09 5.95 0.06
N ARG A 36 -3.27 7.19 -0.46
CA ARG A 36 -2.25 8.22 -0.52
C ARG A 36 -1.55 8.55 0.78
N LYS A 37 -2.26 8.50 1.94
CA LYS A 37 -1.65 8.76 3.22
C LYS A 37 -0.63 7.70 3.59
N LEU A 38 -0.97 6.42 3.37
CA LEU A 38 -0.09 5.29 3.53
C LEU A 38 1.12 5.36 2.58
N MET A 39 0.88 5.66 1.29
CA MET A 39 1.93 5.90 0.32
C MET A 39 2.93 6.98 0.73
N ASN A 40 2.48 8.23 0.97
CA ASN A 40 3.35 9.31 1.40
C ASN A 40 4.06 9.04 2.74
N ALA A 41 3.36 8.44 3.73
CA ALA A 41 3.98 8.04 4.98
C ALA A 41 5.10 7.00 4.84
N TYR A 42 4.88 5.92 4.06
CA TYR A 42 5.91 4.93 3.80
C TYR A 42 7.05 5.46 2.94
N CYS A 43 6.81 6.38 1.97
CA CYS A 43 7.87 7.10 1.28
C CYS A 43 8.82 7.85 2.23
N ASP A 44 8.26 8.74 3.09
CA ASP A 44 8.99 9.48 4.11
C ASP A 44 9.75 8.57 5.10
N ARG A 45 9.11 7.48 5.58
CA ARG A 45 9.72 6.56 6.52
C ARG A 45 10.75 5.61 5.93
N ALA A 46 10.55 5.11 4.70
CA ALA A 46 11.51 4.26 4.03
C ALA A 46 12.73 5.04 3.57
N GLY A 47 12.53 6.20 2.93
CA GLY A 47 13.62 6.95 2.31
C GLY A 47 14.02 6.35 1.00
N LEU A 48 13.03 5.83 0.26
CA LEU A 48 13.20 5.18 -1.01
C LEU A 48 13.18 6.20 -2.16
N SER A 49 13.60 5.78 -3.37
CA SER A 49 13.65 6.67 -4.51
C SER A 49 12.54 6.36 -5.49
N MET A 50 11.61 7.31 -5.70
CA MET A 50 10.46 7.12 -6.57
C MET A 50 10.81 7.03 -8.07
N GLN A 51 12.06 7.42 -8.43
CA GLN A 51 12.67 7.19 -9.72
C GLN A 51 13.01 5.71 -10.02
N VAL A 52 12.98 4.80 -9.03
CA VAL A 52 13.22 3.37 -9.25
C VAL A 52 12.04 2.51 -8.82
N VAL A 53 10.85 3.12 -8.59
CA VAL A 53 9.67 2.41 -8.12
C VAL A 53 8.50 2.74 -9.03
N ARG A 54 7.73 1.73 -9.50
CA ARG A 54 6.43 1.93 -10.13
C ARG A 54 5.52 0.79 -9.72
N PHE A 55 4.19 1.03 -9.63
CA PHE A 55 3.21 0.06 -9.20
C PHE A 55 2.07 -0.04 -10.20
N ARG A 56 1.39 -1.21 -10.29
CA ARG A 56 0.30 -1.39 -11.23
C ARG A 56 -0.66 -2.50 -10.83
N PHE A 57 -1.90 -2.48 -11.36
CA PHE A 57 -2.91 -3.50 -11.18
C PHE A 57 -3.51 -3.73 -12.57
N ASP A 58 -3.74 -5.00 -12.99
CA ASP A 58 -4.20 -5.37 -14.33
C ASP A 58 -3.45 -4.69 -15.48
N GLY A 59 -2.11 -4.62 -15.41
CA GLY A 59 -1.27 -3.91 -16.38
C GLY A 59 -1.12 -2.42 -16.14
N GLN A 60 -2.14 -1.76 -15.57
CA GLN A 60 -2.30 -0.31 -15.58
C GLN A 60 -1.76 0.40 -14.32
N PRO A 61 -1.08 1.55 -14.40
CA PRO A 61 -0.76 2.35 -13.22
C PRO A 61 -2.00 3.05 -12.67
N ILE A 62 -2.14 3.08 -11.33
CA ILE A 62 -3.36 3.54 -10.66
C ILE A 62 -3.16 4.91 -10.00
N ASN A 63 -4.27 5.61 -9.67
CA ASN A 63 -4.27 6.83 -8.87
C ASN A 63 -4.64 6.50 -7.44
N GLU A 64 -3.77 6.82 -6.46
CA GLU A 64 -3.92 6.51 -5.06
C GLU A 64 -4.83 7.47 -4.28
N ASN A 65 -5.57 8.33 -5.01
CA ASN A 65 -6.48 9.33 -4.48
C ASN A 65 -7.95 8.90 -4.60
N ASP A 66 -8.22 7.69 -5.11
CA ASP A 66 -9.56 7.10 -5.14
C ASP A 66 -9.88 6.45 -3.77
N THR A 67 -11.13 6.01 -3.52
CA THR A 67 -11.53 5.54 -2.19
C THR A 67 -12.28 4.20 -2.24
N PRO A 68 -12.19 3.34 -1.24
CA PRO A 68 -12.96 2.08 -1.24
C PRO A 68 -14.42 2.26 -0.87
N THR A 69 -14.91 3.51 -0.63
CA THR A 69 -16.35 3.77 -0.60
C THR A 69 -16.86 4.13 -1.98
N SER A 70 -16.01 4.77 -2.83
CA SER A 70 -16.30 5.02 -4.24
C SER A 70 -16.36 3.74 -5.07
N LEU A 71 -15.55 2.71 -4.76
CA LEU A 71 -15.51 1.47 -5.51
C LEU A 71 -16.26 0.36 -4.81
N GLU A 72 -15.73 -0.12 -3.67
CA GLU A 72 -16.28 -1.16 -2.80
C GLU A 72 -15.90 -2.56 -3.27
N MET A 73 -14.60 -2.78 -3.56
CA MET A 73 -14.11 -4.10 -3.90
C MET A 73 -12.70 -4.35 -3.40
N GLU A 74 -12.03 -3.35 -2.81
CA GLU A 74 -10.66 -3.41 -2.36
C GLU A 74 -10.49 -3.95 -0.94
N GLU A 75 -11.17 -5.07 -0.59
CA GLU A 75 -10.97 -5.69 0.70
C GLU A 75 -9.70 -6.53 0.73
N GLY A 76 -9.42 -7.25 -0.38
CA GLY A 76 -8.20 -8.02 -0.57
C GLY A 76 -7.49 -7.61 -1.83
N ASP A 77 -6.55 -6.67 -1.72
CA ASP A 77 -5.73 -6.23 -2.83
C ASP A 77 -4.50 -7.14 -3.02
N THR A 78 -3.88 -7.05 -4.21
CA THR A 78 -2.68 -7.75 -4.65
C THR A 78 -1.95 -6.92 -5.69
N ILE A 79 -1.67 -5.63 -5.42
CA ILE A 79 -0.93 -4.77 -6.34
C ILE A 79 0.54 -5.16 -6.51
N GLU A 80 1.10 -5.13 -7.75
CA GLU A 80 2.51 -5.44 -7.96
C GLU A 80 3.38 -4.18 -8.01
N VAL A 81 4.66 -4.31 -7.60
CA VAL A 81 5.63 -3.22 -7.65
C VAL A 81 6.89 -3.62 -8.43
N TYR A 82 7.28 -2.77 -9.39
CA TYR A 82 8.54 -2.87 -10.10
C TYR A 82 9.60 -2.11 -9.29
N GLN A 83 10.78 -2.72 -9.11
CA GLN A 83 11.80 -2.28 -8.19
C GLN A 83 13.16 -2.38 -8.88
N GLN A 84 14.17 -1.58 -8.47
CA GLN A 84 15.53 -1.80 -8.96
C GLN A 84 16.26 -2.93 -8.26
N GLN A 85 15.83 -3.30 -7.03
CA GLN A 85 16.53 -4.28 -6.22
C GLN A 85 16.32 -5.70 -6.70
N THR A 86 17.40 -6.44 -6.95
CA THR A 86 17.32 -7.86 -7.23
C THR A 86 18.45 -8.56 -6.52
N GLY A 87 18.20 -9.69 -5.85
CA GLY A 87 19.27 -10.49 -5.27
C GLY A 87 18.77 -11.70 -4.56
N GLY A 88 18.14 -11.51 -3.41
CA GLY A 88 17.65 -12.59 -2.58
C GLY A 88 17.24 -12.02 -1.21
N MET A 1 -3.30 -2.02 21.94
CA MET A 1 -2.67 -2.14 23.29
C MET A 1 -1.25 -2.72 23.22
N SER A 2 -0.33 -2.09 22.44
CA SER A 2 1.05 -2.51 22.21
C SER A 2 1.19 -3.83 21.48
N ASP A 3 0.96 -4.97 22.19
CA ASP A 3 0.88 -6.29 21.60
C ASP A 3 -0.55 -6.49 21.08
N GLU A 4 -0.88 -5.78 19.97
CA GLU A 4 -2.19 -5.35 19.47
C GLU A 4 -3.41 -5.51 20.37
N LYS A 5 -3.94 -6.73 20.49
CA LYS A 5 -4.86 -7.18 21.53
C LYS A 5 -6.33 -6.82 21.35
N LYS A 6 -6.66 -5.92 20.42
CA LYS A 6 -8.05 -5.62 20.11
C LYS A 6 -8.57 -6.54 19.01
N GLY A 7 -9.89 -6.80 19.00
CA GLY A 7 -10.53 -7.60 17.95
C GLY A 7 -10.94 -6.79 16.77
N GLY A 8 -11.28 -5.51 16.98
CA GLY A 8 -11.67 -4.59 15.92
C GLY A 8 -11.22 -3.19 16.20
N GLU A 9 -11.25 -2.33 15.18
CA GLU A 9 -10.98 -0.91 15.27
C GLU A 9 -12.11 -0.12 14.65
N THR A 10 -12.36 -0.36 13.34
CA THR A 10 -13.44 0.20 12.53
C THR A 10 -13.39 -0.58 11.23
N GLU A 11 -14.16 -0.20 10.19
CA GLU A 11 -14.09 -0.77 8.86
C GLU A 11 -12.69 -0.63 8.21
N HIS A 12 -12.06 -1.76 7.81
CA HIS A 12 -10.67 -1.78 7.37
C HIS A 12 -10.44 -2.90 6.39
N ILE A 13 -9.38 -2.81 5.55
CA ILE A 13 -8.94 -3.91 4.70
C ILE A 13 -7.43 -4.03 4.73
N ASN A 14 -6.85 -5.16 4.28
CA ASN A 14 -5.42 -5.28 4.04
C ASN A 14 -5.11 -5.25 2.56
N LEU A 15 -3.90 -4.75 2.23
CA LEU A 15 -3.31 -4.83 0.90
C LEU A 15 -2.01 -5.63 1.00
N LYS A 16 -1.72 -6.47 -0.01
CA LYS A 16 -0.44 -7.09 -0.22
C LYS A 16 0.31 -6.38 -1.33
N VAL A 17 1.61 -6.10 -1.11
CA VAL A 17 2.47 -5.48 -2.10
C VAL A 17 3.45 -6.52 -2.63
N LEU A 18 3.33 -6.88 -3.91
CA LEU A 18 4.20 -7.85 -4.54
C LEU A 18 5.43 -7.15 -5.09
N GLY A 19 6.52 -7.10 -4.28
CA GLY A 19 7.80 -6.54 -4.69
C GLY A 19 8.58 -7.51 -5.52
N GLN A 20 8.94 -7.12 -6.76
CA GLN A 20 9.54 -8.03 -7.73
C GLN A 20 10.95 -8.54 -7.42
N ASP A 21 11.68 -7.88 -6.49
CA ASP A 21 12.94 -8.36 -5.94
C ASP A 21 12.75 -9.37 -4.81
N ASN A 22 11.49 -9.85 -4.63
CA ASN A 22 11.02 -10.83 -3.66
C ASN A 22 10.81 -10.25 -2.28
N ALA A 23 10.91 -8.92 -2.13
CA ALA A 23 10.66 -8.21 -0.90
C ALA A 23 9.17 -7.89 -0.71
N VAL A 24 8.37 -8.94 -0.47
CA VAL A 24 6.92 -8.88 -0.32
C VAL A 24 6.53 -8.35 1.06
N VAL A 25 5.53 -7.44 1.12
CA VAL A 25 5.09 -6.85 2.38
C VAL A 25 3.57 -6.71 2.34
N GLN A 26 2.89 -6.59 3.49
CA GLN A 26 1.47 -6.39 3.53
C GLN A 26 1.11 -5.50 4.71
N PHE A 27 -0.02 -4.77 4.61
CA PHE A 27 -0.41 -3.81 5.64
C PHE A 27 -1.91 -3.61 5.66
N LYS A 28 -2.46 -3.21 6.82
CA LYS A 28 -3.86 -2.86 6.96
C LYS A 28 -4.09 -1.37 6.85
N ILE A 29 -5.09 -0.97 6.04
CA ILE A 29 -5.48 0.41 5.83
C ILE A 29 -6.86 0.63 6.42
N LYS A 30 -7.10 1.84 6.99
CA LYS A 30 -8.38 2.25 7.54
C LYS A 30 -9.26 2.70 6.38
N LYS A 31 -10.49 2.16 6.20
CA LYS A 31 -11.11 2.17 4.88
C LYS A 31 -11.70 3.51 4.42
N HIS A 32 -11.73 4.53 5.30
CA HIS A 32 -12.01 5.91 4.91
C HIS A 32 -10.93 6.53 4.04
N THR A 33 -9.64 6.38 4.44
CA THR A 33 -8.54 7.18 3.93
C THR A 33 -8.12 6.81 2.51
N PRO A 34 -7.77 7.75 1.63
CA PRO A 34 -7.13 7.43 0.34
C PRO A 34 -5.70 6.98 0.55
N LEU A 35 -5.03 6.51 -0.52
CA LEU A 35 -3.80 5.75 -0.41
C LEU A 35 -2.58 6.62 -0.07
N ARG A 36 -2.58 7.90 -0.47
CA ARG A 36 -1.46 8.83 -0.37
C ARG A 36 -0.71 8.90 0.96
N LYS A 37 -1.44 9.00 2.10
CA LYS A 37 -0.85 9.03 3.44
C LYS A 37 -0.09 7.76 3.77
N LEU A 38 -0.58 6.60 3.28
CA LEU A 38 0.09 5.33 3.44
C LEU A 38 1.28 5.22 2.48
N MET A 39 1.09 5.54 1.19
CA MET A 39 2.10 5.53 0.14
C MET A 39 3.37 6.29 0.50
N ASN A 40 3.26 7.60 0.70
CA ASN A 40 4.41 8.45 0.95
C ASN A 40 5.02 8.23 2.33
N ALA A 41 4.23 7.79 3.33
CA ALA A 41 4.77 7.30 4.58
C ALA A 41 5.62 6.05 4.41
N TYR A 42 5.19 5.05 3.62
CA TYR A 42 6.03 3.89 3.33
C TYR A 42 7.31 4.24 2.57
N CYS A 43 7.24 5.15 1.57
CA CYS A 43 8.41 5.70 0.89
C CYS A 43 9.42 6.33 1.84
N ASP A 44 9.00 7.33 2.64
CA ASP A 44 9.85 8.08 3.53
C ASP A 44 10.26 7.33 4.81
N ARG A 45 9.48 6.36 5.31
CA ARG A 45 9.88 5.52 6.44
C ARG A 45 10.77 4.35 6.03
N ALA A 46 10.77 3.95 4.74
CA ALA A 46 11.74 3.01 4.19
C ALA A 46 13.02 3.69 3.72
N GLY A 47 12.90 4.86 3.04
CA GLY A 47 14.02 5.65 2.53
C GLY A 47 14.19 5.54 1.04
N LEU A 48 13.08 5.57 0.28
CA LEU A 48 13.11 5.37 -1.16
C LEU A 48 12.23 6.37 -1.88
N SER A 49 12.28 6.40 -3.24
CA SER A 49 11.64 7.44 -4.04
C SER A 49 10.60 6.85 -4.98
N MET A 50 9.47 7.57 -5.21
CA MET A 50 8.41 7.15 -6.10
C MET A 50 8.83 7.13 -7.58
N GLN A 51 9.84 7.95 -7.95
CA GLN A 51 10.54 7.89 -9.23
C GLN A 51 11.04 6.52 -9.67
N VAL A 52 11.75 5.77 -8.79
CA VAL A 52 12.31 4.47 -9.16
C VAL A 52 11.29 3.35 -9.03
N VAL A 53 10.36 3.45 -8.07
CA VAL A 53 9.28 2.50 -7.88
C VAL A 53 8.26 2.59 -8.99
N ARG A 54 8.02 1.49 -9.74
CA ARG A 54 7.03 1.45 -10.80
C ARG A 54 5.93 0.48 -10.40
N PHE A 55 4.80 1.02 -9.90
CA PHE A 55 3.70 0.23 -9.37
C PHE A 55 2.55 0.13 -10.37
N ARG A 56 1.85 -1.01 -10.39
CA ARG A 56 0.65 -1.15 -11.20
C ARG A 56 -0.40 -1.95 -10.44
N PHE A 57 -1.69 -1.63 -10.65
CA PHE A 57 -2.80 -2.38 -10.11
C PHE A 57 -3.71 -2.68 -11.29
N ASP A 58 -4.33 -3.89 -11.33
CA ASP A 58 -5.20 -4.30 -12.43
C ASP A 58 -4.42 -4.40 -13.76
N GLY A 59 -3.08 -4.56 -13.67
CA GLY A 59 -2.15 -4.48 -14.79
C GLY A 59 -1.71 -3.07 -15.14
N GLN A 60 -2.46 -2.06 -14.68
CA GLN A 60 -2.46 -0.70 -15.19
C GLN A 60 -1.91 0.33 -14.19
N PRO A 61 -1.56 1.55 -14.60
CA PRO A 61 -1.27 2.63 -13.65
C PRO A 61 -2.54 3.13 -12.94
N ILE A 62 -2.58 2.99 -11.60
CA ILE A 62 -3.70 3.37 -10.74
C ILE A 62 -3.53 4.77 -10.16
N ASN A 63 -4.65 5.52 -10.00
CA ASN A 63 -4.67 6.82 -9.36
C ASN A 63 -5.08 6.74 -7.89
N GLU A 64 -4.23 7.24 -6.97
CA GLU A 64 -4.43 7.15 -5.53
C GLU A 64 -5.54 8.01 -4.93
N ASN A 65 -6.21 8.84 -5.77
CA ASN A 65 -7.23 9.77 -5.36
C ASN A 65 -8.61 9.12 -5.29
N ASP A 66 -8.82 7.99 -6.01
CA ASP A 66 -10.03 7.20 -5.94
C ASP A 66 -10.08 6.47 -4.59
N THR A 67 -11.15 6.70 -3.82
CA THR A 67 -11.24 6.19 -2.46
C THR A 67 -11.64 4.71 -2.45
N PRO A 68 -11.21 3.84 -1.54
CA PRO A 68 -11.50 2.41 -1.66
C PRO A 68 -12.96 2.08 -1.42
N THR A 69 -13.75 2.99 -0.83
CA THR A 69 -15.21 2.85 -0.78
C THR A 69 -15.88 3.23 -2.09
N SER A 70 -15.24 4.09 -2.91
CA SER A 70 -15.67 4.36 -4.29
C SER A 70 -15.37 3.18 -5.19
N LEU A 71 -14.19 2.58 -5.01
CA LEU A 71 -13.74 1.41 -5.75
C LEU A 71 -14.54 0.13 -5.43
N GLU A 72 -14.97 -0.04 -4.16
CA GLU A 72 -15.81 -1.14 -3.70
C GLU A 72 -15.10 -2.49 -3.71
N MET A 73 -13.84 -2.53 -3.22
CA MET A 73 -13.05 -3.74 -3.15
C MET A 73 -13.13 -4.40 -1.76
N GLU A 74 -12.39 -5.51 -1.59
CA GLU A 74 -12.59 -6.46 -0.52
C GLU A 74 -11.37 -6.63 0.39
N GLU A 75 -11.45 -7.55 1.38
CA GLU A 75 -10.44 -7.71 2.40
C GLU A 75 -9.27 -8.60 1.96
N GLY A 76 -8.26 -8.01 1.30
CA GLY A 76 -7.04 -8.70 0.91
C GLY A 76 -6.67 -8.42 -0.52
N ASP A 77 -6.36 -7.15 -0.83
CA ASP A 77 -6.12 -6.72 -2.20
C ASP A 77 -4.64 -6.86 -2.59
N THR A 78 -4.32 -6.87 -3.90
CA THR A 78 -2.97 -7.22 -4.40
C THR A 78 -2.43 -6.27 -5.44
N ILE A 79 -1.34 -5.53 -5.13
CA ILE A 79 -0.70 -4.59 -6.06
C ILE A 79 0.71 -5.04 -6.44
N GLU A 80 1.11 -4.92 -7.73
CA GLU A 80 2.45 -5.30 -8.17
C GLU A 80 3.40 -4.11 -8.16
N VAL A 81 4.65 -4.34 -7.70
CA VAL A 81 5.67 -3.32 -7.63
C VAL A 81 6.95 -3.78 -8.31
N TYR A 82 7.33 -3.08 -9.40
CA TYR A 82 8.63 -3.21 -10.01
C TYR A 82 9.59 -2.23 -9.35
N GLN A 83 10.70 -2.75 -8.82
CA GLN A 83 11.77 -1.98 -8.21
C GLN A 83 13.07 -2.57 -8.73
N GLN A 84 14.04 -1.72 -9.10
CA GLN A 84 15.37 -2.19 -9.48
C GLN A 84 16.40 -1.16 -9.10
N GLN A 85 16.43 -0.01 -9.81
CA GLN A 85 17.39 1.06 -9.62
C GLN A 85 17.32 1.68 -8.22
N THR A 86 18.44 1.74 -7.51
CA THR A 86 18.43 2.00 -6.08
C THR A 86 18.45 3.47 -5.71
N GLY A 87 18.06 3.74 -4.44
CA GLY A 87 18.16 5.05 -3.81
C GLY A 87 19.17 5.03 -2.69
N GLY A 88 19.28 3.90 -1.99
CA GLY A 88 20.22 3.72 -0.90
C GLY A 88 20.14 2.31 -0.32
N MET A 1 -4.71 -3.00 21.94
CA MET A 1 -4.04 -3.39 23.22
C MET A 1 -2.56 -3.06 23.16
N SER A 2 -1.85 -2.96 24.30
CA SER A 2 -0.44 -2.57 24.30
C SER A 2 0.44 -3.80 24.14
N ASP A 3 0.32 -4.44 22.95
CA ASP A 3 0.83 -5.75 22.64
C ASP A 3 1.47 -5.75 21.26
N GLU A 4 0.60 -5.92 20.25
CA GLU A 4 0.88 -6.25 18.88
C GLU A 4 -0.18 -5.51 18.06
N LYS A 5 -1.47 -5.89 18.22
CA LYS A 5 -2.66 -5.22 17.70
C LYS A 5 -2.97 -3.91 18.41
N LYS A 6 -2.68 -2.77 17.74
CA LYS A 6 -2.74 -1.45 18.32
C LYS A 6 -2.95 -0.39 17.24
N GLY A 7 -3.20 0.87 17.66
CA GLY A 7 -3.31 2.02 16.76
C GLY A 7 -4.64 2.24 16.12
N GLY A 8 -5.75 2.13 16.89
CA GLY A 8 -7.10 2.43 16.44
C GLY A 8 -7.68 1.49 15.41
N GLU A 9 -8.41 0.45 15.86
CA GLU A 9 -9.01 -0.54 14.97
C GLU A 9 -10.45 -0.20 14.60
N THR A 10 -10.77 -0.23 13.29
CA THR A 10 -12.11 -0.08 12.74
C THR A 10 -11.99 -0.52 11.29
N GLU A 11 -13.04 -0.32 10.46
CA GLU A 11 -13.24 -0.79 9.10
C GLU A 11 -12.03 -0.73 8.16
N HIS A 12 -11.48 -1.89 7.80
CA HIS A 12 -10.20 -1.99 7.11
C HIS A 12 -10.15 -3.02 6.00
N ILE A 13 -9.18 -2.89 5.07
CA ILE A 13 -8.95 -3.84 4.00
C ILE A 13 -7.48 -4.31 4.02
N ASN A 14 -7.23 -5.60 3.73
CA ASN A 14 -5.88 -6.17 3.63
C ASN A 14 -5.28 -6.00 2.23
N LEU A 15 -4.10 -5.35 2.14
CA LEU A 15 -3.36 -5.11 0.91
C LEU A 15 -2.14 -6.02 0.87
N LYS A 16 -1.82 -6.57 -0.31
CA LYS A 16 -0.66 -7.42 -0.54
C LYS A 16 0.29 -6.75 -1.51
N VAL A 17 1.50 -6.39 -1.05
CA VAL A 17 2.49 -5.72 -1.87
C VAL A 17 3.51 -6.72 -2.36
N LEU A 18 3.57 -6.95 -3.70
CA LEU A 18 4.49 -7.87 -4.30
C LEU A 18 5.51 -7.10 -5.12
N GLY A 19 6.82 -7.19 -4.74
CA GLY A 19 7.89 -6.54 -5.47
C GLY A 19 8.53 -7.43 -6.50
N GLN A 20 9.00 -6.85 -7.62
CA GLN A 20 9.76 -7.56 -8.66
C GLN A 20 11.13 -8.03 -8.16
N ASP A 21 11.57 -7.39 -7.07
CA ASP A 21 12.73 -7.66 -6.24
C ASP A 21 12.53 -8.85 -5.29
N ASN A 22 11.30 -9.39 -5.24
CA ASN A 22 10.88 -10.56 -4.50
C ASN A 22 10.72 -10.35 -3.00
N ALA A 23 10.54 -9.10 -2.55
CA ALA A 23 9.95 -8.80 -1.27
C ALA A 23 8.43 -8.84 -1.35
N VAL A 24 7.77 -9.54 -0.41
CA VAL A 24 6.31 -9.69 -0.39
C VAL A 24 5.80 -9.46 1.01
N VAL A 25 4.96 -8.43 1.22
CA VAL A 25 4.42 -8.11 2.54
C VAL A 25 2.91 -7.90 2.45
N GLN A 26 2.18 -8.25 3.54
CA GLN A 26 0.77 -7.93 3.70
C GLN A 26 0.58 -7.00 4.89
N PHE A 27 -0.23 -5.94 4.71
CA PHE A 27 -0.64 -5.03 5.77
C PHE A 27 -2.09 -4.66 5.55
N LYS A 28 -2.70 -3.86 6.45
CA LYS A 28 -4.06 -3.41 6.25
C LYS A 28 -4.23 -1.92 6.52
N ILE A 29 -5.09 -1.26 5.74
CA ILE A 29 -5.38 0.17 5.86
C ILE A 29 -6.85 0.32 6.25
N LYS A 30 -7.21 1.35 7.06
CA LYS A 30 -8.61 1.67 7.30
C LYS A 30 -9.16 2.49 6.15
N LYS A 31 -10.38 2.16 5.67
CA LYS A 31 -10.96 2.64 4.42
C LYS A 31 -11.10 4.16 4.28
N HIS A 32 -11.17 4.89 5.41
CA HIS A 32 -11.34 6.33 5.43
C HIS A 32 -10.09 7.10 5.07
N THR A 33 -8.89 6.49 5.20
CA THR A 33 -7.62 7.14 4.87
C THR A 33 -7.25 6.84 3.42
N PRO A 34 -6.93 7.81 2.55
CA PRO A 34 -6.59 7.52 1.16
C PRO A 34 -5.22 6.89 1.00
N LEU A 35 -4.96 6.25 -0.15
CA LEU A 35 -3.76 5.46 -0.37
C LEU A 35 -2.50 6.30 -0.49
N ARG A 36 -2.64 7.54 -1.01
CA ARG A 36 -1.61 8.58 -1.06
C ARG A 36 -0.84 8.79 0.23
N LYS A 37 -1.57 8.83 1.38
CA LYS A 37 -0.99 8.96 2.70
C LYS A 37 -0.08 7.81 3.05
N LEU A 38 -0.54 6.56 2.85
CA LEU A 38 0.25 5.36 3.07
C LEU A 38 1.46 5.29 2.15
N MET A 39 1.26 5.41 0.83
CA MET A 39 2.30 5.33 -0.19
C MET A 39 3.43 6.34 -0.01
N ASN A 40 3.09 7.63 0.12
CA ASN A 40 4.09 8.68 0.22
C ASN A 40 4.77 8.70 1.59
N ALA A 41 4.07 8.33 2.68
CA ALA A 41 4.70 8.11 3.97
C ALA A 41 5.65 6.91 3.99
N TYR A 42 5.28 5.78 3.33
CA TYR A 42 6.19 4.67 3.10
C TYR A 42 7.43 5.09 2.31
N CYS A 43 7.26 5.85 1.21
CA CYS A 43 8.38 6.42 0.46
C CYS A 43 9.34 7.27 1.29
N ASP A 44 8.81 8.23 2.08
CA ASP A 44 9.62 9.05 2.95
C ASP A 44 10.25 8.32 4.13
N ARG A 45 9.48 7.45 4.84
CA ARG A 45 9.92 6.81 6.06
C ARG A 45 10.84 5.61 5.81
N ALA A 46 10.65 4.88 4.70
CA ALA A 46 11.65 3.92 4.24
C ALA A 46 12.84 4.64 3.60
N GLY A 47 12.59 5.80 2.98
CA GLY A 47 13.63 6.75 2.61
C GLY A 47 14.10 6.63 1.19
N LEU A 48 13.17 6.45 0.23
CA LEU A 48 13.46 6.32 -1.18
C LEU A 48 12.76 7.43 -1.99
N SER A 49 11.85 7.11 -2.93
CA SER A 49 11.02 8.05 -3.66
C SER A 49 10.06 7.25 -4.48
N MET A 50 8.95 7.84 -4.96
CA MET A 50 7.91 7.15 -5.68
C MET A 50 8.31 6.86 -7.13
N GLN A 51 9.21 7.69 -7.68
CA GLN A 51 9.85 7.58 -8.98
C GLN A 51 10.27 6.15 -9.38
N VAL A 52 11.27 5.58 -8.70
CA VAL A 52 11.80 4.25 -8.98
C VAL A 52 10.94 3.08 -8.48
N VAL A 53 9.70 3.37 -8.03
CA VAL A 53 8.77 2.40 -7.49
C VAL A 53 7.52 2.38 -8.37
N ARG A 54 7.48 1.53 -9.41
CA ARG A 54 6.40 1.54 -10.38
C ARG A 54 5.27 0.57 -10.01
N PHE A 55 4.31 1.05 -9.21
CA PHE A 55 3.18 0.29 -8.69
C PHE A 55 2.01 0.17 -9.67
N ARG A 56 1.49 -1.05 -9.88
CA ARG A 56 0.36 -1.29 -10.77
C ARG A 56 -0.62 -2.25 -10.12
N PHE A 57 -1.94 -2.03 -10.29
CA PHE A 57 -3.01 -2.81 -9.69
C PHE A 57 -3.94 -3.25 -10.81
N ASP A 58 -4.33 -4.55 -10.84
CA ASP A 58 -5.01 -5.21 -11.96
C ASP A 58 -4.12 -5.29 -13.21
N GLY A 59 -2.83 -4.92 -13.08
CA GLY A 59 -1.90 -4.70 -14.18
C GLY A 59 -1.81 -3.25 -14.59
N GLN A 60 -2.77 -2.42 -14.14
CA GLN A 60 -3.00 -1.06 -14.60
C GLN A 60 -2.44 -0.01 -13.64
N PRO A 61 -2.20 1.25 -14.00
CA PRO A 61 -1.94 2.30 -13.02
C PRO A 61 -3.20 2.67 -12.25
N ILE A 62 -3.04 3.25 -11.04
CA ILE A 62 -4.13 3.47 -10.12
C ILE A 62 -3.99 4.82 -9.43
N ASN A 63 -5.12 5.50 -9.16
CA ASN A 63 -5.18 6.81 -8.54
C ASN A 63 -4.80 6.79 -7.05
N GLU A 64 -3.66 7.38 -6.66
CA GLU A 64 -3.22 7.43 -5.28
C GLU A 64 -4.12 8.28 -4.37
N ASN A 65 -4.75 9.34 -4.92
CA ASN A 65 -5.65 10.24 -4.21
C ASN A 65 -6.84 9.55 -3.55
N ASP A 66 -7.52 8.64 -4.26
CA ASP A 66 -8.75 8.04 -3.82
C ASP A 66 -8.65 7.11 -2.62
N THR A 67 -9.81 6.92 -1.98
CA THR A 67 -10.10 5.94 -0.95
C THR A 67 -10.64 4.69 -1.65
N PRO A 68 -10.63 3.49 -1.08
CA PRO A 68 -10.98 2.28 -1.83
C PRO A 68 -12.47 2.15 -2.11
N THR A 69 -13.29 3.07 -1.59
CA THR A 69 -14.74 3.12 -1.85
C THR A 69 -15.04 3.65 -3.25
N SER A 70 -14.22 4.56 -3.81
CA SER A 70 -14.35 5.06 -5.19
C SER A 70 -14.37 3.96 -6.23
N LEU A 71 -13.60 2.89 -5.99
CA LEU A 71 -13.41 1.78 -6.91
C LEU A 71 -14.31 0.58 -6.57
N GLU A 72 -15.16 0.69 -5.52
CA GLU A 72 -15.82 -0.42 -4.85
C GLU A 72 -14.92 -1.61 -4.52
N MET A 73 -13.87 -1.39 -3.70
CA MET A 73 -12.94 -2.44 -3.35
C MET A 73 -13.39 -3.27 -2.13
N GLU A 74 -12.70 -4.37 -1.86
CA GLU A 74 -13.16 -5.47 -1.03
C GLU A 74 -12.10 -5.85 -0.02
N GLU A 75 -11.21 -6.80 -0.38
CA GLU A 75 -9.89 -6.92 0.22
C GLU A 75 -9.05 -7.91 -0.58
N GLY A 76 -7.74 -8.01 -0.27
CA GLY A 76 -6.84 -9.01 -0.80
C GLY A 76 -6.01 -8.47 -1.93
N ASP A 77 -5.88 -7.14 -2.00
CA ASP A 77 -5.38 -6.38 -3.10
C ASP A 77 -3.92 -6.64 -3.45
N THR A 78 -3.67 -7.43 -4.50
CA THR A 78 -2.33 -7.69 -5.00
C THR A 78 -1.83 -6.57 -5.89
N ILE A 79 -0.93 -5.72 -5.36
CA ILE A 79 -0.32 -4.65 -6.11
C ILE A 79 1.09 -5.05 -6.54
N GLU A 80 1.35 -5.08 -7.86
CA GLU A 80 2.63 -5.47 -8.40
C GLU A 80 3.54 -4.25 -8.55
N VAL A 81 4.65 -4.22 -7.80
CA VAL A 81 5.52 -3.08 -7.71
C VAL A 81 6.84 -3.33 -8.40
N TYR A 82 7.09 -2.65 -9.53
CA TYR A 82 8.35 -2.78 -10.22
C TYR A 82 9.36 -1.79 -9.60
N GLN A 83 10.12 -2.27 -8.61
CA GLN A 83 11.18 -1.50 -7.96
C GLN A 83 12.48 -1.64 -8.74
N GLN A 84 13.15 -0.52 -9.03
CA GLN A 84 14.29 -0.48 -9.94
C GLN A 84 15.66 -0.76 -9.28
N GLN A 85 16.77 -0.15 -9.76
CA GLN A 85 18.09 -0.41 -9.21
C GLN A 85 18.38 0.38 -7.93
N THR A 86 19.30 -0.16 -7.10
CA THR A 86 19.72 0.36 -5.80
C THR A 86 18.63 0.29 -4.77
N GLY A 87 18.52 -0.88 -4.12
CA GLY A 87 17.72 -1.07 -2.92
C GLY A 87 18.50 -0.69 -1.69
N GLY A 88 18.04 -1.08 -0.49
CA GLY A 88 18.71 -0.68 0.73
C GLY A 88 18.16 -1.43 1.94
N MET A 1 -5.71 -6.11 27.01
CA MET A 1 -4.72 -7.09 27.54
C MET A 1 -3.31 -6.56 27.34
N SER A 2 -2.38 -6.78 28.31
CA SER A 2 -1.07 -6.12 28.38
C SER A 2 -1.29 -4.69 28.87
N ASP A 3 -0.60 -3.65 28.35
CA ASP A 3 -1.15 -2.30 28.37
C ASP A 3 -2.15 -2.14 27.24
N GLU A 4 -3.19 -1.33 27.47
CA GLU A 4 -4.34 -1.22 26.60
C GLU A 4 -4.10 -0.32 25.40
N LYS A 5 -3.10 -0.68 24.57
CA LYS A 5 -2.73 0.03 23.36
C LYS A 5 -3.71 -0.23 22.23
N LYS A 6 -4.41 -1.38 22.25
CA LYS A 6 -5.48 -1.70 21.33
C LYS A 6 -6.83 -1.21 21.84
N GLY A 7 -7.74 -0.81 20.94
CA GLY A 7 -9.14 -0.51 21.25
C GLY A 7 -10.08 -1.54 20.71
N GLY A 8 -10.64 -1.32 19.50
CA GLY A 8 -11.49 -2.29 18.81
C GLY A 8 -11.15 -2.34 17.35
N GLU A 9 -11.52 -3.43 16.67
CA GLU A 9 -10.98 -3.75 15.35
C GLU A 9 -11.81 -3.18 14.21
N THR A 10 -11.74 -1.85 14.00
CA THR A 10 -12.57 -1.15 13.02
C THR A 10 -12.12 -1.33 11.57
N GLU A 11 -13.13 -1.42 10.68
CA GLU A 11 -13.13 -1.90 9.30
C GLU A 11 -12.07 -1.37 8.34
N HIS A 12 -11.53 -2.27 7.48
CA HIS A 12 -10.27 -2.03 6.81
C HIS A 12 -10.13 -2.71 5.46
N ILE A 13 -9.16 -2.23 4.65
CA ILE A 13 -8.69 -2.88 3.44
C ILE A 13 -7.38 -3.57 3.72
N ASN A 14 -6.91 -4.45 2.81
CA ASN A 14 -5.83 -5.38 3.10
C ASN A 14 -4.84 -5.41 1.96
N LEU A 15 -3.74 -4.64 2.07
CA LEU A 15 -2.80 -4.44 0.98
C LEU A 15 -1.87 -5.63 0.84
N LYS A 16 -1.88 -6.25 -0.36
CA LYS A 16 -0.99 -7.32 -0.73
C LYS A 16 -0.01 -6.77 -1.76
N VAL A 17 1.18 -6.34 -1.31
CA VAL A 17 2.14 -5.65 -2.15
C VAL A 17 3.23 -6.61 -2.58
N LEU A 18 3.33 -6.93 -3.89
CA LEU A 18 4.30 -7.87 -4.44
C LEU A 18 5.45 -7.17 -5.14
N GLY A 19 6.64 -7.08 -4.52
CA GLY A 19 7.84 -6.54 -5.15
C GLY A 19 8.58 -7.55 -5.99
N GLN A 20 9.04 -7.13 -7.20
CA GLN A 20 9.85 -7.93 -8.12
C GLN A 20 11.16 -8.40 -7.50
N ASP A 21 11.67 -7.63 -6.51
CA ASP A 21 12.80 -7.92 -5.67
C ASP A 21 12.49 -8.90 -4.51
N ASN A 22 11.43 -9.74 -4.68
CA ASN A 22 11.01 -10.80 -3.77
C ASN A 22 10.51 -10.28 -2.42
N ALA A 23 10.06 -9.02 -2.38
CA ALA A 23 9.48 -8.37 -1.23
C ALA A 23 7.96 -8.42 -1.31
N VAL A 24 7.34 -9.52 -0.81
CA VAL A 24 5.89 -9.62 -0.72
C VAL A 24 5.46 -9.29 0.70
N VAL A 25 4.72 -8.19 0.90
CA VAL A 25 4.36 -7.71 2.24
C VAL A 25 2.87 -7.47 2.36
N GLN A 26 2.30 -7.72 3.57
CA GLN A 26 0.91 -7.50 3.90
C GLN A 26 0.76 -6.49 5.04
N PHE A 27 -0.17 -5.53 4.88
CA PHE A 27 -0.56 -4.61 5.92
C PHE A 27 -1.99 -4.11 5.68
N LYS A 28 -2.67 -3.60 6.72
CA LYS A 28 -4.07 -3.19 6.59
C LYS A 28 -4.34 -1.78 7.11
N ILE A 29 -5.08 -0.96 6.35
CA ILE A 29 -5.43 0.40 6.70
C ILE A 29 -6.96 0.55 6.72
N LYS A 30 -7.51 1.42 7.59
CA LYS A 30 -8.94 1.59 7.75
C LYS A 30 -9.58 2.35 6.61
N LYS A 31 -10.84 2.01 6.26
CA LYS A 31 -11.45 2.33 4.97
C LYS A 31 -12.00 3.76 4.83
N HIS A 32 -11.23 4.73 5.34
CA HIS A 32 -11.56 6.15 5.36
C HIS A 32 -10.36 6.96 4.87
N THR A 33 -9.15 6.59 5.32
CA THR A 33 -7.89 7.25 4.97
C THR A 33 -7.46 6.89 3.55
N PRO A 34 -7.18 7.80 2.62
CA PRO A 34 -6.74 7.42 1.28
C PRO A 34 -5.30 6.93 1.26
N LEU A 35 -4.92 6.20 0.19
CA LEU A 35 -3.68 5.47 0.07
C LEU A 35 -2.47 6.38 0.02
N ARG A 36 -2.60 7.57 -0.62
CA ARG A 36 -1.58 8.59 -0.79
C ARG A 36 -0.72 8.92 0.42
N LYS A 37 -1.32 9.10 1.62
CA LYS A 37 -0.56 9.37 2.83
C LYS A 37 0.32 8.22 3.26
N LEU A 38 -0.14 6.97 3.09
CA LEU A 38 0.66 5.78 3.38
C LEU A 38 1.81 5.64 2.40
N MET A 39 1.58 5.93 1.10
CA MET A 39 2.61 6.02 0.07
C MET A 39 3.71 7.00 0.43
N ASN A 40 3.38 8.26 0.83
CA ASN A 40 4.35 9.21 1.37
C ASN A 40 5.07 8.67 2.59
N ALA A 41 4.33 8.24 3.63
CA ALA A 41 4.86 7.76 4.89
C ALA A 41 5.85 6.61 4.75
N TYR A 42 5.49 5.53 4.03
CA TYR A 42 6.37 4.40 3.82
C TYR A 42 7.60 4.74 2.97
N CYS A 43 7.46 5.56 1.89
CA CYS A 43 8.60 6.03 1.11
C CYS A 43 9.58 6.86 1.93
N ASP A 44 9.08 7.93 2.59
CA ASP A 44 9.87 8.82 3.43
C ASP A 44 10.51 8.10 4.61
N ARG A 45 9.78 7.20 5.30
CA ARG A 45 10.29 6.45 6.43
C ARG A 45 11.37 5.45 6.04
N ALA A 46 11.21 4.75 4.90
CA ALA A 46 12.23 3.89 4.34
C ALA A 46 13.46 4.67 3.89
N GLY A 47 13.26 5.79 3.19
CA GLY A 47 14.33 6.70 2.76
C GLY A 47 14.47 6.77 1.27
N LEU A 48 13.34 6.67 0.54
CA LEU A 48 13.29 6.69 -0.91
C LEU A 48 12.10 7.51 -1.37
N SER A 49 11.86 7.60 -2.69
CA SER A 49 10.72 8.35 -3.22
C SER A 49 10.10 7.60 -4.37
N MET A 50 8.91 8.04 -4.80
CA MET A 50 8.02 7.30 -5.70
C MET A 50 8.52 7.08 -7.12
N GLN A 51 9.41 7.95 -7.65
CA GLN A 51 9.80 7.94 -9.05
C GLN A 51 10.60 6.72 -9.53
N VAL A 52 11.17 5.91 -8.60
CA VAL A 52 11.83 4.65 -8.95
C VAL A 52 10.87 3.46 -8.88
N VAL A 53 9.59 3.71 -8.52
CA VAL A 53 8.62 2.67 -8.23
C VAL A 53 7.54 2.63 -9.30
N ARG A 54 7.50 1.58 -10.15
CA ARG A 54 6.39 1.38 -11.05
C ARG A 54 5.44 0.36 -10.45
N PHE A 55 4.39 0.83 -9.77
CA PHE A 55 3.34 -0.02 -9.23
C PHE A 55 2.23 -0.23 -10.25
N ARG A 56 1.68 -1.46 -10.35
CA ARG A 56 0.60 -1.77 -11.27
C ARG A 56 -0.50 -2.56 -10.59
N PHE A 57 -1.74 -2.12 -10.77
CA PHE A 57 -2.94 -2.79 -10.31
C PHE A 57 -3.57 -3.44 -11.53
N ASP A 58 -3.64 -4.78 -11.57
CA ASP A 58 -4.22 -5.54 -12.67
C ASP A 58 -3.58 -5.29 -14.05
N GLY A 59 -2.29 -4.86 -14.05
CA GLY A 59 -1.55 -4.48 -15.25
C GLY A 59 -1.72 -3.05 -15.66
N GLN A 60 -2.54 -2.26 -14.94
CA GLN A 60 -2.81 -0.85 -15.23
C GLN A 60 -2.37 0.04 -14.06
N PRO A 61 -2.37 1.37 -14.17
CA PRO A 61 -2.22 2.23 -13.00
C PRO A 61 -3.49 2.27 -12.16
N ILE A 62 -3.40 2.84 -10.94
CA ILE A 62 -4.51 3.09 -10.05
C ILE A 62 -4.22 4.41 -9.38
N ASN A 63 -5.22 5.19 -8.95
CA ASN A 63 -4.99 6.48 -8.33
C ASN A 63 -4.85 6.35 -6.83
N GLU A 64 -3.74 6.87 -6.28
CA GLU A 64 -3.42 6.92 -4.86
C GLU A 64 -4.35 7.82 -4.03
N ASN A 65 -5.02 8.80 -4.67
CA ASN A 65 -5.92 9.74 -4.04
C ASN A 65 -7.34 9.18 -3.88
N ASP A 66 -7.80 8.33 -4.81
CA ASP A 66 -9.15 7.80 -4.81
C ASP A 66 -9.36 6.72 -3.76
N THR A 67 -10.64 6.43 -3.41
CA THR A 67 -10.95 5.52 -2.32
C THR A 67 -11.32 4.13 -2.81
N PRO A 68 -11.13 3.04 -2.06
CA PRO A 68 -11.57 1.70 -2.49
C PRO A 68 -13.07 1.57 -2.47
N THR A 69 -13.78 2.47 -1.75
CA THR A 69 -15.23 2.55 -1.66
C THR A 69 -15.81 3.16 -2.91
N SER A 70 -15.09 4.12 -3.51
CA SER A 70 -15.38 4.66 -4.83
C SER A 70 -15.21 3.62 -5.92
N LEU A 71 -14.12 2.84 -5.84
CA LEU A 71 -13.77 1.81 -6.79
C LEU A 71 -14.63 0.54 -6.74
N GLU A 72 -14.86 -0.02 -5.52
CA GLU A 72 -15.66 -1.22 -5.27
C GLU A 72 -14.97 -2.53 -5.66
N MET A 73 -13.88 -2.87 -4.93
CA MET A 73 -13.16 -4.14 -5.06
C MET A 73 -13.26 -4.96 -3.78
N GLU A 74 -14.14 -4.55 -2.85
CA GLU A 74 -14.21 -5.04 -1.49
C GLU A 74 -12.91 -4.85 -0.68
N GLU A 75 -12.17 -5.95 -0.40
CA GLU A 75 -10.95 -5.90 0.38
C GLU A 75 -10.06 -7.10 0.02
N GLY A 76 -8.76 -6.87 -0.16
CA GLY A 76 -7.80 -7.90 -0.57
C GLY A 76 -6.96 -7.42 -1.70
N ASP A 77 -6.44 -6.21 -1.51
CA ASP A 77 -5.98 -5.25 -2.45
C ASP A 77 -4.59 -5.60 -3.00
N THR A 78 -4.55 -6.33 -4.14
CA THR A 78 -3.33 -6.83 -4.76
C THR A 78 -2.66 -5.85 -5.69
N ILE A 79 -1.34 -5.62 -5.51
CA ILE A 79 -0.61 -4.68 -6.35
C ILE A 79 0.81 -5.17 -6.58
N GLU A 80 1.31 -5.17 -7.83
CA GLU A 80 2.67 -5.57 -8.14
C GLU A 80 3.57 -4.36 -8.30
N VAL A 81 4.83 -4.46 -7.82
CA VAL A 81 5.78 -3.35 -7.77
C VAL A 81 7.06 -3.67 -8.53
N TYR A 82 7.33 -2.90 -9.60
CA TYR A 82 8.57 -2.97 -10.36
C TYR A 82 9.61 -1.99 -9.83
N GLN A 83 10.50 -2.50 -8.97
CA GLN A 83 11.67 -1.79 -8.48
C GLN A 83 12.88 -2.07 -9.37
N GLN A 84 13.58 -1.02 -9.82
CA GLN A 84 14.71 -1.14 -10.75
C GLN A 84 16.03 -1.56 -10.11
N GLN A 85 16.10 -1.53 -8.77
CA GLN A 85 17.23 -1.97 -7.95
C GLN A 85 18.41 -1.01 -7.91
N THR A 86 19.27 -1.21 -6.88
CA THR A 86 20.40 -0.35 -6.50
C THR A 86 19.95 0.93 -5.84
N GLY A 87 19.90 0.98 -4.49
CA GLY A 87 19.54 2.20 -3.78
C GLY A 87 18.73 2.03 -2.53
N GLY A 88 18.83 0.88 -1.85
CA GLY A 88 18.12 0.64 -0.61
C GLY A 88 18.69 -0.57 0.13
N MET A 1 3.27 -8.08 20.79
CA MET A 1 4.37 -7.28 21.39
C MET A 1 5.11 -8.15 22.38
N SER A 2 4.65 -8.18 23.64
CA SER A 2 5.06 -9.08 24.69
C SER A 2 4.56 -10.51 24.45
N ASP A 3 3.84 -11.09 25.43
CA ASP A 3 3.23 -12.39 25.39
C ASP A 3 1.97 -12.37 24.54
N GLU A 4 1.18 -11.27 24.63
CA GLU A 4 -0.01 -11.09 23.82
C GLU A 4 0.29 -10.51 22.44
N LYS A 5 -0.56 -10.91 21.47
CA LYS A 5 -0.68 -10.30 20.17
C LYS A 5 -1.48 -9.01 20.27
N LYS A 6 -0.83 -7.91 20.69
CA LYS A 6 -1.42 -6.58 20.76
C LYS A 6 -1.65 -6.01 19.37
N GLY A 7 -2.78 -6.35 18.75
CA GLY A 7 -3.10 -5.91 17.40
C GLY A 7 -4.27 -6.68 16.85
N GLY A 8 -5.49 -6.12 16.98
CA GLY A 8 -6.70 -6.69 16.40
C GLY A 8 -7.32 -5.67 15.50
N GLU A 9 -8.25 -4.87 16.05
CA GLU A 9 -8.91 -3.75 15.40
C GLU A 9 -10.10 -4.18 14.55
N THR A 10 -10.56 -3.34 13.61
CA THR A 10 -11.74 -3.62 12.81
C THR A 10 -11.72 -2.71 11.59
N GLU A 11 -12.69 -2.92 10.68
CA GLU A 11 -12.90 -2.38 9.35
C GLU A 11 -11.68 -1.91 8.55
N HIS A 12 -10.70 -2.82 8.43
CA HIS A 12 -9.43 -2.60 7.78
C HIS A 12 -9.28 -3.50 6.56
N ILE A 13 -8.71 -2.96 5.46
CA ILE A 13 -8.46 -3.71 4.24
C ILE A 13 -7.02 -4.20 4.20
N ASN A 14 -6.76 -5.29 3.45
CA ASN A 14 -5.48 -5.95 3.36
C ASN A 14 -4.77 -5.58 2.06
N LEU A 15 -3.64 -4.84 2.15
CA LEU A 15 -2.87 -4.44 0.98
C LEU A 15 -1.76 -5.45 0.74
N LYS A 16 -1.82 -6.18 -0.39
CA LYS A 16 -0.88 -7.20 -0.78
C LYS A 16 0.09 -6.64 -1.82
N VAL A 17 1.38 -6.48 -1.46
CA VAL A 17 2.37 -5.87 -2.34
C VAL A 17 3.33 -6.91 -2.89
N LEU A 18 3.18 -7.24 -4.18
CA LEU A 18 3.96 -8.29 -4.84
C LEU A 18 5.15 -7.71 -5.58
N GLY A 19 6.36 -7.84 -5.01
CA GLY A 19 7.59 -7.34 -5.64
C GLY A 19 8.20 -8.29 -6.65
N GLN A 20 8.52 -7.77 -7.85
CA GLN A 20 9.28 -8.43 -8.90
C GLN A 20 10.57 -9.02 -8.39
N ASP A 21 11.40 -8.16 -7.77
CA ASP A 21 12.71 -8.42 -7.21
C ASP A 21 12.66 -9.10 -5.84
N ASN A 22 11.54 -9.79 -5.54
CA ASN A 22 11.33 -10.72 -4.43
C ASN A 22 11.14 -10.06 -3.07
N ALA A 23 11.13 -8.72 -3.01
CA ALA A 23 10.84 -7.97 -1.81
C ALA A 23 9.33 -7.83 -1.60
N VAL A 24 8.78 -8.53 -0.59
CA VAL A 24 7.34 -8.60 -0.36
C VAL A 24 6.99 -7.87 0.92
N VAL A 25 5.94 -7.01 0.89
CA VAL A 25 5.44 -6.31 2.08
C VAL A 25 3.91 -6.42 2.13
N GLN A 26 3.31 -6.12 3.30
CA GLN A 26 1.86 -6.16 3.45
C GLN A 26 1.39 -5.11 4.44
N PHE A 27 0.35 -4.33 4.13
CA PHE A 27 -0.12 -3.24 4.98
C PHE A 27 -1.60 -3.39 5.32
N LYS A 28 -2.07 -2.68 6.38
CA LYS A 28 -3.49 -2.56 6.68
C LYS A 28 -3.87 -1.09 6.83
N ILE A 29 -5.07 -0.71 6.35
CA ILE A 29 -5.58 0.64 6.49
C ILE A 29 -7.08 0.59 6.68
N LYS A 30 -7.69 1.54 7.43
CA LYS A 30 -9.13 1.65 7.52
C LYS A 30 -9.68 2.38 6.29
N LYS A 31 -10.85 1.94 5.79
CA LYS A 31 -11.43 2.31 4.50
C LYS A 31 -11.65 3.81 4.25
N HIS A 32 -11.70 4.61 5.33
CA HIS A 32 -11.98 6.04 5.32
C HIS A 32 -10.78 6.92 4.93
N THR A 33 -9.55 6.38 5.07
CA THR A 33 -8.32 7.13 4.75
C THR A 33 -7.89 6.76 3.34
N PRO A 34 -7.61 7.65 2.39
CA PRO A 34 -7.18 7.26 1.05
C PRO A 34 -5.74 6.74 1.03
N LEU A 35 -5.35 6.07 -0.06
CA LEU A 35 -4.13 5.27 -0.14
C LEU A 35 -2.87 6.10 0.00
N ARG A 36 -2.83 7.28 -0.64
CA ARG A 36 -1.83 8.34 -0.52
C ARG A 36 -1.23 8.54 0.85
N LYS A 37 -2.04 8.60 1.92
CA LYS A 37 -1.52 8.88 3.25
C LYS A 37 -0.63 7.76 3.78
N LEU A 38 -1.00 6.50 3.51
CA LEU A 38 -0.17 5.35 3.82
C LEU A 38 1.03 5.26 2.89
N MET A 39 0.81 5.41 1.57
CA MET A 39 1.84 5.35 0.54
C MET A 39 2.96 6.37 0.73
N ASN A 40 2.60 7.66 0.91
CA ASN A 40 3.53 8.74 1.19
C ASN A 40 4.32 8.52 2.47
N ALA A 41 3.63 8.13 3.58
CA ALA A 41 4.27 7.86 4.85
C ALA A 41 5.27 6.70 4.82
N TYR A 42 4.90 5.58 4.18
CA TYR A 42 5.81 4.45 4.02
C TYR A 42 7.03 4.77 3.16
N CYS A 43 6.87 5.43 1.98
CA CYS A 43 8.03 5.77 1.18
C CYS A 43 8.96 6.80 1.83
N ASP A 44 8.40 7.85 2.46
CA ASP A 44 9.12 8.81 3.29
C ASP A 44 9.91 8.16 4.44
N ARG A 45 9.23 7.37 5.29
CA ARG A 45 9.84 6.82 6.49
C ARG A 45 10.83 5.70 6.17
N ALA A 46 10.58 4.89 5.12
CA ALA A 46 11.53 3.90 4.63
C ALA A 46 12.74 4.53 3.96
N GLY A 47 12.55 5.46 3.01
CA GLY A 47 13.63 6.15 2.31
C GLY A 47 13.70 5.82 0.84
N LEU A 48 12.73 5.03 0.34
CA LEU A 48 12.64 4.70 -1.07
C LEU A 48 11.99 5.82 -1.85
N SER A 49 12.63 6.27 -2.95
CA SER A 49 12.18 7.41 -3.72
C SER A 49 11.21 6.94 -4.79
N MET A 50 10.01 7.55 -4.86
CA MET A 50 8.88 6.96 -5.57
C MET A 50 9.06 6.75 -7.07
N GLN A 51 9.77 7.64 -7.78
CA GLN A 51 9.90 7.58 -9.23
C GLN A 51 10.58 6.33 -9.79
N VAL A 52 11.50 5.70 -9.04
CA VAL A 52 12.20 4.49 -9.48
C VAL A 52 11.42 3.21 -9.22
N VAL A 53 10.25 3.30 -8.58
CA VAL A 53 9.39 2.17 -8.27
C VAL A 53 8.15 2.23 -9.14
N ARG A 54 7.89 1.18 -9.96
CA ARG A 54 6.76 1.17 -10.87
C ARG A 54 5.70 0.18 -10.40
N PHE A 55 4.49 0.69 -10.07
CA PHE A 55 3.47 -0.06 -9.37
C PHE A 55 2.12 -0.08 -10.09
N ARG A 56 1.49 -1.27 -10.23
CA ARG A 56 0.24 -1.42 -10.98
C ARG A 56 -0.77 -2.28 -10.25
N PHE A 57 -2.06 -2.00 -10.44
CA PHE A 57 -3.17 -2.67 -9.80
C PHE A 57 -4.05 -3.27 -10.89
N ASP A 58 -4.23 -4.60 -10.88
CA ASP A 58 -5.08 -5.33 -11.83
C ASP A 58 -4.72 -5.06 -13.31
N GLY A 59 -3.41 -4.96 -13.62
CA GLY A 59 -2.90 -4.73 -14.96
C GLY A 59 -2.79 -3.27 -15.38
N GLN A 60 -3.29 -2.31 -14.57
CA GLN A 60 -3.32 -0.90 -14.94
C GLN A 60 -2.62 -0.05 -13.86
N PRO A 61 -2.11 1.15 -14.12
CA PRO A 61 -1.53 1.98 -13.06
C PRO A 61 -2.59 2.50 -12.11
N ILE A 62 -2.24 2.75 -10.83
CA ILE A 62 -3.17 3.16 -9.80
C ILE A 62 -2.83 4.53 -9.27
N ASN A 63 -3.86 5.39 -9.08
CA ASN A 63 -3.69 6.75 -8.63
C ASN A 63 -3.97 6.83 -7.13
N GLU A 64 -2.97 7.29 -6.34
CA GLU A 64 -2.95 7.16 -4.89
C GLU A 64 -3.96 7.99 -4.11
N ASN A 65 -4.45 9.12 -4.67
CA ASN A 65 -5.16 10.16 -3.95
C ASN A 65 -6.61 9.81 -3.62
N ASP A 66 -7.26 8.99 -4.47
CA ASP A 66 -8.69 8.74 -4.41
C ASP A 66 -9.04 7.59 -3.43
N THR A 67 -10.34 7.32 -3.24
CA THR A 67 -10.80 6.38 -2.22
C THR A 67 -11.11 4.99 -2.75
N PRO A 68 -10.95 3.91 -1.98
CA PRO A 68 -11.41 2.58 -2.37
C PRO A 68 -12.92 2.42 -2.20
N THR A 69 -13.65 3.46 -1.76
CA THR A 69 -15.10 3.53 -1.71
C THR A 69 -15.67 3.89 -3.07
N SER A 70 -14.99 4.71 -3.88
CA SER A 70 -15.42 5.00 -5.24
C SER A 70 -15.24 3.83 -6.17
N LEU A 71 -14.11 3.13 -6.04
CA LEU A 71 -13.80 1.95 -6.82
C LEU A 71 -14.63 0.72 -6.45
N GLU A 72 -15.34 0.79 -5.30
CA GLU A 72 -15.94 -0.30 -4.55
C GLU A 72 -15.23 -1.65 -4.66
N MET A 73 -14.04 -1.70 -4.01
CA MET A 73 -13.29 -2.91 -3.79
C MET A 73 -13.71 -3.46 -2.43
N GLU A 74 -13.65 -4.77 -2.20
CA GLU A 74 -14.06 -5.37 -0.94
C GLU A 74 -12.92 -5.42 0.08
N GLU A 75 -12.18 -6.53 0.18
CA GLU A 75 -10.85 -6.54 0.76
C GLU A 75 -10.03 -7.48 -0.09
N GLY A 76 -8.76 -7.15 -0.38
CA GLY A 76 -7.88 -8.02 -1.16
C GLY A 76 -7.17 -7.19 -2.17
N ASP A 77 -6.43 -6.19 -1.69
CA ASP A 77 -5.98 -5.10 -2.49
C ASP A 77 -4.58 -5.42 -3.04
N THR A 78 -4.55 -6.16 -4.18
CA THR A 78 -3.35 -6.72 -4.80
C THR A 78 -2.65 -5.77 -5.75
N ILE A 79 -1.41 -5.35 -5.42
CA ILE A 79 -0.63 -4.45 -6.28
C ILE A 79 0.68 -5.13 -6.69
N GLU A 80 1.06 -5.03 -8.00
CA GLU A 80 2.37 -5.48 -8.46
C GLU A 80 3.35 -4.33 -8.31
N VAL A 81 4.58 -4.63 -7.86
CA VAL A 81 5.64 -3.65 -7.73
C VAL A 81 6.86 -4.12 -8.49
N TYR A 82 7.32 -3.29 -9.43
CA TYR A 82 8.57 -3.46 -10.13
C TYR A 82 9.56 -2.43 -9.59
N GLN A 83 10.58 -2.86 -8.82
CA GLN A 83 11.68 -1.99 -8.48
C GLN A 83 12.81 -2.21 -9.48
N GLN A 84 13.65 -1.20 -9.72
CA GLN A 84 14.78 -1.35 -10.61
C GLN A 84 15.93 -2.13 -9.97
N GLN A 85 16.64 -2.95 -10.77
CA GLN A 85 17.92 -3.50 -10.34
C GLN A 85 18.95 -2.38 -10.21
N THR A 86 19.39 -2.14 -8.96
CA THR A 86 20.16 -0.95 -8.61
C THR A 86 21.61 -1.33 -8.46
N GLY A 87 21.90 -2.38 -7.66
CA GLY A 87 23.25 -2.83 -7.42
C GLY A 87 23.37 -3.41 -6.04
N GLY A 88 23.04 -4.71 -5.89
CA GLY A 88 23.09 -5.39 -4.61
C GLY A 88 22.89 -6.89 -4.77
N MET A 1 -2.68 1.53 25.87
CA MET A 1 -1.65 0.55 26.32
C MET A 1 -1.45 0.60 27.82
N SER A 2 -1.23 -0.54 28.52
CA SER A 2 -1.22 -0.61 29.99
C SER A 2 -2.57 -0.22 30.58
N ASP A 3 -3.62 -0.52 29.82
CA ASP A 3 -4.95 0.03 29.84
C ASP A 3 -5.54 -0.71 28.66
N GLU A 4 -6.72 -0.27 28.20
CA GLU A 4 -7.23 -0.54 26.87
C GLU A 4 -6.28 -0.02 25.77
N LYS A 5 -6.49 -0.41 24.49
CA LYS A 5 -5.59 -0.14 23.38
C LYS A 5 -5.23 1.32 23.14
N LYS A 6 -6.19 2.11 22.59
CA LYS A 6 -6.10 3.45 22.03
C LYS A 6 -6.10 3.38 20.50
N GLY A 7 -6.36 4.53 19.83
CA GLY A 7 -6.24 4.64 18.37
C GLY A 7 -7.44 4.14 17.59
N GLY A 8 -7.66 2.82 17.56
CA GLY A 8 -8.73 2.25 16.77
C GLY A 8 -8.75 0.75 16.76
N GLU A 9 -7.98 0.12 15.85
CA GLU A 9 -7.92 -1.32 15.57
C GLU A 9 -9.12 -1.91 14.82
N THR A 10 -10.33 -1.37 15.01
CA THR A 10 -11.57 -1.85 14.40
C THR A 10 -11.69 -1.59 12.91
N GLU A 11 -12.73 -2.16 12.24
CA GLU A 11 -13.19 -1.91 10.88
C GLU A 11 -12.13 -1.60 9.82
N HIS A 12 -11.26 -2.59 9.54
CA HIS A 12 -10.12 -2.43 8.65
C HIS A 12 -10.17 -3.36 7.45
N ILE A 13 -9.39 -3.04 6.41
CA ILE A 13 -9.23 -3.86 5.21
C ILE A 13 -7.75 -4.01 4.91
N ASN A 14 -7.31 -5.18 4.40
CA ASN A 14 -5.91 -5.43 4.04
C ASN A 14 -5.65 -5.30 2.54
N LEU A 15 -4.43 -4.86 2.18
CA LEU A 15 -3.94 -4.82 0.80
C LEU A 15 -2.71 -5.70 0.68
N LYS A 16 -2.46 -6.27 -0.51
CA LYS A 16 -1.35 -7.18 -0.78
C LYS A 16 -0.43 -6.59 -1.85
N VAL A 17 0.85 -6.33 -1.51
CA VAL A 17 1.81 -5.73 -2.43
C VAL A 17 2.83 -6.76 -2.86
N LEU A 18 2.94 -7.01 -4.18
CA LEU A 18 3.88 -7.98 -4.73
C LEU A 18 5.07 -7.26 -5.37
N GLY A 19 6.21 -7.16 -4.66
CA GLY A 19 7.43 -6.59 -5.23
C GLY A 19 8.16 -7.51 -6.18
N GLN A 20 8.57 -7.00 -7.35
CA GLN A 20 9.27 -7.74 -8.39
C GLN A 20 10.73 -8.03 -8.01
N ASP A 21 11.21 -7.39 -6.93
CA ASP A 21 12.46 -7.65 -6.23
C ASP A 21 12.31 -8.76 -5.17
N ASN A 22 11.11 -9.39 -5.14
CA ASN A 22 10.64 -10.42 -4.23
C ASN A 22 10.17 -9.89 -2.89
N ALA A 23 9.96 -8.56 -2.77
CA ALA A 23 9.41 -7.96 -1.58
C ALA A 23 7.88 -8.07 -1.53
N VAL A 24 7.36 -9.27 -1.18
CA VAL A 24 5.93 -9.49 -1.01
C VAL A 24 5.51 -9.14 0.41
N VAL A 25 4.64 -8.12 0.57
CA VAL A 25 4.34 -7.52 1.86
C VAL A 25 2.86 -7.14 1.92
N GLN A 26 2.30 -6.95 3.14
CA GLN A 26 0.89 -6.63 3.29
C GLN A 26 0.62 -5.79 4.53
N PHE A 27 -0.35 -4.88 4.43
CA PHE A 27 -0.71 -3.95 5.49
C PHE A 27 -2.20 -3.77 5.54
N LYS A 28 -2.73 -3.19 6.64
CA LYS A 28 -4.15 -2.97 6.83
C LYS A 28 -4.45 -1.51 7.15
N ILE A 29 -5.61 -1.02 6.67
CA ILE A 29 -5.97 0.39 6.75
C ILE A 29 -7.44 0.56 7.14
N LYS A 30 -7.80 1.73 7.72
CA LYS A 30 -9.19 2.13 7.95
C LYS A 30 -9.84 2.60 6.66
N LYS A 31 -11.16 2.34 6.52
CA LYS A 31 -11.96 2.54 5.33
C LYS A 31 -11.86 3.94 4.68
N HIS A 32 -11.93 5.01 5.49
CA HIS A 32 -11.91 6.41 5.06
C HIS A 32 -10.53 7.01 4.91
N THR A 33 -9.44 6.29 5.19
CA THR A 33 -8.10 6.86 5.08
C THR A 33 -7.56 6.69 3.66
N PRO A 34 -7.25 7.74 2.89
CA PRO A 34 -6.91 7.57 1.47
C PRO A 34 -5.50 7.02 1.28
N LEU A 35 -5.25 6.39 0.10
CA LEU A 35 -4.05 5.62 -0.19
C LEU A 35 -2.79 6.46 -0.16
N ARG A 36 -2.84 7.69 -0.72
CA ARG A 36 -1.81 8.72 -0.73
C ARG A 36 -1.06 8.93 0.58
N LYS A 37 -1.77 8.90 1.72
CA LYS A 37 -1.14 9.09 3.01
C LYS A 37 -0.27 7.91 3.43
N LEU A 38 -0.54 6.70 2.89
CA LEU A 38 0.29 5.53 3.06
C LEU A 38 1.40 5.50 2.00
N MET A 39 1.07 5.77 0.71
CA MET A 39 2.02 5.81 -0.39
C MET A 39 3.15 6.82 -0.19
N ASN A 40 2.83 8.06 0.20
CA ASN A 40 3.83 9.10 0.45
C ASN A 40 4.67 8.77 1.69
N ALA A 41 4.05 8.12 2.70
CA ALA A 41 4.74 7.66 3.89
C ALA A 41 5.72 6.52 3.63
N TYR A 42 5.46 5.64 2.64
CA TYR A 42 6.39 4.61 2.18
C TYR A 42 7.72 5.19 1.75
N CYS A 43 7.72 6.19 0.83
CA CYS A 43 8.91 6.91 0.39
C CYS A 43 9.73 7.50 1.53
N ASP A 44 9.04 8.14 2.48
CA ASP A 44 9.60 8.79 3.65
C ASP A 44 10.19 7.82 4.69
N ARG A 45 9.42 6.79 5.09
CA ARG A 45 9.82 5.81 6.10
C ARG A 45 10.85 4.81 5.58
N ALA A 46 10.69 4.28 4.36
CA ALA A 46 11.65 3.36 3.75
C ALA A 46 12.91 4.07 3.30
N GLY A 47 12.78 5.35 2.88
CA GLY A 47 13.90 6.20 2.49
C GLY A 47 14.28 6.00 1.06
N LEU A 48 13.34 6.27 0.14
CA LEU A 48 13.55 6.07 -1.27
C LEU A 48 12.87 7.14 -2.09
N SER A 49 13.26 7.28 -3.38
CA SER A 49 12.59 8.14 -4.34
C SER A 49 11.47 7.37 -5.00
N MET A 50 10.35 8.03 -5.35
CA MET A 50 9.21 7.36 -5.96
C MET A 50 9.53 6.89 -7.37
N GLN A 51 10.53 7.51 -8.02
CA GLN A 51 11.00 7.19 -9.36
C GLN A 51 11.53 5.78 -9.56
N VAL A 52 12.05 5.12 -8.51
CA VAL A 52 12.58 3.77 -8.60
C VAL A 52 11.56 2.73 -8.18
N VAL A 53 10.35 3.16 -7.78
CA VAL A 53 9.25 2.30 -7.36
C VAL A 53 8.12 2.47 -8.38
N ARG A 54 7.87 1.46 -9.23
CA ARG A 54 6.96 1.59 -10.35
C ARG A 54 5.85 0.54 -10.29
N PHE A 55 4.60 0.93 -9.95
CA PHE A 55 3.53 0.00 -9.62
C PHE A 55 2.41 -0.09 -10.67
N ARG A 56 1.80 -1.29 -10.81
CA ARG A 56 0.66 -1.54 -11.68
C ARG A 56 -0.40 -2.32 -10.90
N PHE A 57 -1.68 -2.02 -11.20
CA PHE A 57 -2.86 -2.67 -10.66
C PHE A 57 -3.69 -3.18 -11.84
N ASP A 58 -3.86 -4.51 -11.95
CA ASP A 58 -4.60 -5.18 -13.01
C ASP A 58 -4.03 -4.87 -14.42
N GLY A 59 -2.72 -4.57 -14.50
CA GLY A 59 -2.04 -4.13 -15.72
C GLY A 59 -1.98 -2.65 -15.90
N GLN A 60 -2.92 -1.88 -15.31
CA GLN A 60 -2.99 -0.44 -15.45
C GLN A 60 -2.16 0.25 -14.36
N PRO A 61 -1.72 1.49 -14.44
CA PRO A 61 -1.31 2.23 -13.25
C PRO A 61 -2.53 2.61 -12.41
N ILE A 62 -2.37 2.73 -11.08
CA ILE A 62 -3.44 3.19 -10.20
C ILE A 62 -3.10 4.60 -9.73
N ASN A 63 -4.09 5.33 -9.18
CA ASN A 63 -3.92 6.65 -8.62
C ASN A 63 -4.24 6.58 -7.13
N GLU A 64 -3.65 7.48 -6.33
CA GLU A 64 -3.58 7.33 -4.89
C GLU A 64 -4.51 8.25 -4.08
N ASN A 65 -5.24 9.17 -4.71
CA ASN A 65 -5.92 10.25 -3.99
C ASN A 65 -7.18 9.87 -3.25
N ASP A 66 -7.99 8.95 -3.81
CA ASP A 66 -9.30 8.54 -3.35
C ASP A 66 -9.28 7.69 -2.07
N THR A 67 -10.47 7.48 -1.47
CA THR A 67 -10.66 6.47 -0.43
C THR A 67 -11.01 5.15 -1.12
N PRO A 68 -10.64 3.97 -0.61
CA PRO A 68 -10.74 2.73 -1.38
C PRO A 68 -12.17 2.22 -1.55
N THR A 69 -13.17 2.87 -0.96
CA THR A 69 -14.55 2.41 -1.02
C THR A 69 -15.18 2.49 -2.40
N SER A 70 -14.73 3.40 -3.28
CA SER A 70 -15.28 3.54 -4.63
C SER A 70 -14.81 2.46 -5.59
N LEU A 71 -13.94 1.53 -5.14
CA LEU A 71 -13.45 0.42 -5.95
C LEU A 71 -14.32 -0.83 -5.81
N GLU A 72 -15.05 -0.96 -4.68
CA GLU A 72 -15.88 -2.09 -4.27
C GLU A 72 -15.29 -3.49 -4.47
N MET A 73 -14.32 -3.87 -3.61
CA MET A 73 -13.59 -5.12 -3.68
C MET A 73 -13.63 -5.91 -2.38
N GLU A 74 -14.19 -5.32 -1.29
CA GLU A 74 -13.86 -5.62 0.09
C GLU A 74 -12.38 -5.44 0.47
N GLU A 75 -11.54 -6.48 0.31
CA GLU A 75 -10.15 -6.42 0.72
C GLU A 75 -9.35 -7.49 0.00
N GLY A 76 -8.01 -7.51 0.23
CA GLY A 76 -7.11 -8.45 -0.42
C GLY A 76 -6.72 -7.99 -1.79
N ASP A 77 -6.53 -6.67 -1.94
CA ASP A 77 -6.28 -6.00 -3.19
C ASP A 77 -4.85 -6.25 -3.66
N THR A 78 -4.66 -6.69 -4.92
CA THR A 78 -3.41 -7.30 -5.41
C THR A 78 -2.64 -6.43 -6.39
N ILE A 79 -1.73 -5.59 -5.87
CA ILE A 79 -0.91 -4.68 -6.68
C ILE A 79 0.50 -5.23 -6.88
N GLU A 80 1.11 -5.06 -8.09
CA GLU A 80 2.49 -5.45 -8.33
C GLU A 80 3.37 -4.21 -8.48
N VAL A 81 4.65 -4.32 -8.12
CA VAL A 81 5.55 -3.18 -8.15
C VAL A 81 6.96 -3.56 -8.57
N TYR A 82 7.54 -2.82 -9.53
CA TYR A 82 8.94 -2.92 -9.88
C TYR A 82 9.75 -2.03 -8.94
N GLN A 83 10.73 -2.63 -8.25
CA GLN A 83 11.72 -1.94 -7.46
C GLN A 83 13.06 -2.46 -7.92
N GLN A 84 14.12 -1.62 -7.95
CA GLN A 84 15.39 -2.01 -8.53
C GLN A 84 16.24 -2.93 -7.66
N GLN A 85 16.86 -3.97 -8.25
CA GLN A 85 17.83 -4.81 -7.57
C GLN A 85 19.17 -4.08 -7.42
N THR A 86 19.93 -4.38 -6.35
CA THR A 86 21.29 -3.85 -6.17
C THR A 86 22.15 -4.98 -5.65
N GLY A 87 22.55 -5.03 -4.36
CA GLY A 87 23.38 -6.14 -3.90
C GLY A 87 23.85 -5.97 -2.48
N GLY A 88 22.90 -5.97 -1.53
CA GLY A 88 23.19 -5.83 -0.12
C GLY A 88 23.41 -4.37 0.30
N MET A 1 2.80 -7.97 19.91
CA MET A 1 3.18 -8.12 18.48
C MET A 1 3.73 -6.84 17.89
N SER A 2 4.91 -6.90 17.22
CA SER A 2 5.77 -5.74 16.95
C SER A 2 6.25 -5.10 18.26
N ASP A 3 5.52 -4.10 18.78
CA ASP A 3 5.68 -3.65 20.15
C ASP A 3 4.85 -4.57 21.08
N GLU A 4 4.14 -4.02 22.08
CA GLU A 4 3.35 -4.77 23.03
C GLU A 4 1.97 -5.17 22.47
N LYS A 5 0.90 -4.51 22.93
CA LYS A 5 -0.46 -4.80 22.56
C LYS A 5 -0.89 -3.89 21.42
N LYS A 6 -1.78 -4.37 20.54
CA LYS A 6 -2.41 -3.56 19.53
C LYS A 6 -3.84 -4.05 19.37
N GLY A 7 -4.61 -3.39 18.49
CA GLY A 7 -6.00 -3.69 18.22
C GLY A 7 -6.57 -2.47 17.58
N GLY A 8 -7.91 -2.33 17.56
CA GLY A 8 -8.59 -1.24 16.85
C GLY A 8 -9.03 -1.71 15.49
N GLU A 9 -9.33 -3.01 15.40
CA GLU A 9 -9.70 -3.70 14.18
C GLU A 9 -11.17 -3.47 13.85
N THR A 10 -11.46 -3.01 12.62
CA THR A 10 -12.80 -2.59 12.19
C THR A 10 -12.87 -2.65 10.67
N GLU A 11 -13.33 -1.58 9.96
CA GLU A 11 -13.52 -1.64 8.53
C GLU A 11 -12.32 -1.09 7.74
N HIS A 12 -11.51 -2.01 7.21
CA HIS A 12 -10.24 -1.72 6.56
C HIS A 12 -9.97 -2.71 5.44
N ILE A 13 -8.83 -2.58 4.76
CA ILE A 13 -8.28 -3.65 3.95
C ILE A 13 -6.83 -3.86 4.36
N ASN A 14 -6.38 -5.12 4.38
CA ASN A 14 -4.98 -5.48 4.44
C ASN A 14 -4.48 -5.67 3.00
N LEU A 15 -3.80 -4.66 2.43
CA LEU A 15 -3.42 -4.69 1.03
C LEU A 15 -2.23 -5.62 0.78
N LYS A 16 -2.30 -6.49 -0.25
CA LYS A 16 -1.27 -7.44 -0.58
C LYS A 16 -0.28 -6.86 -1.58
N VAL A 17 0.97 -6.62 -1.15
CA VAL A 17 1.96 -5.90 -1.91
C VAL A 17 3.06 -6.84 -2.39
N LEU A 18 3.15 -7.07 -3.71
CA LEU A 18 4.13 -7.95 -4.31
C LEU A 18 5.25 -7.13 -4.95
N GLY A 19 6.51 -7.33 -4.49
CA GLY A 19 7.67 -6.53 -4.89
C GLY A 19 8.59 -7.22 -5.87
N GLN A 20 9.21 -6.41 -6.75
CA GLN A 20 10.05 -6.85 -7.84
C GLN A 20 11.40 -7.41 -7.38
N ASP A 21 11.78 -7.15 -6.12
CA ASP A 21 12.95 -7.70 -5.44
C ASP A 21 12.62 -8.98 -4.67
N ASN A 22 11.46 -9.59 -5.00
CA ASN A 22 10.94 -10.83 -4.45
C ASN A 22 10.32 -10.65 -3.07
N ALA A 23 10.03 -9.40 -2.66
CA ALA A 23 9.38 -9.12 -1.40
C ALA A 23 7.87 -9.35 -1.45
N VAL A 24 7.29 -9.92 -0.39
CA VAL A 24 5.84 -9.98 -0.22
C VAL A 24 5.56 -9.31 1.10
N VAL A 25 4.92 -8.12 1.09
CA VAL A 25 4.58 -7.42 2.32
C VAL A 25 3.11 -7.06 2.28
N GLN A 26 2.54 -6.60 3.41
CA GLN A 26 1.14 -6.26 3.46
C GLN A 26 0.91 -5.29 4.59
N PHE A 27 -0.02 -4.33 4.40
CA PHE A 27 -0.28 -3.27 5.37
C PHE A 27 -1.76 -2.98 5.48
N LYS A 28 -2.20 -2.45 6.64
CA LYS A 28 -3.60 -2.22 6.93
C LYS A 28 -4.00 -0.76 6.78
N ILE A 29 -4.99 -0.47 5.92
CA ILE A 29 -5.50 0.87 5.68
C ILE A 29 -7.01 0.88 5.87
N LYS A 30 -7.58 1.94 6.50
CA LYS A 30 -9.02 2.12 6.66
C LYS A 30 -9.72 2.24 5.31
N LYS A 31 -10.96 1.70 5.16
CA LYS A 31 -11.63 1.73 3.87
C LYS A 31 -12.01 3.14 3.40
N HIS A 32 -12.35 4.04 4.33
CA HIS A 32 -12.66 5.43 4.02
C HIS A 32 -11.44 6.36 3.92
N THR A 33 -10.18 5.89 4.08
CA THR A 33 -9.00 6.76 3.94
C THR A 33 -8.31 6.57 2.60
N PRO A 34 -7.75 7.60 1.95
CA PRO A 34 -7.07 7.43 0.67
C PRO A 34 -5.66 6.85 0.75
N LEU A 35 -5.12 6.41 -0.39
CA LEU A 35 -3.85 5.69 -0.49
C LEU A 35 -2.62 6.57 -0.29
N ARG A 36 -2.54 7.74 -0.96
CA ARG A 36 -1.39 8.65 -1.02
C ARG A 36 -0.62 8.88 0.29
N LYS A 37 -1.33 9.15 1.42
CA LYS A 37 -0.73 9.33 2.74
C LYS A 37 0.15 8.16 3.17
N LEU A 38 -0.38 6.93 3.04
CA LEU A 38 0.31 5.70 3.38
C LEU A 38 1.49 5.43 2.46
N MET A 39 1.30 5.65 1.14
CA MET A 39 2.34 5.52 0.14
C MET A 39 3.56 6.38 0.42
N ASN A 40 3.38 7.69 0.66
CA ASN A 40 4.46 8.58 1.06
C ASN A 40 5.05 8.22 2.43
N ALA A 41 4.22 7.97 3.46
CA ALA A 41 4.68 7.67 4.81
C ALA A 41 5.59 6.44 4.95
N TYR A 42 5.32 5.35 4.21
CA TYR A 42 6.23 4.21 4.13
C TYR A 42 7.48 4.53 3.31
N CYS A 43 7.38 5.24 2.16
CA CYS A 43 8.53 5.63 1.34
C CYS A 43 9.55 6.48 2.08
N ASP A 44 9.10 7.56 2.76
CA ASP A 44 9.95 8.41 3.59
C ASP A 44 10.65 7.66 4.73
N ARG A 45 10.01 6.63 5.32
CA ARG A 45 10.62 5.75 6.31
C ARG A 45 11.63 4.77 5.73
N ALA A 46 11.27 4.07 4.63
CA ALA A 46 12.14 3.16 3.92
C ALA A 46 13.37 3.87 3.36
N GLY A 47 13.20 5.13 2.91
CA GLY A 47 14.28 6.04 2.60
C GLY A 47 14.62 6.07 1.15
N LEU A 48 13.84 5.35 0.34
CA LEU A 48 14.05 5.15 -1.08
C LEU A 48 13.61 6.34 -1.94
N SER A 49 13.77 6.20 -3.27
CA SER A 49 13.45 7.23 -4.23
C SER A 49 12.25 6.84 -5.04
N MET A 50 11.11 7.57 -4.92
CA MET A 50 9.82 7.12 -5.45
C MET A 50 9.74 6.87 -6.96
N GLN A 51 10.38 7.70 -7.82
CA GLN A 51 10.20 7.60 -9.26
C GLN A 51 10.58 6.26 -9.91
N VAL A 52 11.56 5.55 -9.33
CA VAL A 52 12.00 4.25 -9.83
C VAL A 52 11.23 3.09 -9.20
N VAL A 53 10.13 3.40 -8.49
CA VAL A 53 9.21 2.43 -7.92
C VAL A 53 7.85 2.64 -8.59
N ARG A 54 7.41 1.72 -9.47
CA ARG A 54 6.14 1.85 -10.17
C ARG A 54 5.09 0.95 -9.55
N PHE A 55 3.78 1.27 -9.70
CA PHE A 55 2.70 0.52 -9.09
C PHE A 55 1.56 0.32 -10.08
N ARG A 56 1.19 -0.94 -10.40
CA ARG A 56 -0.01 -1.23 -11.18
C ARG A 56 -1.05 -1.96 -10.34
N PHE A 57 -2.34 -1.75 -10.68
CA PHE A 57 -3.46 -2.43 -10.05
C PHE A 57 -4.37 -2.98 -11.14
N ASP A 58 -4.26 -4.30 -11.39
CA ASP A 58 -4.96 -5.02 -12.45
C ASP A 58 -4.72 -4.42 -13.85
N GLY A 59 -3.48 -4.59 -14.39
CA GLY A 59 -3.06 -4.04 -15.67
C GLY A 59 -2.71 -2.56 -15.63
N GLN A 60 -3.68 -1.75 -15.20
CA GLN A 60 -3.63 -0.30 -15.24
C GLN A 60 -2.76 0.31 -14.12
N PRO A 61 -2.20 1.50 -14.25
CA PRO A 61 -1.54 2.18 -13.13
C PRO A 61 -2.54 2.60 -12.07
N ILE A 62 -2.15 2.63 -10.79
CA ILE A 62 -3.06 2.93 -9.69
C ILE A 62 -3.23 4.42 -9.45
N ASN A 63 -4.45 4.86 -9.07
CA ASN A 63 -4.71 6.22 -8.64
C ASN A 63 -4.48 6.31 -7.13
N GLU A 64 -3.87 7.41 -6.69
CA GLU A 64 -3.37 7.59 -5.35
C GLU A 64 -4.37 8.32 -4.46
N ASN A 65 -5.30 9.06 -5.08
CA ASN A 65 -6.20 9.98 -4.43
C ASN A 65 -7.45 9.32 -3.85
N ASP A 66 -8.00 8.33 -4.56
CA ASP A 66 -9.25 7.68 -4.20
C ASP A 66 -9.16 6.74 -3.00
N THR A 67 -10.33 6.28 -2.54
CA THR A 67 -10.49 5.35 -1.43
C THR A 67 -10.83 3.97 -1.97
N PRO A 68 -10.60 2.85 -1.28
CA PRO A 68 -11.08 1.55 -1.72
C PRO A 68 -12.58 1.39 -1.55
N THR A 69 -13.29 2.33 -0.90
CA THR A 69 -14.76 2.44 -0.96
C THR A 69 -15.23 2.94 -2.31
N SER A 70 -14.48 3.86 -2.95
CA SER A 70 -14.85 4.41 -4.26
C SER A 70 -14.74 3.43 -5.39
N LEU A 71 -14.01 2.32 -5.18
CA LEU A 71 -13.89 1.23 -6.13
C LEU A 71 -14.53 -0.05 -5.60
N GLU A 72 -15.25 0.04 -4.45
CA GLU A 72 -15.70 -1.04 -3.58
C GLU A 72 -14.91 -2.35 -3.61
N MET A 73 -13.72 -2.33 -2.97
CA MET A 73 -12.82 -3.47 -2.87
C MET A 73 -12.96 -4.19 -1.53
N GLU A 74 -12.41 -5.41 -1.42
CA GLU A 74 -12.85 -6.37 -0.43
C GLU A 74 -11.94 -6.49 0.78
N GLU A 75 -10.75 -7.06 0.60
CA GLU A 75 -9.80 -7.47 1.63
C GLU A 75 -8.76 -8.36 0.97
N GLY A 76 -7.46 -8.13 1.26
CA GLY A 76 -6.36 -8.90 0.70
C GLY A 76 -6.08 -8.59 -0.74
N ASP A 77 -6.48 -7.40 -1.20
CA ASP A 77 -6.49 -7.01 -2.59
C ASP A 77 -5.07 -6.79 -3.11
N THR A 78 -4.76 -7.28 -4.33
CA THR A 78 -3.39 -7.43 -4.81
C THR A 78 -2.86 -6.26 -5.62
N ILE A 79 -1.79 -5.60 -5.14
CA ILE A 79 -1.05 -4.59 -5.90
C ILE A 79 0.33 -5.13 -6.25
N GLU A 80 0.85 -4.80 -7.45
CA GLU A 80 2.21 -5.14 -7.84
C GLU A 80 3.08 -3.91 -7.77
N VAL A 81 4.38 -4.12 -7.43
CA VAL A 81 5.36 -3.07 -7.32
C VAL A 81 6.53 -3.37 -8.23
N TYR A 82 6.94 -2.38 -9.03
CA TYR A 82 8.05 -2.50 -9.95
C TYR A 82 9.19 -1.59 -9.50
N GLN A 83 10.08 -2.07 -8.60
CA GLN A 83 11.31 -1.38 -8.27
C GLN A 83 12.47 -1.88 -9.11
N GLN A 84 13.49 -1.03 -9.36
CA GLN A 84 14.73 -1.45 -9.98
C GLN A 84 15.67 -2.19 -9.01
N GLN A 85 15.30 -3.45 -8.69
CA GLN A 85 16.08 -4.45 -7.96
C GLN A 85 16.31 -4.21 -6.47
N THR A 86 16.62 -2.97 -6.05
CA THR A 86 16.75 -2.61 -4.64
C THR A 86 15.60 -1.72 -4.19
N GLY A 87 15.29 -1.77 -2.88
CA GLY A 87 14.45 -0.79 -2.18
C GLY A 87 15.23 -0.08 -1.12
N GLY A 88 16.57 -0.12 -1.21
CA GLY A 88 17.50 0.50 -0.28
C GLY A 88 18.70 1.07 -1.03
N MET A 1 -4.49 -2.67 27.37
CA MET A 1 -4.92 -3.99 27.93
C MET A 1 -6.31 -3.97 28.53
N SER A 2 -6.88 -5.16 28.84
CA SER A 2 -8.18 -5.36 29.46
C SER A 2 -9.35 -4.83 28.62
N ASP A 3 -10.16 -3.89 29.17
CA ASP A 3 -11.25 -3.25 28.45
C ASP A 3 -10.68 -2.18 27.52
N GLU A 4 -10.31 -2.56 26.29
CA GLU A 4 -9.64 -1.66 25.37
C GLU A 4 -10.27 -1.66 23.99
N LYS A 5 -9.78 -0.76 23.13
CA LYS A 5 -10.24 -0.46 21.79
C LYS A 5 -9.79 -1.45 20.72
N LYS A 6 -9.17 -2.58 21.15
CA LYS A 6 -8.62 -3.59 20.26
C LYS A 6 -9.32 -4.93 20.45
N GLY A 7 -10.58 -4.89 20.93
CA GLY A 7 -11.47 -6.05 21.00
C GLY A 7 -12.47 -5.99 19.90
N GLY A 8 -12.02 -6.21 18.65
CA GLY A 8 -12.79 -5.91 17.45
C GLY A 8 -12.74 -4.44 17.13
N GLU A 9 -11.90 -4.03 16.17
CA GLU A 9 -11.80 -2.63 15.78
C GLU A 9 -12.97 -2.21 14.88
N THR A 10 -13.02 -0.93 14.49
CA THR A 10 -14.05 -0.36 13.60
C THR A 10 -14.18 -1.12 12.31
N GLU A 11 -13.04 -1.23 11.60
CA GLU A 11 -12.84 -1.98 10.39
C GLU A 11 -11.33 -2.05 10.30
N HIS A 12 -10.72 -3.04 9.62
CA HIS A 12 -9.28 -3.07 9.45
C HIS A 12 -8.86 -3.96 8.30
N ILE A 13 -9.21 -3.55 7.06
CA ILE A 13 -8.95 -4.28 5.83
C ILE A 13 -7.49 -4.59 5.50
N ASN A 14 -7.25 -5.62 4.67
CA ASN A 14 -5.91 -6.10 4.35
C ASN A 14 -5.51 -5.66 2.96
N LEU A 15 -4.23 -5.28 2.75
CA LEU A 15 -3.65 -5.15 1.42
C LEU A 15 -2.37 -5.96 1.38
N LYS A 16 -1.99 -6.44 0.18
CA LYS A 16 -0.78 -7.19 -0.03
C LYS A 16 0.08 -6.48 -1.05
N VAL A 17 1.41 -6.36 -0.81
CA VAL A 17 2.32 -5.70 -1.73
C VAL A 17 3.37 -6.69 -2.23
N LEU A 18 3.31 -7.00 -3.54
CA LEU A 18 4.22 -7.91 -4.21
C LEU A 18 5.34 -7.12 -4.86
N GLY A 19 6.56 -7.15 -4.28
CA GLY A 19 7.70 -6.45 -4.83
C GLY A 19 8.47 -7.32 -5.76
N GLN A 20 8.78 -6.82 -6.98
CA GLN A 20 9.49 -7.60 -7.99
C GLN A 20 10.92 -7.97 -7.61
N ASP A 21 11.56 -7.20 -6.69
CA ASP A 21 12.73 -7.61 -5.92
C ASP A 21 12.40 -8.70 -4.87
N ASN A 22 11.61 -9.72 -5.24
CA ASN A 22 11.26 -10.91 -4.48
C ASN A 22 10.39 -10.72 -3.22
N ALA A 23 10.44 -9.55 -2.57
CA ALA A 23 9.80 -9.26 -1.30
C ALA A 23 8.27 -9.18 -1.33
N VAL A 24 7.59 -10.13 -0.67
CA VAL A 24 6.14 -10.14 -0.46
C VAL A 24 5.84 -9.70 0.97
N VAL A 25 4.99 -8.67 1.16
CA VAL A 25 4.60 -8.19 2.48
C VAL A 25 3.09 -7.97 2.50
N GLN A 26 2.41 -8.31 3.62
CA GLN A 26 1.04 -7.90 3.85
C GLN A 26 0.98 -6.82 4.92
N PHE A 27 -0.05 -5.97 4.87
CA PHE A 27 -0.32 -5.01 5.91
C PHE A 27 -1.81 -4.79 6.02
N LYS A 28 -2.27 -4.14 7.11
CA LYS A 28 -3.66 -3.76 7.25
C LYS A 28 -3.80 -2.24 7.26
N ILE A 29 -4.92 -1.72 6.75
CA ILE A 29 -5.26 -0.31 6.75
C ILE A 29 -6.75 -0.22 7.01
N LYS A 30 -7.36 0.98 7.08
CA LYS A 30 -8.80 1.12 7.21
C LYS A 30 -9.31 1.79 5.95
N LYS A 31 -10.46 1.35 5.40
CA LYS A 31 -10.97 1.65 4.06
C LYS A 31 -11.47 3.09 3.90
N HIS A 32 -11.50 3.84 5.02
CA HIS A 32 -11.62 5.30 5.05
C HIS A 32 -10.42 6.02 4.43
N THR A 33 -9.24 5.38 4.38
CA THR A 33 -7.96 6.03 4.09
C THR A 33 -7.72 6.19 2.59
N PRO A 34 -7.32 7.34 2.02
CA PRO A 34 -6.90 7.40 0.62
C PRO A 34 -5.51 6.80 0.41
N LEU A 35 -5.14 6.52 -0.86
CA LEU A 35 -3.88 5.84 -1.17
C LEU A 35 -2.67 6.74 -0.97
N ARG A 36 -2.76 8.02 -1.37
CA ARG A 36 -1.70 9.01 -1.26
C ARG A 36 -1.05 9.17 0.11
N LYS A 37 -1.85 9.22 1.21
CA LYS A 37 -1.37 9.25 2.59
C LYS A 37 -0.46 8.08 2.95
N LEU A 38 -0.82 6.85 2.50
CA LEU A 38 0.01 5.67 2.68
C LEU A 38 1.31 5.75 1.90
N MET A 39 1.27 6.18 0.62
CA MET A 39 2.45 6.30 -0.20
C MET A 39 3.45 7.33 0.31
N ASN A 40 3.01 8.56 0.66
CA ASN A 40 3.88 9.59 1.23
C ASN A 40 4.49 9.18 2.56
N ALA A 41 3.76 8.41 3.39
CA ALA A 41 4.31 7.79 4.58
C ALA A 41 5.35 6.73 4.27
N TYR A 42 5.03 5.75 3.40
CA TYR A 42 5.91 4.65 3.05
C TYR A 42 7.23 5.06 2.41
N CYS A 43 7.23 5.96 1.40
CA CYS A 43 8.46 6.39 0.74
C CYS A 43 9.43 7.11 1.68
N ASP A 44 8.98 8.15 2.40
CA ASP A 44 9.78 8.90 3.33
C ASP A 44 10.10 8.19 4.65
N ARG A 45 9.26 7.24 5.15
CA ARG A 45 9.62 6.44 6.31
C ARG A 45 10.75 5.46 6.01
N ALA A 46 10.70 4.81 4.82
CA ALA A 46 11.79 4.01 4.29
C ALA A 46 13.03 4.85 4.01
N GLY A 47 12.86 5.92 3.22
CA GLY A 47 13.89 6.88 2.86
C GLY A 47 14.30 6.74 1.42
N LEU A 48 13.31 6.66 0.51
CA LEU A 48 13.57 6.52 -0.91
C LEU A 48 12.66 7.41 -1.71
N SER A 49 12.96 7.61 -3.00
CA SER A 49 12.15 8.45 -3.87
C SER A 49 11.07 7.66 -4.57
N MET A 50 9.82 8.12 -4.52
CA MET A 50 8.68 7.42 -5.10
C MET A 50 8.81 7.14 -6.60
N GLN A 51 9.48 8.04 -7.35
CA GLN A 51 9.72 7.91 -8.78
C GLN A 51 10.44 6.64 -9.25
N VAL A 52 11.25 5.97 -8.40
CA VAL A 52 11.90 4.74 -8.80
C VAL A 52 10.95 3.54 -8.72
N VAL A 53 9.92 3.65 -7.87
CA VAL A 53 9.01 2.58 -7.49
C VAL A 53 7.76 2.60 -8.37
N ARG A 54 7.64 1.69 -9.37
CA ARG A 54 6.49 1.71 -10.26
C ARG A 54 5.48 0.65 -9.88
N PHE A 55 4.39 1.08 -9.22
CA PHE A 55 3.28 0.24 -8.81
C PHE A 55 2.21 0.14 -9.89
N ARG A 56 1.58 -1.06 -10.02
CA ARG A 56 0.45 -1.27 -10.93
C ARG A 56 -0.62 -2.10 -10.23
N PHE A 57 -1.90 -1.96 -10.65
CA PHE A 57 -3.03 -2.66 -10.07
C PHE A 57 -3.97 -3.10 -11.19
N ASP A 58 -4.48 -4.35 -11.14
CA ASP A 58 -5.37 -4.92 -12.15
C ASP A 58 -4.82 -4.84 -13.59
N GLY A 59 -3.49 -4.99 -13.73
CA GLY A 59 -2.77 -4.83 -14.99
C GLY A 59 -2.25 -3.44 -15.24
N GLN A 60 -2.95 -2.40 -14.74
CA GLN A 60 -2.84 -1.04 -15.22
C GLN A 60 -2.20 -0.09 -14.18
N PRO A 61 -1.71 1.10 -14.52
CA PRO A 61 -1.28 2.09 -13.54
C PRO A 61 -2.47 2.73 -12.83
N ILE A 62 -2.24 3.47 -11.74
CA ILE A 62 -3.33 4.01 -10.94
C ILE A 62 -3.07 5.46 -10.53
N ASN A 63 -4.12 6.30 -10.59
CA ASN A 63 -4.13 7.65 -10.06
C ASN A 63 -4.35 7.64 -8.55
N GLU A 64 -3.41 8.20 -7.78
CA GLU A 64 -3.35 8.04 -6.33
C GLU A 64 -4.37 8.84 -5.51
N ASN A 65 -5.15 9.72 -6.16
CA ASN A 65 -6.09 10.61 -5.53
C ASN A 65 -7.39 9.92 -5.09
N ASP A 66 -7.83 8.87 -5.80
CA ASP A 66 -9.12 8.25 -5.57
C ASP A 66 -9.16 7.39 -4.29
N THR A 67 -10.36 6.98 -3.86
CA THR A 67 -10.60 6.29 -2.61
C THR A 67 -11.06 4.87 -2.84
N PRO A 68 -10.85 3.91 -1.93
CA PRO A 68 -11.20 2.51 -2.19
C PRO A 68 -12.70 2.26 -2.14
N THR A 69 -13.49 3.25 -1.71
CA THR A 69 -14.95 3.30 -1.79
C THR A 69 -15.43 3.50 -3.21
N SER A 70 -14.66 4.20 -4.06
CA SER A 70 -14.95 4.38 -5.48
C SER A 70 -14.67 3.11 -6.24
N LEU A 71 -13.44 2.58 -6.04
CA LEU A 71 -12.90 1.40 -6.70
C LEU A 71 -13.70 0.13 -6.43
N GLU A 72 -14.10 -0.10 -5.17
CA GLU A 72 -14.66 -1.36 -4.69
C GLU A 72 -13.62 -2.47 -4.66
N MET A 73 -12.43 -2.16 -4.11
CA MET A 73 -11.41 -3.15 -3.80
C MET A 73 -11.77 -3.94 -2.55
N GLU A 74 -11.18 -5.12 -2.35
CA GLU A 74 -11.55 -6.00 -1.27
C GLU A 74 -10.45 -6.07 -0.22
N GLU A 75 -10.77 -6.58 0.98
CA GLU A 75 -9.84 -6.84 2.06
C GLU A 75 -8.90 -8.03 1.80
N GLY A 76 -8.17 -8.01 0.68
CA GLY A 76 -7.11 -8.99 0.43
C GLY A 76 -6.28 -8.72 -0.78
N ASP A 77 -6.30 -7.49 -1.31
CA ASP A 77 -5.90 -7.26 -2.69
C ASP A 77 -4.39 -7.06 -2.88
N THR A 78 -3.82 -7.72 -3.91
CA THR A 78 -2.42 -7.62 -4.29
C THR A 78 -2.13 -6.45 -5.21
N ILE A 79 -1.26 -5.50 -4.77
CA ILE A 79 -0.65 -4.53 -5.66
C ILE A 79 0.74 -5.02 -6.05
N GLU A 80 1.14 -4.87 -7.33
CA GLU A 80 2.49 -5.24 -7.76
C GLU A 80 3.36 -4.01 -7.80
N VAL A 81 4.65 -4.19 -7.46
CA VAL A 81 5.63 -3.11 -7.44
C VAL A 81 6.83 -3.50 -8.28
N TYR A 82 6.97 -2.87 -9.45
CA TYR A 82 8.06 -3.09 -10.39
C TYR A 82 9.27 -2.23 -10.02
N GLN A 83 10.20 -2.84 -9.26
CA GLN A 83 11.43 -2.21 -8.80
C GLN A 83 12.52 -2.18 -9.88
N GLN A 84 13.50 -1.26 -9.73
CA GLN A 84 14.58 -1.11 -10.69
C GLN A 84 15.92 -0.95 -9.98
N GLN A 85 16.36 -1.99 -9.23
CA GLN A 85 17.63 -2.02 -8.52
C GLN A 85 17.75 -1.08 -7.32
N THR A 86 17.86 0.24 -7.58
CA THR A 86 18.28 1.26 -6.63
C THR A 86 17.22 1.57 -5.57
N GLY A 87 17.27 0.86 -4.42
CA GLY A 87 16.31 1.10 -3.35
C GLY A 87 16.77 0.56 -2.02
N GLY A 88 18.03 0.84 -1.64
CA GLY A 88 18.61 0.35 -0.40
C GLY A 88 20.12 0.56 -0.43
N MET A 1 -7.33 6.20 23.37
CA MET A 1 -6.26 5.36 23.98
C MET A 1 -6.06 5.75 25.43
N SER A 2 -5.68 4.81 26.31
CA SER A 2 -5.25 5.16 27.67
C SER A 2 -3.86 4.59 27.87
N ASP A 3 -3.74 3.39 28.47
CA ASP A 3 -2.48 2.71 28.69
C ASP A 3 -2.00 1.94 27.45
N GLU A 4 -2.10 0.60 27.44
CA GLU A 4 -1.76 -0.23 26.29
C GLU A 4 -2.98 -0.37 25.39
N LYS A 5 -4.18 -0.50 25.99
CA LYS A 5 -5.41 -0.65 25.23
C LYS A 5 -5.80 0.60 24.43
N LYS A 6 -6.16 0.36 23.16
CA LYS A 6 -6.61 1.37 22.24
C LYS A 6 -8.12 1.32 22.12
N GLY A 7 -8.75 2.41 21.68
CA GLY A 7 -10.20 2.51 21.76
C GLY A 7 -10.71 3.57 20.84
N GLY A 8 -11.40 3.15 19.76
CA GLY A 8 -11.97 4.05 18.77
C GLY A 8 -11.64 3.59 17.39
N GLU A 9 -12.22 2.46 16.97
CA GLU A 9 -11.92 1.85 15.70
C GLU A 9 -13.16 1.19 15.15
N THR A 10 -13.14 0.79 13.86
CA THR A 10 -14.30 0.18 13.21
C THR A 10 -13.87 -0.77 12.12
N GLU A 11 -13.17 -0.29 11.08
CA GLU A 11 -12.63 -1.16 10.04
C GLU A 11 -11.29 -0.65 9.59
N HIS A 12 -10.48 -1.53 8.98
CA HIS A 12 -9.07 -1.33 8.71
C HIS A 12 -8.59 -2.44 7.78
N ILE A 13 -8.39 -2.17 6.47
CA ILE A 13 -8.25 -3.24 5.48
C ILE A 13 -6.80 -3.54 5.13
N ASN A 14 -6.51 -4.78 4.72
CA ASN A 14 -5.17 -5.27 4.50
C ASN A 14 -4.71 -5.09 3.05
N LEU A 15 -3.49 -4.57 2.84
CA LEU A 15 -2.92 -4.27 1.54
C LEU A 15 -1.76 -5.22 1.31
N LYS A 16 -1.59 -5.79 0.10
CA LYS A 16 -0.49 -6.69 -0.20
C LYS A 16 0.41 -6.15 -1.31
N VAL A 17 1.68 -5.88 -0.99
CA VAL A 17 2.66 -5.44 -1.96
C VAL A 17 3.37 -6.64 -2.55
N LEU A 18 3.28 -6.83 -3.88
CA LEU A 18 3.94 -7.91 -4.60
C LEU A 18 5.12 -7.36 -5.40
N GLY A 19 6.36 -7.51 -4.88
CA GLY A 19 7.55 -7.01 -5.56
C GLY A 19 8.15 -7.98 -6.53
N GLN A 20 8.60 -7.48 -7.70
CA GLN A 20 9.35 -8.26 -8.68
C GLN A 20 10.76 -8.65 -8.20
N ASP A 21 11.23 -8.14 -7.05
CA ASP A 21 12.41 -8.64 -6.36
C ASP A 21 12.12 -9.92 -5.56
N ASN A 22 10.85 -10.35 -5.55
CA ASN A 22 10.26 -11.53 -4.93
C ASN A 22 9.72 -11.22 -3.53
N ALA A 23 9.78 -9.97 -3.05
CA ALA A 23 9.28 -9.62 -1.73
C ALA A 23 7.77 -9.45 -1.69
N VAL A 24 7.08 -10.23 -0.83
CA VAL A 24 5.62 -10.15 -0.66
C VAL A 24 5.33 -9.67 0.75
N VAL A 25 4.82 -8.44 0.89
CA VAL A 25 4.66 -7.81 2.19
C VAL A 25 3.24 -7.32 2.38
N GLN A 26 2.59 -7.65 3.52
CA GLN A 26 1.25 -7.18 3.84
C GLN A 26 1.27 -5.97 4.77
N PHE A 27 0.58 -4.88 4.40
CA PHE A 27 0.41 -3.67 5.20
C PHE A 27 -1.07 -3.50 5.52
N LYS A 28 -1.48 -2.39 6.18
CA LYS A 28 -2.88 -2.17 6.50
C LYS A 28 -3.26 -0.70 6.44
N ILE A 29 -4.39 -0.35 5.79
CA ILE A 29 -4.82 1.03 5.65
C ILE A 29 -6.18 1.26 6.31
N LYS A 30 -6.33 2.41 7.01
CA LYS A 30 -7.63 2.84 7.51
C LYS A 30 -8.49 3.31 6.34
N LYS A 31 -9.54 2.54 5.98
CA LYS A 31 -10.33 2.68 4.76
C LYS A 31 -11.27 3.90 4.70
N HIS A 32 -10.72 5.08 5.01
CA HIS A 32 -11.38 6.37 5.06
C HIS A 32 -10.42 7.38 4.48
N THR A 33 -9.16 7.35 4.96
CA THR A 33 -8.05 8.11 4.41
C THR A 33 -7.54 7.45 3.12
N PRO A 34 -7.38 8.12 1.97
CA PRO A 34 -7.03 7.45 0.72
C PRO A 34 -5.59 7.00 0.65
N LEU A 35 -5.23 6.31 -0.46
CA LEU A 35 -3.99 5.57 -0.69
C LEU A 35 -2.72 6.37 -0.43
N ARG A 36 -2.72 7.69 -0.75
CA ARG A 36 -1.67 8.65 -0.45
C ARG A 36 -1.07 8.54 0.95
N LYS A 37 -1.90 8.43 2.00
CA LYS A 37 -1.42 8.36 3.37
C LYS A 37 -0.54 7.16 3.64
N LEU A 38 -0.90 6.01 3.04
CA LEU A 38 -0.10 4.80 3.08
C LEU A 38 1.15 4.93 2.22
N MET A 39 0.97 5.25 0.92
CA MET A 39 2.05 5.25 -0.04
C MET A 39 3.12 6.31 0.16
N ASN A 40 2.77 7.52 0.65
CA ASN A 40 3.77 8.53 1.01
C ASN A 40 4.54 8.08 2.26
N ALA A 41 3.87 7.57 3.30
CA ALA A 41 4.50 7.08 4.52
C ALA A 41 5.44 5.90 4.31
N TYR A 42 5.04 4.90 3.50
CA TYR A 42 5.85 3.75 3.12
C TYR A 42 6.88 4.06 2.02
N CYS A 43 7.04 5.34 1.65
CA CYS A 43 8.27 5.80 1.02
C CYS A 43 9.25 6.23 2.11
N ASP A 44 8.96 7.34 2.81
CA ASP A 44 9.86 7.97 3.75
C ASP A 44 10.27 7.12 4.94
N ARG A 45 9.29 6.52 5.66
CA ARG A 45 9.55 5.69 6.83
C ARG A 45 9.86 4.23 6.47
N ALA A 46 10.03 3.93 5.17
CA ALA A 46 10.72 2.75 4.70
C ALA A 46 12.17 3.10 4.36
N GLY A 47 12.36 4.20 3.60
CA GLY A 47 13.65 4.78 3.27
C GLY A 47 13.90 4.90 1.80
N LEU A 48 12.83 5.08 1.02
CA LEU A 48 12.87 5.17 -0.43
C LEU A 48 11.99 6.31 -0.88
N SER A 49 11.81 6.51 -2.19
CA SER A 49 10.94 7.55 -2.73
C SER A 49 10.08 6.96 -3.82
N MET A 50 8.99 7.63 -4.23
CA MET A 50 8.00 7.07 -5.13
C MET A 50 8.44 7.19 -6.60
N GLN A 51 9.20 8.25 -6.94
CA GLN A 51 9.78 8.49 -8.26
C GLN A 51 10.64 7.34 -8.82
N VAL A 52 11.15 6.42 -7.97
CA VAL A 52 11.95 5.27 -8.39
C VAL A 52 11.17 3.97 -8.40
N VAL A 53 9.88 3.98 -8.04
CA VAL A 53 9.04 2.79 -7.98
C VAL A 53 8.05 2.80 -9.14
N ARG A 54 7.75 1.65 -9.76
CA ARG A 54 6.65 1.50 -10.69
C ARG A 54 5.61 0.59 -10.06
N PHE A 55 4.31 0.90 -10.16
CA PHE A 55 3.30 0.05 -9.55
C PHE A 55 2.01 0.07 -10.36
N ARG A 56 1.22 -1.02 -10.29
CA ARG A 56 -0.06 -1.10 -10.97
C ARG A 56 -1.11 -1.78 -10.10
N PHE A 57 -2.39 -1.41 -10.30
CA PHE A 57 -3.54 -2.09 -9.71
C PHE A 57 -4.51 -2.41 -10.85
N ASP A 58 -4.98 -3.68 -10.94
CA ASP A 58 -5.72 -4.22 -12.08
C ASP A 58 -4.94 -4.14 -13.41
N GLY A 59 -3.59 -4.07 -13.32
CA GLY A 59 -2.70 -3.85 -14.45
C GLY A 59 -2.58 -2.41 -14.89
N GLN A 60 -3.28 -1.47 -14.23
CA GLN A 60 -3.33 -0.08 -14.62
C GLN A 60 -2.62 0.83 -13.62
N PRO A 61 -2.12 2.01 -13.99
CA PRO A 61 -1.71 3.03 -13.02
C PRO A 61 -2.91 3.66 -12.32
N ILE A 62 -3.14 3.29 -11.05
CA ILE A 62 -4.18 3.84 -10.20
C ILE A 62 -3.72 5.15 -9.55
N ASN A 63 -4.64 5.98 -9.02
CA ASN A 63 -4.27 7.22 -8.38
C ASN A 63 -3.84 7.02 -6.92
N GLU A 64 -3.06 7.98 -6.38
CA GLU A 64 -2.77 8.02 -4.96
C GLU A 64 -3.91 8.66 -4.18
N ASN A 65 -4.62 9.62 -4.79
CA ASN A 65 -5.88 10.15 -4.29
C ASN A 65 -7.07 9.41 -4.89
N ASP A 66 -6.98 8.08 -5.15
CA ASP A 66 -8.09 7.31 -5.69
C ASP A 66 -9.14 6.98 -4.63
N THR A 67 -10.29 6.45 -5.06
CA THR A 67 -11.46 6.27 -4.21
C THR A 67 -11.81 4.79 -4.06
N PRO A 68 -12.08 4.23 -2.88
CA PRO A 68 -12.17 2.77 -2.70
C PRO A 68 -13.51 2.20 -3.13
N THR A 69 -14.29 2.88 -3.99
CA THR A 69 -15.59 2.38 -4.45
C THR A 69 -15.42 1.25 -5.45
N SER A 70 -14.46 1.38 -6.40
CA SER A 70 -14.11 0.38 -7.39
C SER A 70 -13.38 -0.83 -6.84
N LEU A 71 -13.01 -0.78 -5.54
CA LEU A 71 -12.39 -1.88 -4.82
C LEU A 71 -13.44 -2.86 -4.30
N GLU A 72 -14.73 -2.53 -4.43
CA GLU A 72 -15.87 -3.38 -4.08
C GLU A 72 -15.96 -3.72 -2.60
N MET A 73 -15.26 -2.94 -1.73
CA MET A 73 -14.89 -3.29 -0.37
C MET A 73 -14.38 -4.72 -0.15
N GLU A 74 -13.30 -5.08 -0.86
CA GLU A 74 -12.54 -6.30 -0.65
C GLU A 74 -11.50 -6.10 0.47
N GLU A 75 -10.58 -7.06 0.66
CA GLU A 75 -9.36 -6.86 1.41
C GLU A 75 -8.30 -7.80 0.87
N GLY A 76 -7.01 -7.48 1.10
CA GLY A 76 -5.87 -8.27 0.64
C GLY A 76 -5.38 -7.76 -0.68
N ASP A 77 -5.59 -6.47 -0.94
CA ASP A 77 -5.35 -5.70 -2.14
C ASP A 77 -3.97 -5.89 -2.75
N THR A 78 -3.86 -6.68 -3.84
CA THR A 78 -2.58 -7.03 -4.45
C THR A 78 -2.07 -5.96 -5.41
N ILE A 79 -1.13 -5.12 -4.95
CA ILE A 79 -0.47 -4.12 -5.78
C ILE A 79 0.87 -4.66 -6.25
N GLU A 80 1.12 -4.66 -7.58
CA GLU A 80 2.34 -5.20 -8.17
C GLU A 80 3.39 -4.11 -8.31
N VAL A 81 4.67 -4.42 -8.01
CA VAL A 81 5.74 -3.42 -7.94
C VAL A 81 6.95 -3.79 -8.80
N TYR A 82 7.41 -2.83 -9.65
CA TYR A 82 8.64 -2.90 -10.42
C TYR A 82 9.55 -1.74 -9.96
N GLN A 83 10.87 -1.83 -10.25
CA GLN A 83 11.88 -1.05 -9.57
C GLN A 83 12.84 -0.32 -10.51
N GLN A 84 13.68 0.55 -9.92
CA GLN A 84 14.80 1.18 -10.59
C GLN A 84 15.97 0.21 -10.78
N GLN A 85 16.97 0.59 -11.60
CA GLN A 85 18.16 -0.21 -11.79
C GLN A 85 19.12 -0.10 -10.59
N THR A 86 19.81 -1.21 -10.24
CA THR A 86 20.72 -1.27 -9.09
C THR A 86 21.96 -0.39 -9.26
N GLY A 87 22.56 -0.38 -10.45
CA GLY A 87 23.72 0.41 -10.77
C GLY A 87 24.26 -0.08 -12.08
N GLY A 88 25.53 0.23 -12.36
CA GLY A 88 26.31 -0.30 -13.46
C GLY A 88 27.80 -0.29 -13.08
N MET A 1 0.18 -8.78 23.45
CA MET A 1 0.03 -8.95 24.92
C MET A 1 -0.38 -7.64 25.54
N SER A 2 0.55 -6.65 25.64
CA SER A 2 0.14 -5.26 25.85
C SER A 2 -0.36 -4.69 24.52
N ASP A 3 -1.08 -3.56 24.55
CA ASP A 3 -1.61 -2.92 23.37
C ASP A 3 -0.53 -2.08 22.67
N GLU A 4 0.44 -2.79 22.06
CA GLU A 4 1.40 -2.23 21.13
C GLU A 4 0.78 -2.20 19.74
N LYS A 5 0.59 -3.38 19.14
CA LYS A 5 0.13 -3.50 17.76
C LYS A 5 -1.38 -3.58 17.63
N LYS A 6 -2.06 -4.54 18.31
CA LYS A 6 -3.50 -4.69 18.21
C LYS A 6 -4.26 -3.68 19.07
N GLY A 7 -5.04 -2.78 18.45
CA GLY A 7 -5.69 -1.71 19.18
C GLY A 7 -6.79 -1.07 18.38
N GLY A 8 -6.50 0.08 17.74
CA GLY A 8 -7.45 0.85 16.94
C GLY A 8 -7.69 0.24 15.59
N GLU A 9 -8.71 -0.62 15.49
CA GLU A 9 -8.98 -1.41 14.31
C GLU A 9 -10.15 -0.83 13.53
N THR A 10 -11.37 -1.38 13.66
CA THR A 10 -12.58 -0.94 12.98
C THR A 10 -12.59 -1.20 11.48
N GLU A 11 -12.65 -0.17 10.63
CA GLU A 11 -12.85 -0.35 9.20
C GLU A 11 -11.57 -0.36 8.37
N HIS A 12 -10.95 -1.55 8.18
CA HIS A 12 -9.68 -1.71 7.49
C HIS A 12 -9.74 -2.61 6.27
N ILE A 13 -8.70 -2.52 5.41
CA ILE A 13 -8.36 -3.52 4.40
C ILE A 13 -6.88 -3.86 4.54
N ASN A 14 -6.40 -4.92 3.86
CA ASN A 14 -5.12 -5.55 4.14
C ASN A 14 -4.35 -5.84 2.87
N LEU A 15 -3.58 -4.84 2.38
CA LEU A 15 -2.89 -4.92 1.10
C LEU A 15 -1.71 -5.88 1.08
N LYS A 16 -1.58 -6.60 -0.05
CA LYS A 16 -0.53 -7.55 -0.34
C LYS A 16 0.28 -7.01 -1.50
N VAL A 17 1.49 -6.48 -1.22
CA VAL A 17 2.26 -5.75 -2.20
C VAL A 17 3.40 -6.61 -2.70
N LEU A 18 3.31 -7.06 -3.97
CA LEU A 18 4.32 -7.89 -4.59
C LEU A 18 5.47 -7.04 -5.12
N GLY A 19 6.59 -6.98 -4.38
CA GLY A 19 7.83 -6.39 -4.88
C GLY A 19 8.45 -7.26 -5.94
N GLN A 20 8.65 -6.70 -7.15
CA GLN A 20 9.10 -7.41 -8.33
C GLN A 20 10.58 -7.84 -8.26
N ASP A 21 11.33 -7.29 -7.28
CA ASP A 21 12.64 -7.71 -6.86
C ASP A 21 12.63 -9.03 -6.07
N ASN A 22 11.45 -9.36 -5.50
CA ASN A 22 11.05 -10.49 -4.67
C ASN A 22 10.82 -10.04 -3.23
N ALA A 23 10.71 -8.72 -2.98
CA ALA A 23 10.32 -8.18 -1.69
C ALA A 23 8.79 -8.09 -1.53
N VAL A 24 8.11 -9.24 -1.32
CA VAL A 24 6.68 -9.26 -1.11
C VAL A 24 6.31 -8.83 0.31
N VAL A 25 5.70 -7.64 0.47
CA VAL A 25 5.38 -7.04 1.75
C VAL A 25 3.88 -6.87 1.91
N GLN A 26 3.41 -6.42 3.08
CA GLN A 26 2.00 -6.27 3.33
C GLN A 26 1.77 -5.30 4.47
N PHE A 27 0.54 -4.73 4.56
CA PHE A 27 0.20 -3.76 5.58
C PHE A 27 -1.31 -3.61 5.65
N LYS A 28 -1.82 -2.62 6.41
CA LYS A 28 -3.24 -2.30 6.41
C LYS A 28 -3.45 -0.79 6.20
N ILE A 29 -4.60 -0.41 5.63
CA ILE A 29 -5.03 0.97 5.50
C ILE A 29 -6.48 1.03 5.94
N LYS A 30 -7.02 2.21 6.27
CA LYS A 30 -8.41 2.37 6.66
C LYS A 30 -9.23 2.51 5.38
N LYS A 31 -10.48 1.99 5.31
CA LYS A 31 -11.21 2.05 4.04
C LYS A 31 -11.61 3.45 3.61
N HIS A 32 -11.74 4.38 4.58
CA HIS A 32 -12.03 5.78 4.36
C HIS A 32 -10.87 6.59 3.79
N THR A 33 -9.60 6.20 4.03
CA THR A 33 -8.45 7.06 3.72
C THR A 33 -7.83 6.72 2.37
N PRO A 34 -7.37 7.69 1.56
CA PRO A 34 -6.87 7.39 0.22
C PRO A 34 -5.45 6.86 0.25
N LEU A 35 -5.02 6.21 -0.85
CA LEU A 35 -3.79 5.46 -0.94
C LEU A 35 -2.55 6.32 -0.79
N ARG A 36 -2.59 7.57 -1.30
CA ARG A 36 -1.51 8.55 -1.22
C ARG A 36 -0.94 8.76 0.17
N LYS A 37 -1.82 8.81 1.18
CA LYS A 37 -1.48 9.00 2.58
C LYS A 37 -0.60 7.88 3.14
N LEU A 38 -0.79 6.64 2.64
CA LEU A 38 0.06 5.52 3.00
C LEU A 38 1.32 5.47 2.15
N MET A 39 1.26 5.86 0.86
CA MET A 39 2.44 5.98 0.00
C MET A 39 3.51 6.91 0.57
N ASN A 40 3.11 8.12 1.06
CA ASN A 40 3.99 9.03 1.75
C ASN A 40 4.46 8.54 3.12
N ALA A 41 3.80 7.53 3.72
CA ALA A 41 4.30 6.83 4.89
C ALA A 41 5.41 5.85 4.50
N TYR A 42 5.13 4.92 3.58
CA TYR A 42 6.04 3.83 3.22
C TYR A 42 7.34 4.27 2.57
N CYS A 43 7.32 5.35 1.74
CA CYS A 43 8.53 5.92 1.13
C CYS A 43 9.60 6.29 2.15
N ASP A 44 9.27 7.23 3.04
CA ASP A 44 10.13 7.74 4.08
C ASP A 44 10.36 6.75 5.21
N ARG A 45 9.41 5.83 5.51
CA ARG A 45 9.60 4.76 6.49
C ARG A 45 10.70 3.78 6.10
N ALA A 46 10.74 3.38 4.81
CA ALA A 46 11.82 2.59 4.23
C ALA A 46 13.08 3.43 4.02
N GLY A 47 12.91 4.65 3.47
CA GLY A 47 13.98 5.59 3.19
C GLY A 47 14.34 5.58 1.73
N LEU A 48 13.34 5.52 0.84
CA LEU A 48 13.53 5.48 -0.60
C LEU A 48 12.93 6.70 -1.26
N SER A 49 12.92 6.76 -2.60
CA SER A 49 12.34 7.87 -3.34
C SER A 49 11.41 7.35 -4.41
N MET A 50 10.38 8.14 -4.78
CA MET A 50 9.26 7.63 -5.56
C MET A 50 9.60 7.26 -7.01
N GLN A 51 10.50 8.00 -7.70
CA GLN A 51 10.82 7.77 -9.11
C GLN A 51 11.55 6.46 -9.46
N VAL A 52 11.79 5.54 -8.50
CA VAL A 52 12.22 4.18 -8.80
C VAL A 52 11.16 3.15 -8.43
N VAL A 53 10.09 3.55 -7.71
CA VAL A 53 9.09 2.63 -7.17
C VAL A 53 7.78 2.77 -7.95
N ARG A 54 7.55 1.87 -8.93
CA ARG A 54 6.47 2.01 -9.88
C ARG A 54 5.42 0.92 -9.73
N PHE A 55 4.22 1.28 -9.29
CA PHE A 55 3.12 0.39 -9.01
C PHE A 55 2.27 0.07 -10.25
N ARG A 56 1.72 -1.16 -10.32
CA ARG A 56 0.82 -1.56 -11.39
C ARG A 56 -0.31 -2.39 -10.80
N PHE A 57 -1.57 -2.12 -11.22
CA PHE A 57 -2.75 -2.82 -10.72
C PHE A 57 -3.62 -3.20 -11.90
N ASP A 58 -4.02 -4.48 -12.00
CA ASP A 58 -4.93 -5.01 -13.01
C ASP A 58 -4.36 -4.96 -14.44
N GLY A 59 -3.06 -4.65 -14.59
CA GLY A 59 -2.42 -4.42 -15.88
C GLY A 59 -2.25 -2.95 -16.20
N GLN A 60 -2.89 -2.07 -15.42
CA GLN A 60 -2.97 -0.64 -15.69
C GLN A 60 -2.19 0.17 -14.66
N PRO A 61 -1.95 1.47 -14.86
CA PRO A 61 -1.68 2.38 -13.75
C PRO A 61 -2.94 2.65 -12.94
N ILE A 62 -2.80 3.22 -11.73
CA ILE A 62 -3.90 3.47 -10.83
C ILE A 62 -3.74 4.87 -10.25
N ASN A 63 -4.84 5.60 -10.00
CA ASN A 63 -4.79 6.94 -9.44
C ASN A 63 -4.99 6.88 -7.94
N GLU A 64 -4.22 7.67 -7.17
CA GLU A 64 -4.14 7.62 -5.73
C GLU A 64 -5.34 8.17 -4.95
N ASN A 65 -6.30 8.78 -5.66
CA ASN A 65 -7.44 9.49 -5.11
C ASN A 65 -8.58 8.59 -4.64
N ASP A 66 -8.79 7.45 -5.31
CA ASP A 66 -9.96 6.60 -5.09
C ASP A 66 -9.85 5.77 -3.81
N THR A 67 -10.88 5.82 -2.96
CA THR A 67 -10.92 5.04 -1.72
C THR A 67 -11.67 3.74 -1.93
N PRO A 68 -11.44 2.66 -1.18
CA PRO A 68 -12.26 1.45 -1.27
C PRO A 68 -13.64 1.65 -0.65
N THR A 69 -13.95 2.76 0.04
CA THR A 69 -15.34 3.15 0.35
C THR A 69 -16.06 3.60 -0.91
N SER A 70 -15.49 4.55 -1.68
CA SER A 70 -16.12 5.06 -2.90
C SER A 70 -16.20 4.02 -3.99
N LEU A 71 -15.19 3.13 -4.10
CA LEU A 71 -15.22 2.03 -5.04
C LEU A 71 -16.02 0.81 -4.55
N GLU A 72 -16.47 0.79 -3.27
CA GLU A 72 -17.20 -0.31 -2.65
C GLU A 72 -16.47 -1.66 -2.59
N MET A 73 -15.13 -1.65 -2.44
CA MET A 73 -14.32 -2.86 -2.64
C MET A 73 -14.24 -3.79 -1.44
N GLU A 74 -13.76 -5.04 -1.70
CA GLU A 74 -13.64 -6.12 -0.73
C GLU A 74 -12.43 -5.99 0.19
N GLU A 75 -11.61 -7.06 0.35
CA GLU A 75 -10.40 -7.01 1.15
C GLU A 75 -9.48 -8.19 0.81
N GLY A 76 -8.17 -8.05 1.06
CA GLY A 76 -7.16 -9.09 0.85
C GLY A 76 -6.32 -8.76 -0.36
N ASP A 77 -5.90 -7.50 -0.42
CA ASP A 77 -5.85 -6.71 -1.63
C ASP A 77 -4.51 -6.80 -2.38
N THR A 78 -4.45 -7.56 -3.49
CA THR A 78 -3.20 -7.83 -4.21
C THR A 78 -2.81 -6.78 -5.23
N ILE A 79 -1.56 -6.29 -5.18
CA ILE A 79 -1.05 -5.27 -6.09
C ILE A 79 0.45 -5.49 -6.26
N GLU A 80 1.06 -5.19 -7.44
CA GLU A 80 2.50 -5.35 -7.64
C GLU A 80 3.23 -4.03 -7.75
N VAL A 81 4.53 -4.03 -7.40
CA VAL A 81 5.36 -2.85 -7.47
C VAL A 81 6.74 -3.16 -8.04
N TYR A 82 7.14 -2.42 -9.09
CA TYR A 82 8.48 -2.49 -9.65
C TYR A 82 9.37 -1.46 -8.98
N GLN A 83 10.16 -1.93 -8.01
CA GLN A 83 11.31 -1.24 -7.49
C GLN A 83 12.54 -2.02 -7.95
N GLN A 84 13.72 -1.37 -8.00
CA GLN A 84 14.97 -2.06 -8.28
C GLN A 84 15.67 -2.40 -6.98
N GLN A 85 16.96 -2.81 -7.03
CA GLN A 85 17.75 -3.08 -5.84
C GLN A 85 17.85 -1.90 -4.86
N THR A 86 18.06 -0.68 -5.39
CA THR A 86 17.85 0.59 -4.70
C THR A 86 18.84 0.84 -3.57
N GLY A 87 20.09 1.20 -3.90
CA GLY A 87 21.08 1.40 -2.85
C GLY A 87 22.40 1.96 -3.33
N GLY A 88 22.99 1.39 -4.38
CA GLY A 88 24.31 1.78 -4.85
C GLY A 88 24.48 1.57 -6.35
N MET A 1 -1.69 -7.94 27.81
CA MET A 1 -0.61 -7.14 28.46
C MET A 1 -0.10 -6.05 27.53
N SER A 2 -0.40 -4.76 27.81
CA SER A 2 0.11 -3.60 27.06
C SER A 2 -0.09 -3.61 25.55
N ASP A 3 -1.15 -4.31 25.07
CA ASP A 3 -1.56 -4.49 23.68
C ASP A 3 -0.47 -4.77 22.66
N GLU A 4 0.58 -5.53 23.06
CA GLU A 4 1.68 -5.93 22.20
C GLU A 4 1.21 -6.81 21.04
N LYS A 5 1.48 -6.35 19.79
CA LYS A 5 1.02 -6.95 18.55
C LYS A 5 -0.51 -6.89 18.36
N LYS A 6 -1.21 -5.95 19.03
CA LYS A 6 -2.60 -5.65 18.76
C LYS A 6 -2.74 -4.15 18.50
N GLY A 7 -3.99 -3.63 18.60
CA GLY A 7 -4.31 -2.24 18.46
C GLY A 7 -5.81 -2.12 18.54
N GLY A 8 -6.35 -0.92 18.78
CA GLY A 8 -7.80 -0.72 18.90
C GLY A 8 -8.48 -0.42 17.59
N GLU A 9 -8.50 -1.37 16.64
CA GLU A 9 -9.01 -1.10 15.31
C GLU A 9 -10.06 -2.09 14.83
N THR A 10 -11.29 -1.60 14.60
CA THR A 10 -12.41 -2.37 14.07
C THR A 10 -12.34 -2.49 12.55
N GLU A 11 -12.79 -1.47 11.80
CA GLU A 11 -13.08 -1.62 10.39
C GLU A 11 -11.97 -1.16 9.45
N HIS A 12 -11.46 -2.07 8.60
CA HIS A 12 -10.37 -1.78 7.69
C HIS A 12 -10.45 -2.70 6.48
N ILE A 13 -9.45 -2.65 5.59
CA ILE A 13 -9.21 -3.66 4.58
C ILE A 13 -7.74 -4.08 4.62
N ASN A 14 -7.43 -5.25 4.04
CA ASN A 14 -6.09 -5.75 3.78
C ASN A 14 -5.65 -5.39 2.36
N LEU A 15 -4.33 -5.27 2.10
CA LEU A 15 -3.77 -5.05 0.78
C LEU A 15 -2.55 -5.94 0.54
N LYS A 16 -2.33 -6.42 -0.69
CA LYS A 16 -1.19 -7.25 -1.06
C LYS A 16 -0.22 -6.47 -1.94
N VAL A 17 1.01 -6.23 -1.46
CA VAL A 17 2.01 -5.45 -2.15
C VAL A 17 3.13 -6.36 -2.64
N LEU A 18 3.14 -6.69 -3.95
CA LEU A 18 4.07 -7.65 -4.52
C LEU A 18 5.33 -6.97 -5.02
N GLY A 19 6.46 -7.07 -4.28
CA GLY A 19 7.72 -6.43 -4.64
C GLY A 19 8.60 -7.24 -5.55
N GLN A 20 8.99 -6.68 -6.71
CA GLN A 20 9.83 -7.29 -7.74
C GLN A 20 11.14 -7.92 -7.27
N ASP A 21 11.80 -7.35 -6.24
CA ASP A 21 13.01 -7.89 -5.63
C ASP A 21 12.78 -9.14 -4.76
N ASN A 22 11.52 -9.53 -4.54
CA ASN A 22 11.02 -10.67 -3.77
C ASN A 22 10.55 -10.28 -2.37
N ALA A 23 10.76 -9.03 -1.89
CA ALA A 23 10.15 -8.58 -0.65
C ALA A 23 8.66 -8.23 -0.81
N VAL A 24 7.81 -9.27 -0.90
CA VAL A 24 6.36 -9.17 -0.97
C VAL A 24 5.80 -8.96 0.43
N VAL A 25 4.97 -7.91 0.63
CA VAL A 25 4.47 -7.56 1.95
C VAL A 25 2.96 -7.38 1.96
N GLN A 26 2.34 -7.59 3.14
CA GLN A 26 0.91 -7.39 3.32
C GLN A 26 0.67 -6.14 4.14
N PHE A 27 -0.11 -5.19 3.59
CA PHE A 27 -0.41 -3.93 4.22
C PHE A 27 -1.85 -3.91 4.70
N LYS A 28 -2.18 -2.93 5.56
CA LYS A 28 -3.48 -2.75 6.15
C LYS A 28 -3.86 -1.31 5.94
N ILE A 29 -5.12 -1.00 5.58
CA ILE A 29 -5.54 0.39 5.46
C ILE A 29 -6.98 0.54 5.93
N LYS A 30 -7.28 1.63 6.66
CA LYS A 30 -8.61 1.95 7.14
C LYS A 30 -9.43 2.52 6.00
N LYS A 31 -10.73 2.16 5.87
CA LYS A 31 -11.44 2.31 4.60
C LYS A 31 -11.61 3.74 4.09
N HIS A 32 -11.72 4.72 5.00
CA HIS A 32 -11.83 6.13 4.66
C HIS A 32 -10.52 6.80 4.29
N THR A 33 -9.37 6.14 4.53
CA THR A 33 -8.05 6.74 4.32
C THR A 33 -7.60 6.62 2.86
N PRO A 34 -7.22 7.67 2.13
CA PRO A 34 -6.71 7.51 0.76
C PRO A 34 -5.32 6.91 0.75
N LEU A 35 -4.98 6.15 -0.32
CA LEU A 35 -3.74 5.40 -0.45
C LEU A 35 -2.50 6.27 -0.30
N ARG A 36 -2.47 7.43 -0.96
CA ARG A 36 -1.44 8.46 -0.94
C ARG A 36 -0.77 8.74 0.39
N LYS A 37 -1.57 8.93 1.46
CA LYS A 37 -1.08 9.31 2.79
C LYS A 37 -0.57 8.11 3.58
N LEU A 38 -0.84 6.87 3.12
CA LEU A 38 -0.23 5.67 3.63
C LEU A 38 1.02 5.33 2.83
N MET A 39 0.91 5.26 1.49
CA MET A 39 1.98 4.89 0.58
C MET A 39 3.19 5.81 0.66
N ASN A 40 3.00 7.13 0.58
CA ASN A 40 4.10 8.08 0.72
C ASN A 40 4.69 8.13 2.14
N ALA A 41 3.91 7.77 3.18
CA ALA A 41 4.45 7.60 4.51
C ALA A 41 5.37 6.39 4.62
N TYR A 42 5.07 5.28 3.90
CA TYR A 42 6.02 4.18 3.72
C TYR A 42 7.22 4.58 2.88
N CYS A 43 7.07 5.44 1.86
CA CYS A 43 8.18 6.06 1.14
C CYS A 43 9.10 6.89 2.03
N ASP A 44 8.58 7.64 3.02
CA ASP A 44 9.36 8.30 4.07
C ASP A 44 10.17 7.31 4.92
N ARG A 45 9.53 6.23 5.40
CA ARG A 45 10.16 5.19 6.20
C ARG A 45 11.25 4.43 5.46
N ALA A 46 11.01 4.05 4.19
CA ALA A 46 12.01 3.46 3.33
C ALA A 46 13.12 4.44 2.99
N GLY A 47 12.74 5.65 2.53
CA GLY A 47 13.65 6.72 2.12
C GLY A 47 13.79 6.76 0.62
N LEU A 48 12.67 6.79 -0.11
CA LEU A 48 12.70 6.71 -1.57
C LEU A 48 11.55 7.50 -2.21
N SER A 49 11.47 7.46 -3.55
CA SER A 49 10.47 8.22 -4.31
C SER A 49 9.89 7.36 -5.41
N MET A 50 8.74 7.77 -6.00
CA MET A 50 8.06 7.01 -7.04
C MET A 50 8.70 7.15 -8.43
N GLN A 51 9.84 7.86 -8.49
CA GLN A 51 10.81 7.86 -9.56
C GLN A 51 11.50 6.51 -9.67
N VAL A 52 12.23 6.11 -8.61
CA VAL A 52 13.03 4.90 -8.57
C VAL A 52 12.17 3.64 -8.44
N VAL A 53 11.11 3.65 -7.61
CA VAL A 53 10.19 2.53 -7.47
C VAL A 53 8.92 2.81 -8.25
N ARG A 54 8.46 1.86 -9.09
CA ARG A 54 7.26 2.02 -9.90
C ARG A 54 6.18 1.04 -9.45
N PHE A 55 4.94 1.10 -9.98
CA PHE A 55 3.88 0.18 -9.60
C PHE A 55 2.88 -0.06 -10.73
N ARG A 56 2.13 -1.19 -10.66
CA ARG A 56 0.97 -1.46 -11.51
C ARG A 56 -0.11 -2.12 -10.67
N PHE A 57 -1.39 -1.90 -11.00
CA PHE A 57 -2.52 -2.60 -10.43
C PHE A 57 -3.13 -3.43 -11.55
N ASP A 58 -3.04 -4.78 -11.49
CA ASP A 58 -3.62 -5.67 -12.50
C ASP A 58 -3.10 -5.40 -13.93
N GLY A 59 -1.84 -4.90 -14.05
CA GLY A 59 -1.23 -4.43 -15.30
C GLY A 59 -1.41 -2.96 -15.58
N GLN A 60 -2.35 -2.31 -14.88
CA GLN A 60 -2.89 -1.00 -15.23
C GLN A 60 -2.51 0.11 -14.23
N PRO A 61 -2.63 1.39 -14.58
CA PRO A 61 -2.41 2.48 -13.64
C PRO A 61 -3.59 2.78 -12.72
N ILE A 62 -3.50 2.44 -11.41
CA ILE A 62 -4.37 2.98 -10.37
C ILE A 62 -3.82 4.34 -9.89
N ASN A 63 -4.65 5.23 -9.30
CA ASN A 63 -4.17 6.52 -8.82
C ASN A 63 -4.10 6.53 -7.30
N GLU A 64 -3.10 7.22 -6.74
CA GLU A 64 -2.86 7.23 -5.30
C GLU A 64 -3.91 7.99 -4.48
N ASN A 65 -4.73 8.84 -5.12
CA ASN A 65 -5.82 9.55 -4.46
C ASN A 65 -7.08 8.69 -4.26
N ASP A 66 -7.16 7.50 -4.88
CA ASP A 66 -8.34 6.66 -4.84
C ASP A 66 -8.60 6.06 -3.43
N THR A 67 -9.86 5.64 -3.16
CA THR A 67 -10.29 5.21 -1.82
C THR A 67 -11.23 4.03 -1.95
N PRO A 68 -11.20 3.01 -1.11
CA PRO A 68 -12.06 1.84 -1.28
C PRO A 68 -13.51 2.11 -0.91
N THR A 69 -13.82 3.20 -0.18
CA THR A 69 -15.20 3.64 0.08
C THR A 69 -15.85 4.28 -1.12
N SER A 70 -15.06 4.71 -2.12
CA SER A 70 -15.60 5.23 -3.37
C SER A 70 -15.90 4.11 -4.37
N LEU A 71 -15.39 2.90 -4.09
CA LEU A 71 -15.52 1.73 -4.96
C LEU A 71 -16.46 0.68 -4.39
N GLU A 72 -16.21 0.23 -3.14
CA GLU A 72 -17.00 -0.73 -2.36
C GLU A 72 -17.14 -2.14 -2.93
N MET A 73 -16.03 -2.91 -2.93
CA MET A 73 -16.00 -4.30 -3.39
C MET A 73 -15.61 -5.26 -2.25
N GLU A 74 -14.53 -6.06 -2.44
CA GLU A 74 -14.00 -7.00 -1.49
C GLU A 74 -12.80 -6.42 -0.74
N GLU A 75 -11.83 -7.25 -0.30
CA GLU A 75 -10.60 -6.76 0.30
C GLU A 75 -9.44 -7.66 -0.09
N GLY A 76 -8.19 -7.28 0.25
CA GLY A 76 -7.00 -8.08 -0.03
C GLY A 76 -6.43 -7.82 -1.40
N ASP A 77 -6.51 -6.57 -1.89
CA ASP A 77 -6.32 -6.27 -3.29
C ASP A 77 -4.85 -6.27 -3.75
N THR A 78 -4.62 -6.54 -5.04
CA THR A 78 -3.35 -7.00 -5.60
C THR A 78 -2.59 -5.95 -6.40
N ILE A 79 -1.55 -5.32 -5.78
CA ILE A 79 -0.71 -4.31 -6.43
C ILE A 79 0.74 -4.78 -6.55
N GLU A 80 1.32 -4.74 -7.77
CA GLU A 80 2.68 -5.15 -8.04
C GLU A 80 3.62 -3.94 -8.10
N VAL A 81 4.77 -4.03 -7.42
CA VAL A 81 5.68 -2.94 -7.16
C VAL A 81 7.06 -3.23 -7.73
N TYR A 82 7.58 -2.30 -8.53
CA TYR A 82 8.80 -2.46 -9.30
C TYR A 82 9.95 -1.72 -8.65
N GLN A 83 10.67 -2.38 -7.74
CA GLN A 83 12.00 -1.97 -7.31
C GLN A 83 13.03 -2.70 -8.16
N GLN A 84 14.14 -2.04 -8.54
CA GLN A 84 15.18 -2.64 -9.36
C GLN A 84 16.38 -3.06 -8.52
N GLN A 85 17.33 -2.15 -8.23
CA GLN A 85 18.50 -2.46 -7.44
C GLN A 85 18.72 -1.41 -6.35
N THR A 86 19.14 -1.91 -5.18
CA THR A 86 19.35 -1.18 -3.94
C THR A 86 20.61 -1.76 -3.32
N GLY A 87 21.33 -1.02 -2.48
CA GLY A 87 22.53 -1.52 -1.79
C GLY A 87 23.78 -0.81 -2.23
N GLY A 88 23.93 0.45 -1.79
CA GLY A 88 25.07 1.27 -2.12
C GLY A 88 24.75 2.76 -1.91
N MET A 1 -8.29 3.32 26.98
CA MET A 1 -7.93 3.60 28.41
C MET A 1 -8.23 5.06 28.69
N SER A 2 -8.74 5.41 29.89
CA SER A 2 -9.33 6.73 30.21
C SER A 2 -10.56 7.06 29.38
N ASP A 3 -10.39 7.55 28.15
CA ASP A 3 -11.45 7.84 27.20
C ASP A 3 -11.90 6.54 26.49
N GLU A 4 -12.58 5.67 27.25
CA GLU A 4 -13.10 4.36 26.87
C GLU A 4 -12.13 3.45 26.09
N LYS A 5 -12.58 2.85 24.98
CA LYS A 5 -11.76 1.99 24.15
C LYS A 5 -11.00 2.77 23.09
N LYS A 6 -9.66 2.74 23.19
CA LYS A 6 -8.77 3.12 22.12
C LYS A 6 -8.01 1.86 21.74
N GLY A 7 -7.54 1.74 20.49
CA GLY A 7 -6.89 0.52 20.03
C GLY A 7 -7.12 0.32 18.56
N GLY A 8 -7.65 -0.85 18.16
CA GLY A 8 -7.90 -1.11 16.75
C GLY A 8 -8.67 -2.37 16.52
N GLU A 9 -8.50 -2.97 15.33
CA GLU A 9 -9.01 -4.27 14.93
C GLU A 9 -10.52 -4.39 14.89
N THR A 10 -11.11 -4.11 13.71
CA THR A 10 -12.55 -3.99 13.53
C THR A 10 -12.80 -4.04 12.03
N GLU A 11 -13.78 -3.31 11.46
CA GLU A 11 -13.95 -3.22 10.02
C GLU A 11 -12.84 -2.42 9.34
N HIS A 12 -12.06 -3.10 8.48
CA HIS A 12 -10.89 -2.55 7.84
C HIS A 12 -10.55 -3.46 6.68
N ILE A 13 -9.58 -3.08 5.84
CA ILE A 13 -9.17 -3.86 4.69
C ILE A 13 -7.68 -4.16 4.74
N ASN A 14 -7.25 -5.32 4.21
CA ASN A 14 -5.85 -5.64 4.02
C ASN A 14 -5.46 -5.42 2.57
N LEU A 15 -4.18 -5.07 2.32
CA LEU A 15 -3.62 -4.94 0.98
C LEU A 15 -2.34 -5.76 0.90
N LYS A 16 -2.06 -6.42 -0.24
CA LYS A 16 -0.82 -7.12 -0.51
C LYS A 16 -0.01 -6.33 -1.55
N VAL A 17 1.32 -6.23 -1.35
CA VAL A 17 2.24 -5.67 -2.33
C VAL A 17 3.13 -6.79 -2.81
N LEU A 18 3.16 -7.07 -4.13
CA LEU A 18 3.92 -8.15 -4.72
C LEU A 18 5.08 -7.59 -5.52
N GLY A 19 6.33 -7.94 -5.18
CA GLY A 19 7.49 -7.52 -5.95
C GLY A 19 7.82 -8.47 -7.07
N GLN A 20 8.30 -7.95 -8.23
CA GLN A 20 8.92 -8.72 -9.29
C GLN A 20 10.31 -9.20 -8.88
N ASP A 21 10.95 -8.41 -7.99
CA ASP A 21 12.11 -8.74 -7.18
C ASP A 21 11.90 -9.95 -6.27
N ASN A 22 10.63 -10.21 -5.90
CA ASN A 22 10.09 -11.34 -5.15
C ASN A 22 10.01 -11.07 -3.65
N ALA A 23 9.93 -9.79 -3.24
CA ALA A 23 9.51 -9.44 -1.89
C ALA A 23 7.98 -9.38 -1.78
N VAL A 24 7.42 -9.65 -0.58
CA VAL A 24 5.99 -9.61 -0.35
C VAL A 24 5.72 -8.81 0.92
N VAL A 25 4.99 -7.69 0.81
CA VAL A 25 4.68 -6.81 1.94
C VAL A 25 3.17 -6.72 2.07
N GLN A 26 2.61 -6.49 3.27
CA GLN A 26 1.17 -6.35 3.40
C GLN A 26 0.77 -5.33 4.46
N PHE A 27 -0.32 -4.58 4.19
CA PHE A 27 -0.74 -3.45 4.99
C PHE A 27 -2.14 -3.62 5.57
N LYS A 28 -2.43 -2.87 6.65
CA LYS A 28 -3.70 -2.90 7.37
C LYS A 28 -4.27 -1.48 7.42
N ILE A 29 -5.45 -1.20 6.81
CA ILE A 29 -5.95 0.18 6.74
C ILE A 29 -7.47 0.24 6.90
N LYS A 30 -8.02 1.31 7.54
CA LYS A 30 -9.46 1.49 7.63
C LYS A 30 -10.05 2.09 6.35
N LYS A 31 -11.33 1.82 6.08
CA LYS A 31 -12.03 2.21 4.87
C LYS A 31 -12.13 3.72 4.64
N HIS A 32 -12.15 4.53 5.71
CA HIS A 32 -12.18 5.99 5.61
C HIS A 32 -10.81 6.64 5.41
N THR A 33 -9.71 5.87 5.49
CA THR A 33 -8.35 6.40 5.48
C THR A 33 -7.76 6.30 4.07
N PRO A 34 -7.35 7.37 3.38
CA PRO A 34 -6.94 7.27 1.98
C PRO A 34 -5.54 6.71 1.81
N LEU A 35 -5.23 6.20 0.61
CA LEU A 35 -4.01 5.46 0.31
C LEU A 35 -2.80 6.37 0.22
N ARG A 36 -2.99 7.62 -0.26
CA ARG A 36 -1.99 8.68 -0.34
C ARG A 36 -1.18 8.89 0.92
N LYS A 37 -1.84 8.91 2.09
CA LYS A 37 -1.17 9.07 3.36
C LYS A 37 -0.29 7.88 3.70
N LEU A 38 -0.73 6.64 3.41
CA LEU A 38 0.09 5.44 3.59
C LEU A 38 1.32 5.47 2.71
N MET A 39 1.16 5.79 1.41
CA MET A 39 2.25 6.00 0.47
C MET A 39 3.27 7.03 0.92
N ASN A 40 2.84 8.28 1.19
CA ASN A 40 3.74 9.33 1.65
C ASN A 40 4.38 9.04 3.00
N ALA A 41 3.66 8.40 3.96
CA ALA A 41 4.22 7.99 5.23
C ALA A 41 5.35 6.98 5.10
N TYR A 42 5.18 5.92 4.28
CA TYR A 42 6.24 4.96 4.02
C TYR A 42 7.40 5.55 3.23
N CYS A 43 7.15 6.47 2.27
CA CYS A 43 8.19 7.27 1.64
C CYS A 43 9.01 8.09 2.64
N ASP A 44 8.36 8.91 3.51
CA ASP A 44 9.03 9.74 4.49
C ASP A 44 9.73 8.95 5.61
N ARG A 45 9.25 7.74 5.94
CA ARG A 45 9.91 6.83 6.87
C ARG A 45 11.13 6.13 6.27
N ALA A 46 11.03 5.61 5.04
CA ALA A 46 12.11 4.90 4.39
C ALA A 46 13.13 5.81 3.72
N GLY A 47 12.68 6.79 2.92
CA GLY A 47 13.53 7.70 2.14
C GLY A 47 13.70 7.29 0.72
N LEU A 48 12.84 6.37 0.24
CA LEU A 48 12.82 5.87 -1.12
C LEU A 48 12.21 6.87 -2.11
N SER A 49 11.92 6.45 -3.35
CA SER A 49 11.38 7.38 -4.34
C SER A 49 10.55 6.65 -5.35
N MET A 50 9.61 7.36 -6.01
CA MET A 50 8.68 6.78 -6.96
C MET A 50 9.34 6.34 -8.25
N GLN A 51 10.38 7.06 -8.71
CA GLN A 51 11.13 6.75 -9.93
C GLN A 51 11.91 5.43 -9.94
N VAL A 52 12.05 4.72 -8.79
CA VAL A 52 12.62 3.38 -8.75
C VAL A 52 11.56 2.32 -8.47
N VAL A 53 10.31 2.74 -8.18
CA VAL A 53 9.18 1.86 -7.89
C VAL A 53 8.21 1.94 -9.05
N ARG A 54 8.15 0.93 -9.94
CA ARG A 54 7.18 0.91 -11.02
C ARG A 54 5.99 0.06 -10.59
N PHE A 55 4.87 0.72 -10.22
CA PHE A 55 3.72 0.09 -9.61
C PHE A 55 2.57 0.00 -10.61
N ARG A 56 1.84 -1.14 -10.64
CA ARG A 56 0.66 -1.28 -11.48
C ARG A 56 -0.42 -2.10 -10.79
N PHE A 57 -1.69 -1.74 -11.05
CA PHE A 57 -2.87 -2.50 -10.66
C PHE A 57 -3.49 -3.04 -11.95
N ASP A 58 -3.71 -4.37 -12.06
CA ASP A 58 -4.33 -5.01 -13.22
C ASP A 58 -3.70 -4.61 -14.57
N GLY A 59 -2.36 -4.48 -14.63
CA GLY A 59 -1.67 -4.02 -15.85
C GLY A 59 -1.66 -2.52 -16.07
N GLN A 60 -2.35 -1.74 -15.24
CA GLN A 60 -2.69 -0.35 -15.49
C GLN A 60 -2.19 0.58 -14.37
N PRO A 61 -2.08 1.90 -14.55
CA PRO A 61 -1.79 2.82 -13.46
C PRO A 61 -3.02 3.07 -12.60
N ILE A 62 -2.83 3.61 -11.37
CA ILE A 62 -3.91 3.81 -10.42
C ILE A 62 -3.61 5.04 -9.57
N ASN A 63 -4.64 5.70 -9.00
CA ASN A 63 -4.47 6.86 -8.14
C ASN A 63 -4.70 6.48 -6.67
N GLU A 64 -4.03 7.20 -5.77
CA GLU A 64 -3.93 6.92 -4.35
C GLU A 64 -4.61 8.00 -3.50
N ASN A 65 -4.85 9.19 -4.05
CA ASN A 65 -5.61 10.26 -3.39
C ASN A 65 -7.10 9.93 -3.22
N ASP A 66 -7.64 9.02 -4.05
CA ASP A 66 -9.02 8.58 -4.01
C ASP A 66 -9.30 7.62 -2.83
N THR A 67 -10.58 7.29 -2.63
CA THR A 67 -11.09 6.45 -1.57
C THR A 67 -11.10 4.98 -2.00
N PRO A 68 -10.85 3.98 -1.16
CA PRO A 68 -10.68 2.59 -1.63
C PRO A 68 -11.98 1.94 -2.09
N THR A 69 -13.15 2.61 -1.91
CA THR A 69 -14.42 2.11 -2.43
C THR A 69 -14.55 2.29 -3.94
N SER A 70 -13.83 3.27 -4.53
CA SER A 70 -13.98 3.73 -5.90
C SER A 70 -13.57 2.73 -6.96
N LEU A 71 -12.76 1.72 -6.55
CA LEU A 71 -12.24 0.66 -7.39
C LEU A 71 -13.15 -0.57 -7.43
N GLU A 72 -14.06 -0.71 -6.44
CA GLU A 72 -14.99 -1.82 -6.28
C GLU A 72 -14.41 -3.22 -6.07
N MET A 73 -13.21 -3.38 -5.47
CA MET A 73 -12.65 -4.70 -5.21
C MET A 73 -13.30 -5.40 -4.02
N GLU A 74 -12.99 -4.94 -2.79
CA GLU A 74 -13.48 -5.35 -1.47
C GLU A 74 -12.33 -5.18 -0.48
N GLU A 75 -11.69 -6.27 -0.02
CA GLU A 75 -10.36 -6.21 0.57
C GLU A 75 -9.45 -7.13 -0.20
N GLY A 76 -8.13 -7.04 0.03
CA GLY A 76 -7.16 -7.85 -0.70
C GLY A 76 -6.79 -7.28 -2.04
N ASP A 77 -6.13 -6.10 -2.04
CA ASP A 77 -5.41 -5.61 -3.20
C ASP A 77 -4.16 -6.47 -3.40
N THR A 78 -3.67 -6.53 -4.64
CA THR A 78 -2.51 -7.32 -5.04
C THR A 78 -1.71 -6.50 -6.02
N ILE A 79 -1.15 -5.37 -5.57
CA ILE A 79 -0.49 -4.42 -6.44
C ILE A 79 0.94 -4.87 -6.77
N GLU A 80 1.30 -4.92 -8.08
CA GLU A 80 2.59 -5.45 -8.49
C GLU A 80 3.62 -4.34 -8.66
N VAL A 81 4.82 -4.57 -8.09
CA VAL A 81 5.91 -3.62 -8.05
C VAL A 81 7.11 -4.15 -8.81
N TYR A 82 7.59 -3.37 -9.80
CA TYR A 82 8.84 -3.61 -10.49
C TYR A 82 9.89 -2.64 -9.93
N GLN A 83 10.80 -3.13 -9.07
CA GLN A 83 11.95 -2.37 -8.61
C GLN A 83 13.08 -2.37 -9.64
N GLN A 84 13.82 -1.26 -9.77
CA GLN A 84 14.84 -1.12 -10.80
C GLN A 84 16.13 -0.57 -10.21
N GLN A 85 17.29 -1.05 -10.72
CA GLN A 85 18.63 -0.70 -10.26
C GLN A 85 18.95 -1.16 -8.82
N THR A 86 19.68 -0.36 -8.01
CA THR A 86 19.95 -0.65 -6.60
C THR A 86 19.00 0.17 -5.75
N GLY A 87 18.67 -0.36 -4.55
CA GLY A 87 17.96 0.40 -3.53
C GLY A 87 18.84 0.58 -2.34
N GLY A 88 18.23 0.56 -1.15
CA GLY A 88 18.90 0.66 0.13
C GLY A 88 18.05 0.02 1.24
N MET A 1 1.21 4.90 22.17
CA MET A 1 1.32 6.33 21.78
C MET A 1 2.29 6.64 20.64
N SER A 2 3.45 5.96 20.54
CA SER A 2 4.52 6.37 19.64
C SER A 2 4.31 5.79 18.25
N ASP A 3 4.89 4.62 17.94
CA ASP A 3 4.57 3.85 16.74
C ASP A 3 3.30 3.04 17.04
N GLU A 4 3.36 2.35 18.18
CA GLU A 4 2.38 1.49 18.80
C GLU A 4 1.26 2.17 19.59
N LYS A 5 0.26 1.37 20.00
CA LYS A 5 -0.89 1.70 20.85
C LYS A 5 -1.68 2.97 20.49
N LYS A 6 -2.71 2.83 19.65
CA LYS A 6 -3.57 3.89 19.16
C LYS A 6 -4.65 3.22 18.34
N GLY A 7 -5.67 3.96 17.85
CA GLY A 7 -6.69 3.38 16.97
C GLY A 7 -8.11 3.75 17.32
N GLY A 8 -8.74 4.59 16.47
CA GLY A 8 -10.18 4.79 16.44
C GLY A 8 -10.68 4.38 15.09
N GLU A 9 -12.00 4.54 14.84
CA GLU A 9 -12.77 4.14 13.66
C GLU A 9 -12.56 2.76 13.01
N THR A 10 -13.56 2.23 12.28
CA THR A 10 -13.73 0.77 12.14
C THR A 10 -13.07 0.11 10.93
N GLU A 11 -13.69 0.15 9.72
CA GLU A 11 -13.45 -0.88 8.72
C GLU A 11 -12.11 -0.80 7.96
N HIS A 12 -11.36 -1.93 7.94
CA HIS A 12 -10.08 -2.03 7.29
C HIS A 12 -10.01 -3.20 6.31
N ILE A 13 -9.12 -3.11 5.31
CA ILE A 13 -8.96 -4.10 4.25
C ILE A 13 -7.60 -4.79 4.34
N ASN A 14 -7.03 -5.31 3.24
CA ASN A 14 -5.90 -6.22 3.32
C ASN A 14 -4.99 -6.06 2.13
N LEU A 15 -4.08 -5.07 2.19
CA LEU A 15 -3.24 -4.67 1.08
C LEU A 15 -2.10 -5.65 0.89
N LYS A 16 -1.98 -6.16 -0.35
CA LYS A 16 -0.99 -7.13 -0.73
C LYS A 16 -0.03 -6.45 -1.67
N VAL A 17 1.17 -6.09 -1.18
CA VAL A 17 2.16 -5.38 -1.95
C VAL A 17 3.14 -6.38 -2.51
N LEU A 18 3.01 -6.71 -3.81
CA LEU A 18 3.87 -7.67 -4.47
C LEU A 18 5.09 -6.95 -5.01
N GLY A 19 6.21 -6.92 -4.24
CA GLY A 19 7.47 -6.39 -4.71
C GLY A 19 8.14 -7.31 -5.69
N GLN A 20 8.35 -6.83 -6.93
CA GLN A 20 8.95 -7.59 -8.02
C GLN A 20 10.44 -7.87 -7.81
N ASP A 21 11.05 -7.22 -6.81
CA ASP A 21 12.38 -7.53 -6.29
C ASP A 21 12.37 -8.75 -5.36
N ASN A 22 11.18 -9.37 -5.17
CA ASN A 22 10.85 -10.56 -4.40
C ASN A 22 10.27 -10.21 -3.04
N ALA A 23 10.26 -8.91 -2.66
CA ALA A 23 9.76 -8.48 -1.37
C ALA A 23 8.25 -8.32 -1.34
N VAL A 24 7.51 -9.43 -1.16
CA VAL A 24 6.08 -9.42 -0.97
C VAL A 24 5.76 -9.07 0.48
N VAL A 25 5.05 -7.95 0.72
CA VAL A 25 4.74 -7.45 2.05
C VAL A 25 3.27 -7.09 2.11
N GLN A 26 2.67 -6.96 3.31
CA GLN A 26 1.25 -6.76 3.42
C GLN A 26 0.89 -6.04 4.71
N PHE A 27 -0.24 -5.31 4.70
CA PHE A 27 -0.69 -4.52 5.84
C PHE A 27 -2.14 -4.12 5.64
N LYS A 28 -2.81 -3.62 6.71
CA LYS A 28 -4.20 -3.23 6.64
C LYS A 28 -4.37 -1.71 6.64
N ILE A 29 -5.02 -1.15 5.60
CA ILE A 29 -5.37 0.27 5.59
C ILE A 29 -6.83 0.43 6.02
N LYS A 30 -7.17 1.57 6.65
CA LYS A 30 -8.53 1.95 6.94
C LYS A 30 -9.19 2.46 5.66
N LYS A 31 -10.44 2.08 5.36
CA LYS A 31 -11.02 2.30 4.03
C LYS A 31 -11.30 3.76 3.66
N HIS A 32 -11.37 4.66 4.65
CA HIS A 32 -11.57 6.08 4.43
C HIS A 32 -10.28 6.80 4.06
N THR A 33 -9.12 6.15 4.23
CA THR A 33 -7.81 6.78 4.04
C THR A 33 -7.33 6.62 2.61
N PRO A 34 -7.01 7.66 1.84
CA PRO A 34 -6.57 7.50 0.46
C PRO A 34 -5.15 6.94 0.36
N LEU A 35 -4.81 6.34 -0.80
CA LEU A 35 -3.58 5.59 -0.98
C LEU A 35 -2.34 6.48 -1.00
N ARG A 36 -2.44 7.67 -1.61
CA ARG A 36 -1.36 8.66 -1.72
C ARG A 36 -0.60 8.97 -0.44
N LYS A 37 -1.31 9.15 0.70
CA LYS A 37 -0.68 9.37 2.00
C LYS A 37 0.14 8.18 2.47
N LEU A 38 -0.38 6.95 2.32
CA LEU A 38 0.33 5.73 2.66
C LEU A 38 1.57 5.53 1.80
N MET A 39 1.45 5.73 0.47
CA MET A 39 2.57 5.65 -0.45
C MET A 39 3.70 6.63 -0.14
N ASN A 40 3.37 7.92 0.09
CA ASN A 40 4.36 8.91 0.46
C ASN A 40 4.99 8.64 1.85
N ALA A 41 4.17 8.26 2.85
CA ALA A 41 4.64 7.87 4.16
C ALA A 41 5.57 6.67 4.15
N TYR A 42 5.33 5.67 3.27
CA TYR A 42 6.26 4.58 3.03
C TYR A 42 7.55 5.02 2.35
N CYS A 43 7.50 5.87 1.30
CA CYS A 43 8.69 6.48 0.70
C CYS A 43 9.58 7.20 1.72
N ASP A 44 8.96 8.02 2.59
CA ASP A 44 9.60 8.77 3.65
C ASP A 44 10.18 7.88 4.76
N ARG A 45 9.37 7.00 5.37
CA ARG A 45 9.73 6.22 6.54
C ARG A 45 10.63 5.02 6.24
N ALA A 46 10.55 4.44 5.02
CA ALA A 46 11.50 3.45 4.57
C ALA A 46 12.78 4.10 4.03
N GLY A 47 12.64 5.25 3.35
CA GLY A 47 13.74 6.03 2.80
C GLY A 47 14.07 5.61 1.39
N LEU A 48 13.21 5.99 0.44
CA LEU A 48 13.41 5.85 -0.99
C LEU A 48 12.68 6.95 -1.73
N SER A 49 12.61 6.90 -3.08
CA SER A 49 11.94 7.90 -3.90
C SER A 49 10.96 7.22 -4.85
N MET A 50 9.93 7.94 -5.36
CA MET A 50 8.86 7.32 -6.14
C MET A 50 9.24 7.03 -7.60
N GLN A 51 10.47 7.38 -7.99
CA GLN A 51 11.07 7.00 -9.25
C GLN A 51 11.45 5.52 -9.32
N VAL A 52 12.04 4.97 -8.23
CA VAL A 52 12.52 3.60 -8.21
C VAL A 52 11.42 2.61 -7.82
N VAL A 53 10.36 3.07 -7.13
CA VAL A 53 9.17 2.29 -6.82
C VAL A 53 8.07 2.67 -7.80
N ARG A 54 7.79 1.83 -8.81
CA ARG A 54 6.69 2.06 -9.72
C ARG A 54 5.59 1.05 -9.48
N PHE A 55 4.32 1.52 -9.40
CA PHE A 55 3.22 0.69 -8.96
C PHE A 55 2.15 0.52 -10.04
N ARG A 56 1.45 -0.64 -10.00
CA ARG A 56 0.24 -0.88 -10.77
C ARG A 56 -0.70 -1.72 -9.92
N PHE A 57 -2.01 -1.74 -10.25
CA PHE A 57 -3.00 -2.56 -9.59
C PHE A 57 -3.65 -3.41 -10.66
N ASP A 58 -3.66 -4.76 -10.49
CA ASP A 58 -4.30 -5.71 -11.39
C ASP A 58 -3.91 -5.54 -12.87
N GLY A 59 -2.61 -5.28 -13.16
CA GLY A 59 -2.09 -5.09 -14.50
C GLY A 59 -2.01 -3.65 -14.99
N GLN A 60 -2.77 -2.70 -14.40
CA GLN A 60 -2.88 -1.34 -14.91
C GLN A 60 -2.42 -0.26 -13.93
N PRO A 61 -1.90 0.89 -14.35
CA PRO A 61 -1.51 1.97 -13.44
C PRO A 61 -2.70 2.67 -12.79
N ILE A 62 -2.89 2.48 -11.48
CA ILE A 62 -4.03 3.03 -10.75
C ILE A 62 -3.78 4.46 -10.27
N ASN A 63 -4.87 5.23 -10.06
CA ASN A 63 -4.85 6.54 -9.45
C ASN A 63 -4.63 6.43 -7.93
N GLU A 64 -3.85 7.33 -7.34
CA GLU A 64 -3.41 7.27 -5.95
C GLU A 64 -4.29 8.09 -5.01
N ASN A 65 -5.07 9.04 -5.54
CA ASN A 65 -5.88 9.94 -4.74
C ASN A 65 -7.15 9.30 -4.16
N ASP A 66 -7.72 8.26 -4.79
CA ASP A 66 -9.00 7.73 -4.39
C ASP A 66 -8.98 6.77 -3.19
N THR A 67 -10.18 6.36 -2.73
CA THR A 67 -10.41 5.50 -1.57
C THR A 67 -11.14 4.22 -1.95
N PRO A 68 -10.94 3.08 -1.27
CA PRO A 68 -11.62 1.82 -1.62
C PRO A 68 -13.09 1.79 -1.17
N THR A 69 -13.57 2.82 -0.46
CA THR A 69 -15.00 3.08 -0.26
C THR A 69 -15.64 3.62 -1.53
N SER A 70 -14.88 4.37 -2.36
CA SER A 70 -15.38 4.97 -3.60
C SER A 70 -15.76 3.94 -4.65
N LEU A 71 -15.01 2.82 -4.71
CA LEU A 71 -15.32 1.69 -5.57
C LEU A 71 -16.08 0.60 -4.83
N GLU A 72 -16.47 0.85 -3.56
CA GLU A 72 -17.15 -0.07 -2.64
C GLU A 72 -16.62 -1.50 -2.63
N MET A 73 -15.33 -1.66 -2.29
CA MET A 73 -14.60 -2.92 -2.46
C MET A 73 -14.59 -3.85 -1.24
N GLU A 74 -14.11 -5.09 -1.49
CA GLU A 74 -14.03 -6.19 -0.53
C GLU A 74 -12.79 -6.06 0.38
N GLU A 75 -11.86 -7.03 0.32
CA GLU A 75 -10.51 -6.95 0.87
C GLU A 75 -9.65 -7.94 0.11
N GLY A 76 -8.34 -7.69 -0.01
CA GLY A 76 -7.40 -8.62 -0.65
C GLY A 76 -6.76 -7.95 -1.81
N ASP A 77 -6.13 -6.81 -1.51
CA ASP A 77 -5.98 -5.73 -2.44
C ASP A 77 -4.60 -5.80 -3.09
N THR A 78 -4.50 -6.45 -4.26
CA THR A 78 -3.24 -6.79 -4.92
C THR A 78 -2.63 -5.66 -5.74
N ILE A 79 -1.65 -4.95 -5.17
CA ILE A 79 -0.87 -3.94 -5.85
C ILE A 79 0.51 -4.50 -6.15
N GLU A 80 0.98 -4.39 -7.41
CA GLU A 80 2.31 -4.82 -7.78
C GLU A 80 3.27 -3.64 -7.69
N VAL A 81 4.49 -3.89 -7.20
CA VAL A 81 5.54 -2.90 -7.09
C VAL A 81 6.73 -3.34 -7.92
N TYR A 82 7.02 -2.57 -8.97
CA TYR A 82 8.22 -2.71 -9.78
C TYR A 82 9.35 -1.93 -9.12
N GLN A 83 10.36 -2.67 -8.62
CA GLN A 83 11.58 -2.13 -8.04
C GLN A 83 12.76 -2.53 -8.92
N GLN A 84 13.73 -1.62 -9.08
CA GLN A 84 14.99 -1.89 -9.74
C GLN A 84 16.02 -1.02 -9.06
N GLN A 85 17.33 -1.24 -9.32
CA GLN A 85 18.45 -0.56 -8.64
C GLN A 85 18.57 -0.95 -7.16
N THR A 86 18.04 -2.14 -6.80
CA THR A 86 18.09 -2.70 -5.45
C THR A 86 19.46 -3.21 -5.06
N GLY A 87 19.77 -3.24 -3.75
CA GLY A 87 21.07 -3.68 -3.25
C GLY A 87 22.10 -2.58 -3.23
N GLY A 88 23.38 -2.95 -3.41
CA GLY A 88 24.52 -2.06 -3.45
C GLY A 88 25.80 -2.82 -3.88
#